data_2AIU
# 
_entry.id   2AIU 
# 
_audit_conform.dict_name       mmcif_pdbx.dic 
_audit_conform.dict_version    5.408 
_audit_conform.dict_location   http://mmcif.pdb.org/dictionaries/ascii/mmcif_pdbx.dic 
# 
loop_
_database_2.database_id 
_database_2.database_code 
_database_2.pdbx_database_accession 
_database_2.pdbx_DOI 
PDB   2AIU         pdb_00002aiu 10.2210/pdb2aiu/pdb 
RCSB  RCSB033944   ?            ?                   
WWPDB D_1000033944 ?            ?                   
# 
loop_
_pdbx_audit_revision_history.ordinal 
_pdbx_audit_revision_history.data_content_type 
_pdbx_audit_revision_history.major_revision 
_pdbx_audit_revision_history.minor_revision 
_pdbx_audit_revision_history.revision_date 
_pdbx_audit_revision_history.part_number 
1 'Structure model' 1 0 2006-07-18 ? 
2 'Structure model' 1 1 2008-04-30 ? 
3 'Structure model' 1 2 2011-07-13 ? 
4 'Structure model' 1 3 2024-11-20 ? 
5 'Structure model' 2 0 2025-12-17 ? 
# 
_pdbx_audit_revision_details.ordinal             1 
_pdbx_audit_revision_details.revision_ordinal    1 
_pdbx_audit_revision_details.data_content_type   'Structure model' 
_pdbx_audit_revision_details.provider            repository 
_pdbx_audit_revision_details.type                'Initial release' 
_pdbx_audit_revision_details.description         ? 
_pdbx_audit_revision_details.details             ? 
# 
loop_
_pdbx_audit_revision_group.ordinal 
_pdbx_audit_revision_group.revision_ordinal 
_pdbx_audit_revision_group.data_content_type 
_pdbx_audit_revision_group.group 
1  2 'Structure model' 'Version format compliance' 
2  3 'Structure model' 'Version format compliance' 
3  4 'Structure model' 'Data collection'           
4  4 'Structure model' 'Database references'       
5  4 'Structure model' 'Derived calculations'      
6  4 'Structure model' 'Structure summary'         
7  5 'Structure model' 'Atomic model'              
8  5 'Structure model' 'Data collection'           
9  5 'Structure model' 'Derived calculations'      
10 5 'Structure model' 'Non-polymer description'   
11 5 'Structure model' 'Structure summary'         
# 
loop_
_pdbx_audit_revision_category.ordinal 
_pdbx_audit_revision_category.revision_ordinal 
_pdbx_audit_revision_category.data_content_type 
_pdbx_audit_revision_category.category 
1  4 'Structure model' chem_comp_atom            
2  4 'Structure model' chem_comp_bond            
3  4 'Structure model' database_2                
4  4 'Structure model' pdbx_entry_details        
5  4 'Structure model' pdbx_modification_feature 
6  4 'Structure model' struct_conn               
7  4 'Structure model' struct_conn_type          
8  4 'Structure model' struct_ref_seq_dif        
9  4 'Structure model' struct_site               
10 5 'Structure model' atom_site                 
11 5 'Structure model' chem_comp                 
12 5 'Structure model' chem_comp_atom            
13 5 'Structure model' chem_comp_bond            
14 5 'Structure model' entity                    
15 5 'Structure model' pdbx_entity_nonpoly       
16 5 'Structure model' pdbx_modification_feature 
17 5 'Structure model' pdbx_nonpoly_scheme       
18 5 'Structure model' pdbx_struct_conn_angle    
19 5 'Structure model' struct_conn               
20 5 'Structure model' struct_site               
# 
loop_
_pdbx_audit_revision_item.ordinal 
_pdbx_audit_revision_item.revision_ordinal 
_pdbx_audit_revision_item.data_content_type 
_pdbx_audit_revision_item.item 
1  4 'Structure model' '_database_2.pdbx_DOI'                        
2  4 'Structure model' '_database_2.pdbx_database_accession'         
3  4 'Structure model' '_struct_conn.conn_type_id'                   
4  4 'Structure model' '_struct_conn.id'                             
5  4 'Structure model' '_struct_conn.pdbx_dist_value'                
6  4 'Structure model' '_struct_conn.pdbx_leaving_atom_flag'         
7  4 'Structure model' '_struct_conn.ptnr1_auth_comp_id'             
8  4 'Structure model' '_struct_conn.ptnr1_auth_seq_id'              
9  4 'Structure model' '_struct_conn.ptnr1_label_asym_id'            
10 4 'Structure model' '_struct_conn.ptnr1_label_atom_id'            
11 4 'Structure model' '_struct_conn.ptnr1_label_comp_id'            
12 4 'Structure model' '_struct_conn.ptnr1_label_seq_id'             
13 4 'Structure model' '_struct_conn.ptnr2_auth_comp_id'             
14 4 'Structure model' '_struct_conn.ptnr2_auth_seq_id'              
15 4 'Structure model' '_struct_conn.ptnr2_label_asym_id'            
16 4 'Structure model' '_struct_conn.ptnr2_label_atom_id'            
17 4 'Structure model' '_struct_conn.ptnr2_label_comp_id'            
18 4 'Structure model' '_struct_conn.ptnr2_label_seq_id'             
19 4 'Structure model' '_struct_conn_type.id'                        
20 4 'Structure model' '_struct_ref_seq_dif.details'                 
21 4 'Structure model' '_struct_site.pdbx_auth_asym_id'              
22 4 'Structure model' '_struct_site.pdbx_auth_comp_id'              
23 4 'Structure model' '_struct_site.pdbx_auth_seq_id'               
24 5 'Structure model' '_atom_site.B_iso_or_equiv'                   
25 5 'Structure model' '_atom_site.Cartn_x'                          
26 5 'Structure model' '_atom_site.Cartn_y'                          
27 5 'Structure model' '_atom_site.Cartn_z'                          
28 5 'Structure model' '_atom_site.auth_atom_id'                     
29 5 'Structure model' '_atom_site.auth_comp_id'                     
30 5 'Structure model' '_atom_site.label_atom_id'                    
31 5 'Structure model' '_atom_site.label_comp_id'                    
32 5 'Structure model' '_atom_site.type_symbol'                      
33 5 'Structure model' '_chem_comp.formula'                          
34 5 'Structure model' '_chem_comp.formula_weight'                   
35 5 'Structure model' '_chem_comp.id'                               
36 5 'Structure model' '_chem_comp.name'                             
37 5 'Structure model' '_chem_comp.pdbx_synonyms'                    
38 5 'Structure model' '_entity.formula_weight'                      
39 5 'Structure model' '_entity.pdbx_description'                    
40 5 'Structure model' '_pdbx_entity_nonpoly.comp_id'                
41 5 'Structure model' '_pdbx_entity_nonpoly.name'                   
42 5 'Structure model' '_pdbx_modification_feature.auth_comp_id'     
43 5 'Structure model' '_pdbx_modification_feature.label_comp_id'    
44 5 'Structure model' '_pdbx_modification_feature.ref_comp_id'      
45 5 'Structure model' '_pdbx_nonpoly_scheme.mon_id'                 
46 5 'Structure model' '_pdbx_nonpoly_scheme.pdb_mon_id'             
47 5 'Structure model' '_pdbx_struct_conn_angle.ptnr1_auth_comp_id'  
48 5 'Structure model' '_pdbx_struct_conn_angle.ptnr1_label_comp_id' 
49 5 'Structure model' '_pdbx_struct_conn_angle.ptnr2_auth_comp_id'  
50 5 'Structure model' '_pdbx_struct_conn_angle.ptnr2_label_comp_id' 
51 5 'Structure model' '_pdbx_struct_conn_angle.ptnr3_auth_comp_id'  
52 5 'Structure model' '_pdbx_struct_conn_angle.ptnr3_label_comp_id' 
53 5 'Structure model' '_struct_conn.ptnr2_auth_comp_id'             
54 5 'Structure model' '_struct_conn.ptnr2_label_comp_id'            
55 5 'Structure model' '_struct_site.details'                        
56 5 'Structure model' '_struct_site.pdbx_auth_comp_id'              
# 
_pdbx_database_status.status_code                     REL 
_pdbx_database_status.entry_id                        2AIU 
_pdbx_database_status.recvd_initial_deposition_date   2005-08-01 
_pdbx_database_status.deposit_site                    RCSB 
_pdbx_database_status.process_site                    PDBJ 
_pdbx_database_status.status_code_sf                  REL 
_pdbx_database_status.status_code_mr                  ? 
_pdbx_database_status.SG_entry                        ? 
_pdbx_database_status.pdb_format_compatible           Y 
_pdbx_database_status.status_code_cs                  ? 
_pdbx_database_status.status_code_nmr_data            ? 
_pdbx_database_status.methods_development_category    ? 
# 
loop_
_audit_author.name 
_audit_author.pdbx_ordinal 
'Liu, Z.'   1 
'Ye, S.'    2 
'Lin, H.'   3 
'Rao, Z.'   4 
'Liu, X.J.' 5 
# 
_citation.id                        primary 
_citation.title                     
'Remarkably high activities of testicular cytochrome c in destroying reactive oxygen species and in triggering apoptosis' 
_citation.journal_abbrev            Proc.Natl.Acad.Sci.Usa 
_citation.journal_volume            103 
_citation.page_first                8965 
_citation.page_last                 8970 
_citation.year                      2006 
_citation.journal_id_ASTM           PNASA6 
_citation.country                   US 
_citation.journal_id_ISSN           0027-8424 
_citation.journal_id_CSD            0040 
_citation.book_publisher            ? 
_citation.pdbx_database_id_PubMed   16757556 
_citation.pdbx_database_id_DOI      10.1073/pnas.0603327103 
# 
loop_
_citation_author.citation_id 
_citation_author.name 
_citation_author.ordinal 
_citation_author.identifier_ORCID 
primary 'Liu, Z.'        1  ? 
primary 'Lin, H.'        2  ? 
primary 'Ye, S.'         3  ? 
primary 'Liu, Q.Y.'      4  ? 
primary 'Meng, Z.'       5  ? 
primary 'Zhang, C.M.'    6  ? 
primary 'Xia, Y.'        7  ? 
primary 'Margoliash, E.' 8  ? 
primary 'Rao, Z.'        9  ? 
primary 'Liu, X.J.'      10 ? 
# 
loop_
_entity.id 
_entity.type 
_entity.src_method 
_entity.pdbx_description 
_entity.formula_weight 
_entity.pdbx_number_of_molecules 
_entity.pdbx_ec 
_entity.pdbx_mutation 
_entity.pdbx_fragment 
_entity.details 
1 polymer     man 'Cytochrome c, testis-specific' 11734.562 1   ? ? ? ? 
2 non-polymer syn 'PHOSPHATE ION'                 94.971    2   ? ? ? ? 
3 non-polymer syn 'HEME C'                        618.503   1   ? ? ? ? 
4 water       nat water                           18.015    224 ? ? ? ? 
# 
_entity_poly.entity_id                      1 
_entity_poly.type                           'polypeptide(L)' 
_entity_poly.nstd_linkage                   no 
_entity_poly.nstd_monomer                   no 
_entity_poly.pdbx_seq_one_letter_code       
;MGDAEAGKKIFVQKCAQCHTVEKGGKHKTGPNLWGLFGRKTGQAPGFSYTDANKNKGVIWSEETLMEYLENPKKYIPGTK
MIFAGIKKKSEREDLIKYLKQATSS
;
_entity_poly.pdbx_seq_one_letter_code_can   
;MGDAEAGKKIFVQKCAQCHTVEKGGKHKTGPNLWGLFGRKTGQAPGFSYTDANKNKGVIWSEETLMEYLENPKKYIPGTK
MIFAGIKKKSEREDLIKYLKQATSS
;
_entity_poly.pdbx_strand_id                 A 
_entity_poly.pdbx_target_identifier         ? 
# 
loop_
_pdbx_entity_nonpoly.entity_id 
_pdbx_entity_nonpoly.name 
_pdbx_entity_nonpoly.comp_id 
2 'PHOSPHATE ION' PO4 
3 'HEME C'        HEC 
4 water           HOH 
# 
loop_
_entity_poly_seq.entity_id 
_entity_poly_seq.num 
_entity_poly_seq.mon_id 
_entity_poly_seq.hetero 
1 1   MET n 
1 2   GLY n 
1 3   ASP n 
1 4   ALA n 
1 5   GLU n 
1 6   ALA n 
1 7   GLY n 
1 8   LYS n 
1 9   LYS n 
1 10  ILE n 
1 11  PHE n 
1 12  VAL n 
1 13  GLN n 
1 14  LYS n 
1 15  CYS n 
1 16  ALA n 
1 17  GLN n 
1 18  CYS n 
1 19  HIS n 
1 20  THR n 
1 21  VAL n 
1 22  GLU n 
1 23  LYS n 
1 24  GLY n 
1 25  GLY n 
1 26  LYS n 
1 27  HIS n 
1 28  LYS n 
1 29  THR n 
1 30  GLY n 
1 31  PRO n 
1 32  ASN n 
1 33  LEU n 
1 34  TRP n 
1 35  GLY n 
1 36  LEU n 
1 37  PHE n 
1 38  GLY n 
1 39  ARG n 
1 40  LYS n 
1 41  THR n 
1 42  GLY n 
1 43  GLN n 
1 44  ALA n 
1 45  PRO n 
1 46  GLY n 
1 47  PHE n 
1 48  SER n 
1 49  TYR n 
1 50  THR n 
1 51  ASP n 
1 52  ALA n 
1 53  ASN n 
1 54  LYS n 
1 55  ASN n 
1 56  LYS n 
1 57  GLY n 
1 58  VAL n 
1 59  ILE n 
1 60  TRP n 
1 61  SER n 
1 62  GLU n 
1 63  GLU n 
1 64  THR n 
1 65  LEU n 
1 66  MET n 
1 67  GLU n 
1 68  TYR n 
1 69  LEU n 
1 70  GLU n 
1 71  ASN n 
1 72  PRO n 
1 73  LYS n 
1 74  LYS n 
1 75  TYR n 
1 76  ILE n 
1 77  PRO n 
1 78  GLY n 
1 79  THR n 
1 80  LYS n 
1 81  MET n 
1 82  ILE n 
1 83  PHE n 
1 84  ALA n 
1 85  GLY n 
1 86  ILE n 
1 87  LYS n 
1 88  LYS n 
1 89  LYS n 
1 90  SER n 
1 91  GLU n 
1 92  ARG n 
1 93  GLU n 
1 94  ASP n 
1 95  LEU n 
1 96  ILE n 
1 97  LYS n 
1 98  TYR n 
1 99  LEU n 
1 100 LYS n 
1 101 GLN n 
1 102 ALA n 
1 103 THR n 
1 104 SER n 
1 105 SER n 
# 
_entity_src_gen.entity_id                          1 
_entity_src_gen.pdbx_src_id                        1 
_entity_src_gen.pdbx_alt_source_flag               sample 
_entity_src_gen.pdbx_seq_type                      ? 
_entity_src_gen.pdbx_beg_seq_num                   ? 
_entity_src_gen.pdbx_end_seq_num                   ? 
_entity_src_gen.gene_src_common_name               'house mouse' 
_entity_src_gen.gene_src_genus                     Mus 
_entity_src_gen.pdbx_gene_src_gene                 ? 
_entity_src_gen.gene_src_species                   ? 
_entity_src_gen.gene_src_strain                    ? 
_entity_src_gen.gene_src_tissue                    ? 
_entity_src_gen.gene_src_tissue_fraction           ? 
_entity_src_gen.gene_src_details                   ? 
_entity_src_gen.pdbx_gene_src_fragment             ? 
_entity_src_gen.pdbx_gene_src_scientific_name      'Mus musculus' 
_entity_src_gen.pdbx_gene_src_ncbi_taxonomy_id     10090 
_entity_src_gen.pdbx_gene_src_variant              ? 
_entity_src_gen.pdbx_gene_src_cell_line            ? 
_entity_src_gen.pdbx_gene_src_atcc                 ? 
_entity_src_gen.pdbx_gene_src_organ                ? 
_entity_src_gen.pdbx_gene_src_organelle            ? 
_entity_src_gen.pdbx_gene_src_cell                 ? 
_entity_src_gen.pdbx_gene_src_cellular_location    ? 
_entity_src_gen.host_org_common_name               ? 
_entity_src_gen.pdbx_host_org_scientific_name      'Escherichia coli' 
_entity_src_gen.pdbx_host_org_ncbi_taxonomy_id     562 
_entity_src_gen.host_org_genus                     Escherichia 
_entity_src_gen.pdbx_host_org_gene                 ? 
_entity_src_gen.pdbx_host_org_organ                ? 
_entity_src_gen.host_org_species                   ? 
_entity_src_gen.pdbx_host_org_tissue               ? 
_entity_src_gen.pdbx_host_org_tissue_fraction      ? 
_entity_src_gen.pdbx_host_org_strain               DH5alpha 
_entity_src_gen.pdbx_host_org_variant              ? 
_entity_src_gen.pdbx_host_org_cell_line            ? 
_entity_src_gen.pdbx_host_org_atcc                 ? 
_entity_src_gen.pdbx_host_org_culture_collection   ? 
_entity_src_gen.pdbx_host_org_cell                 ? 
_entity_src_gen.pdbx_host_org_organelle            ? 
_entity_src_gen.pdbx_host_org_cellular_location    ? 
_entity_src_gen.pdbx_host_org_vector_type          plasmid 
_entity_src_gen.pdbx_host_org_vector               ? 
_entity_src_gen.host_org_details                   ? 
_entity_src_gen.expression_system_id               ? 
_entity_src_gen.plasmid_name                       pBTR1 
_entity_src_gen.plasmid_details                    ? 
_entity_src_gen.pdbx_description                   ? 
# 
loop_
_chem_comp.id 
_chem_comp.type 
_chem_comp.mon_nstd_flag 
_chem_comp.name 
_chem_comp.pdbx_synonyms 
_chem_comp.formula 
_chem_comp.formula_weight 
ALA 'L-peptide linking' y ALANINE         ? 'C3 H7 N O2'       89.093  
ARG 'L-peptide linking' y ARGININE        ? 'C6 H15 N4 O2 1'   175.209 
ASN 'L-peptide linking' y ASPARAGINE      ? 'C4 H8 N2 O3'      132.118 
ASP 'L-peptide linking' y 'ASPARTIC ACID' ? 'C4 H7 N O4'       133.103 
CYS 'L-peptide linking' y CYSTEINE        ? 'C3 H7 N O2 S'     121.158 
GLN 'L-peptide linking' y GLUTAMINE       ? 'C5 H10 N2 O3'     146.144 
GLU 'L-peptide linking' y 'GLUTAMIC ACID' ? 'C5 H9 N O4'       147.129 
GLY 'peptide linking'   y GLYCINE         ? 'C2 H5 N O2'       75.067  
HEC non-polymer         . 'HEME C'        ? 'C34 H34 Fe N4 O4' 618.503 
HIS 'L-peptide linking' y HISTIDINE       ? 'C6 H10 N3 O2 1'   156.162 
HOH non-polymer         . WATER           ? 'H2 O'             18.015  
ILE 'L-peptide linking' y ISOLEUCINE      ? 'C6 H13 N O2'      131.173 
LEU 'L-peptide linking' y LEUCINE         ? 'C6 H13 N O2'      131.173 
LYS 'L-peptide linking' y LYSINE          ? 'C6 H15 N2 O2 1'   147.195 
MET 'L-peptide linking' y METHIONINE      ? 'C5 H11 N O2 S'    149.211 
PHE 'L-peptide linking' y PHENYLALANINE   ? 'C9 H11 N O2'      165.189 
PO4 non-polymer         . 'PHOSPHATE ION' ? 'O4 P -3'          94.971  
PRO 'L-peptide linking' y PROLINE         ? 'C5 H9 N O2'       115.130 
SER 'L-peptide linking' y SERINE          ? 'C3 H7 N O3'       105.093 
THR 'L-peptide linking' y THREONINE       ? 'C4 H9 N O3'       119.119 
TRP 'L-peptide linking' y TRYPTOPHAN      ? 'C11 H12 N2 O2'    204.225 
TYR 'L-peptide linking' y TYROSINE        ? 'C9 H11 N O3'      181.189 
VAL 'L-peptide linking' y VALINE          ? 'C5 H11 N O2'      117.146 
# 
loop_
_pdbx_poly_seq_scheme.asym_id 
_pdbx_poly_seq_scheme.entity_id 
_pdbx_poly_seq_scheme.seq_id 
_pdbx_poly_seq_scheme.mon_id 
_pdbx_poly_seq_scheme.ndb_seq_num 
_pdbx_poly_seq_scheme.pdb_seq_num 
_pdbx_poly_seq_scheme.auth_seq_num 
_pdbx_poly_seq_scheme.pdb_mon_id 
_pdbx_poly_seq_scheme.auth_mon_id 
_pdbx_poly_seq_scheme.pdb_strand_id 
_pdbx_poly_seq_scheme.pdb_ins_code 
_pdbx_poly_seq_scheme.hetero 
A 1 1   MET 1   1   ?   ?   ?   A . n 
A 1 2   GLY 2   2   2   GLY GLY A . n 
A 1 3   ASP 3   3   3   ASP ASP A . n 
A 1 4   ALA 4   4   4   ALA ALA A . n 
A 1 5   GLU 5   5   5   GLU GLU A . n 
A 1 6   ALA 6   6   6   ALA ALA A . n 
A 1 7   GLY 7   7   7   GLY GLY A . n 
A 1 8   LYS 8   8   8   LYS LYS A . n 
A 1 9   LYS 9   9   9   LYS LYS A . n 
A 1 10  ILE 10  10  10  ILE ILE A . n 
A 1 11  PHE 11  11  11  PHE PHE A . n 
A 1 12  VAL 12  12  12  VAL VAL A . n 
A 1 13  GLN 13  13  13  GLN GLN A . n 
A 1 14  LYS 14  14  14  LYS LYS A . n 
A 1 15  CYS 15  15  15  CYS CYS A . n 
A 1 16  ALA 16  16  16  ALA ALA A . n 
A 1 17  GLN 17  17  17  GLN GLN A . n 
A 1 18  CYS 18  18  18  CYS CYS A . n 
A 1 19  HIS 19  19  19  HIS HIS A . n 
A 1 20  THR 20  20  20  THR THR A . n 
A 1 21  VAL 21  21  21  VAL VAL A . n 
A 1 22  GLU 22  22  22  GLU GLU A . n 
A 1 23  LYS 23  23  23  LYS LYS A . n 
A 1 24  GLY 24  24  24  GLY GLY A . n 
A 1 25  GLY 25  25  25  GLY GLY A . n 
A 1 26  LYS 26  26  26  LYS LYS A . n 
A 1 27  HIS 27  27  27  HIS HIS A . n 
A 1 28  LYS 28  28  28  LYS LYS A . n 
A 1 29  THR 29  29  29  THR THR A . n 
A 1 30  GLY 30  30  30  GLY GLY A . n 
A 1 31  PRO 31  31  31  PRO PRO A . n 
A 1 32  ASN 32  32  32  ASN ASN A . n 
A 1 33  LEU 33  33  33  LEU LEU A . n 
A 1 34  TRP 34  34  34  TRP TRP A . n 
A 1 35  GLY 35  35  35  GLY GLY A . n 
A 1 36  LEU 36  36  36  LEU LEU A . n 
A 1 37  PHE 37  37  37  PHE PHE A . n 
A 1 38  GLY 38  38  38  GLY GLY A . n 
A 1 39  ARG 39  39  39  ARG ARG A . n 
A 1 40  LYS 40  40  40  LYS LYS A . n 
A 1 41  THR 41  41  41  THR THR A . n 
A 1 42  GLY 42  42  42  GLY GLY A . n 
A 1 43  GLN 43  43  43  GLN GLN A . n 
A 1 44  ALA 44  44  44  ALA ALA A . n 
A 1 45  PRO 45  45  45  PRO PRO A . n 
A 1 46  GLY 46  46  46  GLY GLY A . n 
A 1 47  PHE 47  47  47  PHE PHE A . n 
A 1 48  SER 48  48  48  SER SER A . n 
A 1 49  TYR 49  49  49  TYR TYR A . n 
A 1 50  THR 50  50  50  THR THR A . n 
A 1 51  ASP 51  51  51  ASP ASP A . n 
A 1 52  ALA 52  52  52  ALA ALA A . n 
A 1 53  ASN 53  53  53  ASN ASN A . n 
A 1 54  LYS 54  54  54  LYS LYS A . n 
A 1 55  ASN 55  55  55  ASN ASN A . n 
A 1 56  LYS 56  56  56  LYS LYS A . n 
A 1 57  GLY 57  57  57  GLY GLY A . n 
A 1 58  VAL 58  58  58  VAL VAL A . n 
A 1 59  ILE 59  59  59  ILE ILE A . n 
A 1 60  TRP 60  60  60  TRP TRP A . n 
A 1 61  SER 61  61  61  SER SER A . n 
A 1 62  GLU 62  62  62  GLU GLU A . n 
A 1 63  GLU 63  63  63  GLU GLU A . n 
A 1 64  THR 64  64  64  THR THR A . n 
A 1 65  LEU 65  65  65  LEU LEU A . n 
A 1 66  MET 66  66  66  MET MET A . n 
A 1 67  GLU 67  67  67  GLU GLU A . n 
A 1 68  TYR 68  68  68  TYR TYR A . n 
A 1 69  LEU 69  69  69  LEU LEU A . n 
A 1 70  GLU 70  70  70  GLU GLU A . n 
A 1 71  ASN 71  71  71  ASN ASN A . n 
A 1 72  PRO 72  72  72  PRO PRO A . n 
A 1 73  LYS 73  73  73  LYS LYS A . n 
A 1 74  LYS 74  74  74  LYS LYS A . n 
A 1 75  TYR 75  75  75  TYR TYR A . n 
A 1 76  ILE 76  76  76  ILE ILE A . n 
A 1 77  PRO 77  77  77  PRO PRO A . n 
A 1 78  GLY 78  78  78  GLY GLY A . n 
A 1 79  THR 79  79  79  THR THR A . n 
A 1 80  LYS 80  80  80  LYS LYS A . n 
A 1 81  MET 81  81  81  MET MET A . n 
A 1 82  ILE 82  82  82  ILE ILE A . n 
A 1 83  PHE 83  83  83  PHE PHE A . n 
A 1 84  ALA 84  84  84  ALA ALA A . n 
A 1 85  GLY 85  85  85  GLY GLY A . n 
A 1 86  ILE 86  86  86  ILE ILE A . n 
A 1 87  LYS 87  87  87  LYS LYS A . n 
A 1 88  LYS 88  88  88  LYS LYS A . n 
A 1 89  LYS 89  89  89  LYS LYS A . n 
A 1 90  SER 90  90  90  SER SER A . n 
A 1 91  GLU 91  91  91  GLU GLU A . n 
A 1 92  ARG 92  92  92  ARG ARG A . n 
A 1 93  GLU 93  93  93  GLU GLU A . n 
A 1 94  ASP 94  94  94  ASP ASP A . n 
A 1 95  LEU 95  95  95  LEU LEU A . n 
A 1 96  ILE 96  96  96  ILE ILE A . n 
A 1 97  LYS 97  97  97  LYS LYS A . n 
A 1 98  TYR 98  98  98  TYR TYR A . n 
A 1 99  LEU 99  99  99  LEU LEU A . n 
A 1 100 LYS 100 100 100 LYS LYS A . n 
A 1 101 GLN 101 101 101 GLN GLN A . n 
A 1 102 ALA 102 102 102 ALA ALA A . n 
A 1 103 THR 103 103 103 THR THR A . n 
A 1 104 SER 104 104 104 SER SER A . n 
A 1 105 SER 105 105 105 SER SER A . n 
# 
loop_
_pdbx_nonpoly_scheme.asym_id 
_pdbx_nonpoly_scheme.entity_id 
_pdbx_nonpoly_scheme.mon_id 
_pdbx_nonpoly_scheme.ndb_seq_num 
_pdbx_nonpoly_scheme.pdb_seq_num 
_pdbx_nonpoly_scheme.auth_seq_num 
_pdbx_nonpoly_scheme.pdb_mon_id 
_pdbx_nonpoly_scheme.auth_mon_id 
_pdbx_nonpoly_scheme.pdb_strand_id 
_pdbx_nonpoly_scheme.pdb_ins_code 
B 2 PO4 1   201 201 PO4 PO4 A . 
C 2 PO4 1   202 202 PO4 PO4 A . 
D 3 HEC 1   200 200 HEC HEM A . 
E 4 HOH 1   301 301 HOH HOH A . 
E 4 HOH 2   302 302 HOH HOH A . 
E 4 HOH 3   303 303 HOH HOH A . 
E 4 HOH 4   304 304 HOH HOH A . 
E 4 HOH 5   305 305 HOH HOH A . 
E 4 HOH 6   306 306 HOH HOH A . 
E 4 HOH 7   307 307 HOH HOH A . 
E 4 HOH 8   308 308 HOH HOH A . 
E 4 HOH 9   309 309 HOH HOH A . 
E 4 HOH 10  310 310 HOH HOH A . 
E 4 HOH 11  311 311 HOH HOH A . 
E 4 HOH 12  312 312 HOH HOH A . 
E 4 HOH 13  313 313 HOH HOH A . 
E 4 HOH 14  314 314 HOH HOH A . 
E 4 HOH 15  315 315 HOH HOH A . 
E 4 HOH 16  316 316 HOH HOH A . 
E 4 HOH 17  317 317 HOH HOH A . 
E 4 HOH 18  318 318 HOH HOH A . 
E 4 HOH 19  319 319 HOH HOH A . 
E 4 HOH 20  320 320 HOH HOH A . 
E 4 HOH 21  321 321 HOH HOH A . 
E 4 HOH 22  322 322 HOH HOH A . 
E 4 HOH 23  323 323 HOH HOH A . 
E 4 HOH 24  324 324 HOH HOH A . 
E 4 HOH 25  325 325 HOH HOH A . 
E 4 HOH 26  326 326 HOH HOH A . 
E 4 HOH 27  327 327 HOH HOH A . 
E 4 HOH 28  328 328 HOH HOH A . 
E 4 HOH 29  329 329 HOH HOH A . 
E 4 HOH 30  330 330 HOH HOH A . 
E 4 HOH 31  331 331 HOH HOH A . 
E 4 HOH 32  332 332 HOH HOH A . 
E 4 HOH 33  333 333 HOH HOH A . 
E 4 HOH 34  334 334 HOH HOH A . 
E 4 HOH 35  335 335 HOH HOH A . 
E 4 HOH 36  336 336 HOH HOH A . 
E 4 HOH 37  337 337 HOH HOH A . 
E 4 HOH 38  338 338 HOH HOH A . 
E 4 HOH 39  339 339 HOH HOH A . 
E 4 HOH 40  340 340 HOH HOH A . 
E 4 HOH 41  341 341 HOH HOH A . 
E 4 HOH 42  342 342 HOH HOH A . 
E 4 HOH 43  343 343 HOH HOH A . 
E 4 HOH 44  344 344 HOH HOH A . 
E 4 HOH 45  345 345 HOH HOH A . 
E 4 HOH 46  346 346 HOH HOH A . 
E 4 HOH 47  347 347 HOH HOH A . 
E 4 HOH 48  348 348 HOH HOH A . 
E 4 HOH 49  349 349 HOH HOH A . 
E 4 HOH 50  350 350 HOH HOH A . 
E 4 HOH 51  351 351 HOH HOH A . 
E 4 HOH 52  352 352 HOH HOH A . 
E 4 HOH 53  353 353 HOH HOH A . 
E 4 HOH 54  354 354 HOH HOH A . 
E 4 HOH 55  355 355 HOH HOH A . 
E 4 HOH 56  356 356 HOH HOH A . 
E 4 HOH 57  357 357 HOH HOH A . 
E 4 HOH 58  358 358 HOH HOH A . 
E 4 HOH 59  359 359 HOH HOH A . 
E 4 HOH 60  360 360 HOH HOH A . 
E 4 HOH 61  361 361 HOH HOH A . 
E 4 HOH 62  362 362 HOH HOH A . 
E 4 HOH 63  363 363 HOH HOH A . 
E 4 HOH 64  364 364 HOH HOH A . 
E 4 HOH 65  365 365 HOH HOH A . 
E 4 HOH 66  366 366 HOH HOH A . 
E 4 HOH 67  367 367 HOH HOH A . 
E 4 HOH 68  368 368 HOH HOH A . 
E 4 HOH 69  369 369 HOH HOH A . 
E 4 HOH 70  370 370 HOH HOH A . 
E 4 HOH 71  371 371 HOH HOH A . 
E 4 HOH 72  372 372 HOH HOH A . 
E 4 HOH 73  373 373 HOH HOH A . 
E 4 HOH 74  374 374 HOH HOH A . 
E 4 HOH 75  375 375 HOH HOH A . 
E 4 HOH 76  376 376 HOH HOH A . 
E 4 HOH 77  377 377 HOH HOH A . 
E 4 HOH 78  378 378 HOH HOH A . 
E 4 HOH 79  379 379 HOH HOH A . 
E 4 HOH 80  380 380 HOH HOH A . 
E 4 HOH 81  381 381 HOH HOH A . 
E 4 HOH 82  382 382 HOH HOH A . 
E 4 HOH 83  383 383 HOH HOH A . 
E 4 HOH 84  384 384 HOH HOH A . 
E 4 HOH 85  385 385 HOH HOH A . 
E 4 HOH 86  386 386 HOH HOH A . 
E 4 HOH 87  387 387 HOH HOH A . 
E 4 HOH 88  388 388 HOH HOH A . 
E 4 HOH 89  389 389 HOH HOH A . 
E 4 HOH 90  390 390 HOH HOH A . 
E 4 HOH 91  391 391 HOH HOH A . 
E 4 HOH 92  392 392 HOH HOH A . 
E 4 HOH 93  393 393 HOH HOH A . 
E 4 HOH 94  394 394 HOH HOH A . 
E 4 HOH 95  395 395 HOH HOH A . 
E 4 HOH 96  396 396 HOH HOH A . 
E 4 HOH 97  397 397 HOH HOH A . 
E 4 HOH 98  398 398 HOH HOH A . 
E 4 HOH 99  399 399 HOH HOH A . 
E 4 HOH 100 400 400 HOH HOH A . 
E 4 HOH 101 401 401 HOH HOH A . 
E 4 HOH 102 402 402 HOH HOH A . 
E 4 HOH 103 403 403 HOH HOH A . 
E 4 HOH 104 404 404 HOH HOH A . 
E 4 HOH 105 405 405 HOH HOH A . 
E 4 HOH 106 406 406 HOH HOH A . 
E 4 HOH 107 407 407 HOH HOH A . 
E 4 HOH 108 408 408 HOH HOH A . 
E 4 HOH 109 409 409 HOH HOH A . 
E 4 HOH 110 410 410 HOH HOH A . 
E 4 HOH 111 411 411 HOH HOH A . 
E 4 HOH 112 412 412 HOH HOH A . 
E 4 HOH 113 413 413 HOH HOH A . 
E 4 HOH 114 414 414 HOH HOH A . 
E 4 HOH 115 415 415 HOH HOH A . 
E 4 HOH 116 416 416 HOH HOH A . 
E 4 HOH 117 417 417 HOH HOH A . 
E 4 HOH 118 418 418 HOH HOH A . 
E 4 HOH 119 419 419 HOH HOH A . 
E 4 HOH 120 420 420 HOH HOH A . 
E 4 HOH 121 421 421 HOH HOH A . 
E 4 HOH 122 422 422 HOH HOH A . 
E 4 HOH 123 423 423 HOH HOH A . 
E 4 HOH 124 424 424 HOH HOH A . 
E 4 HOH 125 425 425 HOH HOH A . 
E 4 HOH 126 426 426 HOH HOH A . 
E 4 HOH 127 427 427 HOH HOH A . 
E 4 HOH 128 428 428 HOH HOH A . 
E 4 HOH 129 429 429 HOH HOH A . 
E 4 HOH 130 430 430 HOH HOH A . 
E 4 HOH 131 431 431 HOH HOH A . 
E 4 HOH 132 432 432 HOH HOH A . 
E 4 HOH 133 433 433 HOH HOH A . 
E 4 HOH 134 434 434 HOH HOH A . 
E 4 HOH 135 435 435 HOH HOH A . 
E 4 HOH 136 436 436 HOH HOH A . 
E 4 HOH 137 437 437 HOH HOH A . 
E 4 HOH 138 438 438 HOH HOH A . 
E 4 HOH 139 439 439 HOH HOH A . 
E 4 HOH 140 440 440 HOH HOH A . 
E 4 HOH 141 441 441 HOH HOH A . 
E 4 HOH 142 442 442 HOH HOH A . 
E 4 HOH 143 443 443 HOH HOH A . 
E 4 HOH 144 444 444 HOH HOH A . 
E 4 HOH 145 445 445 HOH HOH A . 
E 4 HOH 146 446 446 HOH HOH A . 
E 4 HOH 147 447 447 HOH HOH A . 
E 4 HOH 148 448 448 HOH HOH A . 
E 4 HOH 149 449 449 HOH HOH A . 
E 4 HOH 150 450 450 HOH HOH A . 
E 4 HOH 151 451 451 HOH HOH A . 
E 4 HOH 152 452 452 HOH HOH A . 
E 4 HOH 153 453 453 HOH HOH A . 
E 4 HOH 154 454 454 HOH HOH A . 
E 4 HOH 155 455 455 HOH HOH A . 
E 4 HOH 156 456 456 HOH HOH A . 
E 4 HOH 157 457 457 HOH HOH A . 
E 4 HOH 158 458 458 HOH HOH A . 
E 4 HOH 159 459 459 HOH HOH A . 
E 4 HOH 160 460 460 HOH HOH A . 
E 4 HOH 161 461 461 HOH HOH A . 
E 4 HOH 162 462 462 HOH HOH A . 
E 4 HOH 163 463 463 HOH HOH A . 
E 4 HOH 164 464 464 HOH HOH A . 
E 4 HOH 165 465 465 HOH HOH A . 
E 4 HOH 166 466 466 HOH HOH A . 
E 4 HOH 167 467 467 HOH HOH A . 
E 4 HOH 168 469 469 HOH HOH A . 
E 4 HOH 169 470 470 HOH HOH A . 
E 4 HOH 170 471 471 HOH HOH A . 
E 4 HOH 171 472 472 HOH HOH A . 
E 4 HOH 172 473 473 HOH HOH A . 
E 4 HOH 173 474 474 HOH HOH A . 
E 4 HOH 174 475 475 HOH HOH A . 
E 4 HOH 175 476 476 HOH HOH A . 
E 4 HOH 176 477 477 HOH HOH A . 
E 4 HOH 177 478 478 HOH HOH A . 
E 4 HOH 178 479 479 HOH HOH A . 
E 4 HOH 179 480 480 HOH HOH A . 
E 4 HOH 180 481 481 HOH HOH A . 
E 4 HOH 181 482 482 HOH HOH A . 
E 4 HOH 182 483 483 HOH HOH A . 
E 4 HOH 183 484 484 HOH HOH A . 
E 4 HOH 184 485 485 HOH HOH A . 
E 4 HOH 185 486 486 HOH HOH A . 
E 4 HOH 186 487 487 HOH HOH A . 
E 4 HOH 187 488 488 HOH HOH A . 
E 4 HOH 188 489 489 HOH HOH A . 
E 4 HOH 189 490 490 HOH HOH A . 
E 4 HOH 190 491 491 HOH HOH A . 
E 4 HOH 191 492 492 HOH HOH A . 
E 4 HOH 192 493 493 HOH HOH A . 
E 4 HOH 193 494 494 HOH HOH A . 
E 4 HOH 194 495 495 HOH HOH A . 
E 4 HOH 195 496 496 HOH HOH A . 
E 4 HOH 196 497 497 HOH HOH A . 
E 4 HOH 197 498 498 HOH HOH A . 
E 4 HOH 198 500 500 HOH HOH A . 
E 4 HOH 199 501 501 HOH HOH A . 
E 4 HOH 200 502 502 HOH HOH A . 
E 4 HOH 201 503 503 HOH HOH A . 
E 4 HOH 202 504 504 HOH HOH A . 
E 4 HOH 203 505 505 HOH HOH A . 
E 4 HOH 204 506 506 HOH HOH A . 
E 4 HOH 205 507 507 HOH HOH A . 
E 4 HOH 206 508 508 HOH HOH A . 
E 4 HOH 207 509 509 HOH HOH A . 
E 4 HOH 208 510 510 HOH HOH A . 
E 4 HOH 209 511 511 HOH HOH A . 
E 4 HOH 210 512 512 HOH HOH A . 
E 4 HOH 211 513 513 HOH HOH A . 
E 4 HOH 212 514 514 HOH HOH A . 
E 4 HOH 213 515 515 HOH HOH A . 
E 4 HOH 214 516 516 HOH HOH A . 
E 4 HOH 215 517 517 HOH HOH A . 
E 4 HOH 216 518 518 HOH HOH A . 
E 4 HOH 217 519 519 HOH HOH A . 
E 4 HOH 218 520 520 HOH HOH A . 
E 4 HOH 219 521 521 HOH HOH A . 
E 4 HOH 220 522 522 HOH HOH A . 
E 4 HOH 221 523 523 HOH HOH A . 
E 4 HOH 222 524 524 HOH HOH A . 
E 4 HOH 223 542 542 HOH HOH A . 
E 4 HOH 224 599 599 HOH HOH A . 
# 
loop_
_software.name 
_software.classification 
_software.version 
_software.citation_id 
_software.pdbx_ordinal 
HKL-2000  'data collection' . ? 1 
SCALEPACK 'data scaling'    . ? 2 
CNS       refinement        . ? 3 
HKL-2000  'data reduction'  . ? 4 
CNS       phasing           . ? 5 
# 
_cell.entry_id           2AIU 
_cell.length_a           73.98 
_cell.length_b           73.98 
_cell.length_c           33.25 
_cell.angle_alpha        90 
_cell.angle_beta         90 
_cell.angle_gamma        90 
_cell.pdbx_unique_axis   ? 
_cell.Z_PDB              8 
_cell.length_a_esd       ? 
_cell.length_b_esd       ? 
_cell.length_c_esd       ? 
_cell.angle_alpha_esd    ? 
_cell.angle_beta_esd     ? 
_cell.angle_gamma_esd    ? 
# 
_symmetry.entry_id                         2AIU 
_symmetry.space_group_name_H-M             'I 41' 
_symmetry.pdbx_full_space_group_name_H-M   ? 
_symmetry.Int_Tables_number                80 
_symmetry.cell_setting                     ? 
_symmetry.space_group_name_Hall            ? 
# 
_exptl.entry_id          2AIU 
_exptl.method            'X-RAY DIFFRACTION' 
_exptl.crystals_number   1 
# 
_exptl_crystal.id                    1 
_exptl_crystal.density_meas          ? 
_exptl_crystal.density_Matthews      1.9 
_exptl_crystal.density_percent_sol   36.2 
_exptl_crystal.description           ? 
_exptl_crystal.F_000                 ? 
_exptl_crystal.preparation           ? 
# 
_exptl_crystal_grow.crystal_id      1 
_exptl_crystal_grow.method          'VAPOR DIFFUSION, HANGING DROP' 
_exptl_crystal_grow.temp            289 
_exptl_crystal_grow.temp_details    ? 
_exptl_crystal_grow.pH              6.9 
_exptl_crystal_grow.pdbx_details    'PEG1000, potassium phosphate, pH 6.9, VAPOR DIFFUSION, HANGING DROP, temperature 289K' 
_exptl_crystal_grow.pdbx_pH_range   . 
# 
_diffrn.id                     1 
_diffrn.ambient_temp           100 
_diffrn.ambient_temp_details   ? 
_diffrn.crystal_id             1 
# 
_diffrn_detector.diffrn_id              1 
_diffrn_detector.detector               'IMAGE PLATE' 
_diffrn_detector.type                   'RIGAKU RAXIS IV' 
_diffrn_detector.pdbx_collection_date   2005-04-08 
_diffrn_detector.details                ? 
# 
_diffrn_radiation.diffrn_id                        1 
_diffrn_radiation.wavelength_id                    1 
_diffrn_radiation.pdbx_monochromatic_or_laue_m_l   M 
_diffrn_radiation.monochromator                    'Osmic Mirror' 
_diffrn_radiation.pdbx_diffrn_protocol             'SINGLE WAVELENGTH' 
_diffrn_radiation.pdbx_scattering_type             x-ray 
# 
_diffrn_radiation_wavelength.id           1 
_diffrn_radiation_wavelength.wavelength   1.5418 
_diffrn_radiation_wavelength.wt           1.0 
# 
_diffrn_source.diffrn_id                   1 
_diffrn_source.source                      'ROTATING ANODE' 
_diffrn_source.type                        RIGAKU 
_diffrn_source.pdbx_synchrotron_site       ? 
_diffrn_source.pdbx_synchrotron_beamline   ? 
_diffrn_source.pdbx_wavelength             ? 
_diffrn_source.pdbx_wavelength_list        1.5418 
# 
_reflns.entry_id                     2AIU 
_reflns.observed_criterion_sigma_F   1 
_reflns.observed_criterion_sigma_I   1 
_reflns.d_resolution_high            1.6 
_reflns.d_resolution_low             50 
_reflns.number_all                   12001 
_reflns.number_obs                   12001 
_reflns.percent_possible_obs         99.3 
_reflns.pdbx_Rmerge_I_obs            ? 
_reflns.pdbx_Rsym_value              ? 
_reflns.pdbx_netI_over_sigmaI        ? 
_reflns.B_iso_Wilson_estimate        ? 
_reflns.pdbx_redundancy              ? 
_reflns.R_free_details               ? 
_reflns.limit_h_max                  ? 
_reflns.limit_h_min                  ? 
_reflns.limit_k_max                  ? 
_reflns.limit_k_min                  ? 
_reflns.limit_l_max                  ? 
_reflns.limit_l_min                  ? 
_reflns.observed_criterion_F_max     ? 
_reflns.observed_criterion_F_min     ? 
_reflns.pdbx_chi_squared             ? 
_reflns.pdbx_scaling_rejects         ? 
_reflns.pdbx_diffrn_id               1 
_reflns.pdbx_ordinal                 1 
# 
_reflns_shell.d_res_high             1.60 
_reflns_shell.d_res_low              1.63 
_reflns_shell.percent_possible_all   96.8 
_reflns_shell.Rmerge_I_obs           ? 
_reflns_shell.pdbx_Rsym_value        ? 
_reflns_shell.meanI_over_sigI_obs    ? 
_reflns_shell.pdbx_redundancy        ? 
_reflns_shell.percent_possible_obs   ? 
_reflns_shell.number_unique_all      ? 
_reflns_shell.number_measured_all    ? 
_reflns_shell.number_measured_obs    ? 
_reflns_shell.number_unique_obs      ? 
_reflns_shell.pdbx_chi_squared       ? 
_reflns_shell.pdbx_diffrn_id         ? 
_reflns_shell.pdbx_ordinal           1 
# 
_refine.entry_id                                 2AIU 
_refine.ls_d_res_high                            1.6 
_refine.ls_d_res_low                             50 
_refine.pdbx_ls_sigma_F                          1 
_refine.pdbx_ls_sigma_I                          ? 
_refine.ls_number_reflns_all                     12001 
_refine.ls_number_reflns_obs                     12001 
_refine.ls_number_reflns_R_free                  1232 
_refine.ls_percent_reflns_obs                    ? 
_refine.ls_R_factor_all                          0.1807 
_refine.ls_R_factor_obs                          0.1807 
_refine.ls_R_factor_R_work                       0.1778 
_refine.ls_R_factor_R_free                       0.2068 
_refine.ls_redundancy_reflns_obs                 ? 
_refine.pdbx_data_cutoff_high_absF               ? 
_refine.pdbx_data_cutoff_low_absF                ? 
_refine.ls_number_parameters                     ? 
_refine.ls_number_restraints                     ? 
_refine.ls_percent_reflns_R_free                 ? 
_refine.ls_R_factor_R_free_error                 ? 
_refine.ls_R_factor_R_free_error_details         ? 
_refine.pdbx_method_to_determine_struct          'MOLECULAR REPLACEMENT' 
_refine.pdbx_starting_model                      ? 
_refine.pdbx_ls_cross_valid_method               ? 
_refine.pdbx_R_Free_selection_details            Random 
_refine.pdbx_stereochem_target_val_spec_case     ? 
_refine.pdbx_stereochemistry_target_values       'Engh & Huber' 
_refine.solvent_model_details                    ? 
_refine.solvent_model_param_bsol                 ? 
_refine.solvent_model_param_ksol                 ? 
_refine.occupancy_max                            ? 
_refine.occupancy_min                            ? 
_refine.pdbx_isotropic_thermal_model             ? 
_refine.B_iso_mean                               ? 
_refine.aniso_B[1][1]                            ? 
_refine.aniso_B[1][2]                            ? 
_refine.aniso_B[1][3]                            ? 
_refine.aniso_B[2][2]                            ? 
_refine.aniso_B[2][3]                            ? 
_refine.aniso_B[3][3]                            ? 
_refine.details                                  ? 
_refine.B_iso_min                                ? 
_refine.B_iso_max                                ? 
_refine.correlation_coeff_Fo_to_Fc               ? 
_refine.correlation_coeff_Fo_to_Fc_free          ? 
_refine.pdbx_solvent_vdw_probe_radii             ? 
_refine.pdbx_solvent_ion_probe_radii             ? 
_refine.pdbx_solvent_shrinkage_radii             ? 
_refine.overall_SU_R_Cruickshank_DPI             ? 
_refine.overall_SU_R_free                        ? 
_refine.overall_SU_ML                            ? 
_refine.overall_SU_B                             ? 
_refine.pdbx_overall_ESU_R_Free                  ? 
_refine.pdbx_data_cutoff_high_rms_absF           ? 
_refine.pdbx_overall_ESU_R                       ? 
_refine.ls_wR_factor_R_free                      ? 
_refine.ls_wR_factor_R_work                      ? 
_refine.overall_FOM_free_R_set                   ? 
_refine.overall_FOM_work_R_set                   ? 
_refine.pdbx_refine_id                           'X-RAY DIFFRACTION' 
_refine.pdbx_diffrn_id                           1 
_refine.pdbx_TLS_residual_ADP_flag               ? 
_refine.pdbx_overall_phase_error                 ? 
_refine.pdbx_overall_SU_R_free_Cruickshank_DPI   ? 
_refine.pdbx_overall_SU_R_Blow_DPI               ? 
_refine.pdbx_overall_SU_R_free_Blow_DPI          ? 
# 
_refine_hist.pdbx_refine_id                   'X-RAY DIFFRACTION' 
_refine_hist.cycle_id                         LAST 
_refine_hist.pdbx_number_atoms_protein        815 
_refine_hist.pdbx_number_atoms_nucleic_acid   0 
_refine_hist.pdbx_number_atoms_ligand         53 
_refine_hist.number_atoms_solvent             224 
_refine_hist.number_atoms_total               1092 
_refine_hist.d_res_high                       1.6 
_refine_hist.d_res_low                        50 
# 
loop_
_refine_ls_restr.type 
_refine_ls_restr.dev_ideal 
_refine_ls_restr.dev_ideal_target 
_refine_ls_restr.weight 
_refine_ls_restr.number 
_refine_ls_restr.pdbx_refine_id 
_refine_ls_restr.pdbx_restraint_function 
c_bond_d           0.012302 ? ? ? 'X-RAY DIFFRACTION' ? 
c_angle_deg        1.97574  ? ? ? 'X-RAY DIFFRACTION' ? 
c_dihedral_angle_d 19.73554 ? ? ? 'X-RAY DIFFRACTION' ? 
c_improper_angle_d 1.02057  ? ? ? 'X-RAY DIFFRACTION' ? 
# 
_struct.entry_id                  2AIU 
_struct.title                     'Crystal Structure of Mouse Testicular Cytochrome C at 1.6 Angstrom' 
_struct.pdbx_model_details        ? 
_struct.pdbx_CASP_flag            ? 
_struct.pdbx_model_type_details   ? 
# 
_struct_keywords.entry_id        2AIU 
_struct_keywords.pdbx_keywords   'ELECTRON TRANSPORT' 
_struct_keywords.text            'Cytochrome C, Mouse, Testis, ELECTRON TRANSPORT' 
# 
loop_
_struct_asym.id 
_struct_asym.pdbx_blank_PDB_chainid_flag 
_struct_asym.pdbx_modified 
_struct_asym.entity_id 
_struct_asym.details 
A N N 1 ? 
B N N 2 ? 
C N N 2 ? 
D N N 3 ? 
E N N 4 ? 
# 
_struct_ref.id                         1 
_struct_ref.db_name                    UNP 
_struct_ref.db_code                    CYC2_MOUSE 
_struct_ref.pdbx_db_accession          P00015 
_struct_ref.entity_id                  1 
_struct_ref.pdbx_align_begin           1 
_struct_ref.pdbx_db_isoform            ? 
_struct_ref.pdbx_seq_one_letter_code   ? 
# 
_struct_ref_seq.align_id                      1 
_struct_ref_seq.ref_id                        1 
_struct_ref_seq.pdbx_PDB_id_code              2AIU 
_struct_ref_seq.pdbx_strand_id                A 
_struct_ref_seq.seq_align_beg                 2 
_struct_ref_seq.pdbx_seq_align_beg_ins_code   ? 
_struct_ref_seq.seq_align_end                 105 
_struct_ref_seq.pdbx_seq_align_end_ins_code   ? 
_struct_ref_seq.pdbx_db_accession             P00015 
_struct_ref_seq.db_align_beg                  1 
_struct_ref_seq.pdbx_db_align_beg_ins_code    ? 
_struct_ref_seq.db_align_end                  104 
_struct_ref_seq.pdbx_db_align_end_ins_code    ? 
_struct_ref_seq.pdbx_auth_seq_align_beg       2 
_struct_ref_seq.pdbx_auth_seq_align_end       105 
# 
_struct_ref_seq_dif.align_id                     1 
_struct_ref_seq_dif.pdbx_pdb_id_code             2AIU 
_struct_ref_seq_dif.mon_id                       MET 
_struct_ref_seq_dif.pdbx_pdb_strand_id           A 
_struct_ref_seq_dif.seq_num                      1 
_struct_ref_seq_dif.pdbx_pdb_ins_code            ? 
_struct_ref_seq_dif.pdbx_seq_db_name             UNP 
_struct_ref_seq_dif.pdbx_seq_db_accession_code   P00015 
_struct_ref_seq_dif.db_mon_id                    ? 
_struct_ref_seq_dif.pdbx_seq_db_seq_num          ? 
_struct_ref_seq_dif.details                      'initiating methionine' 
_struct_ref_seq_dif.pdbx_auth_seq_num            1 
_struct_ref_seq_dif.pdbx_ordinal                 1 
# 
_pdbx_struct_assembly.id                   1 
_pdbx_struct_assembly.details              author_defined_assembly 
_pdbx_struct_assembly.method_details       ? 
_pdbx_struct_assembly.oligomeric_details   monomeric 
_pdbx_struct_assembly.oligomeric_count     1 
# 
_pdbx_struct_assembly_gen.assembly_id       1 
_pdbx_struct_assembly_gen.oper_expression   1 
_pdbx_struct_assembly_gen.asym_id_list      A,B,C,D,E 
# 
_pdbx_struct_oper_list.id                   1 
_pdbx_struct_oper_list.type                 'identity operation' 
_pdbx_struct_oper_list.name                 1_555 
_pdbx_struct_oper_list.symmetry_operation   x,y,z 
_pdbx_struct_oper_list.matrix[1][1]         1.0000000000 
_pdbx_struct_oper_list.matrix[1][2]         0.0000000000 
_pdbx_struct_oper_list.matrix[1][3]         0.0000000000 
_pdbx_struct_oper_list.vector[1]            0.0000000000 
_pdbx_struct_oper_list.matrix[2][1]         0.0000000000 
_pdbx_struct_oper_list.matrix[2][2]         1.0000000000 
_pdbx_struct_oper_list.matrix[2][3]         0.0000000000 
_pdbx_struct_oper_list.vector[2]            0.0000000000 
_pdbx_struct_oper_list.matrix[3][1]         0.0000000000 
_pdbx_struct_oper_list.matrix[3][2]         0.0000000000 
_pdbx_struct_oper_list.matrix[3][3]         1.0000000000 
_pdbx_struct_oper_list.vector[3]            0.0000000000 
# 
_struct_biol.id                    1 
_struct_biol.pdbx_parent_biol_id   ? 
_struct_biol.details               ? 
# 
loop_
_struct_conf.conf_type_id 
_struct_conf.id 
_struct_conf.pdbx_PDB_helix_id 
_struct_conf.beg_label_comp_id 
_struct_conf.beg_label_asym_id 
_struct_conf.beg_label_seq_id 
_struct_conf.pdbx_beg_PDB_ins_code 
_struct_conf.end_label_comp_id 
_struct_conf.end_label_asym_id 
_struct_conf.end_label_seq_id 
_struct_conf.pdbx_end_PDB_ins_code 
_struct_conf.beg_auth_comp_id 
_struct_conf.beg_auth_asym_id 
_struct_conf.beg_auth_seq_id 
_struct_conf.end_auth_comp_id 
_struct_conf.end_auth_asym_id 
_struct_conf.end_auth_seq_id 
_struct_conf.pdbx_PDB_helix_class 
_struct_conf.details 
_struct_conf.pdbx_PDB_helix_length 
HELX_P HELX_P1 1 ASP A 3  ? CYS A 15  ? ASP A 3  CYS A 15  1 ? 13 
HELX_P HELX_P2 2 THR A 50 ? LYS A 56  ? THR A 50 LYS A 56  1 ? 7  
HELX_P HELX_P3 3 SER A 61 ? ASN A 71  ? SER A 61 ASN A 71  1 ? 11 
HELX_P HELX_P4 4 ASN A 71 ? ILE A 76  ? ASN A 71 ILE A 76  1 ? 6  
HELX_P HELX_P5 5 LYS A 88 ? SER A 105 ? LYS A 88 SER A 105 1 ? 18 
# 
_struct_conf_type.id          HELX_P 
_struct_conf_type.criteria    ? 
_struct_conf_type.reference   ? 
# 
loop_
_struct_conn.id 
_struct_conn.conn_type_id 
_struct_conn.pdbx_leaving_atom_flag 
_struct_conn.pdbx_PDB_id 
_struct_conn.ptnr1_label_asym_id 
_struct_conn.ptnr1_label_comp_id 
_struct_conn.ptnr1_label_seq_id 
_struct_conn.ptnr1_label_atom_id 
_struct_conn.pdbx_ptnr1_label_alt_id 
_struct_conn.pdbx_ptnr1_PDB_ins_code 
_struct_conn.pdbx_ptnr1_standard_comp_id 
_struct_conn.ptnr1_symmetry 
_struct_conn.ptnr2_label_asym_id 
_struct_conn.ptnr2_label_comp_id 
_struct_conn.ptnr2_label_seq_id 
_struct_conn.ptnr2_label_atom_id 
_struct_conn.pdbx_ptnr2_label_alt_id 
_struct_conn.pdbx_ptnr2_PDB_ins_code 
_struct_conn.ptnr1_auth_asym_id 
_struct_conn.ptnr1_auth_comp_id 
_struct_conn.ptnr1_auth_seq_id 
_struct_conn.ptnr2_auth_asym_id 
_struct_conn.ptnr2_auth_comp_id 
_struct_conn.ptnr2_auth_seq_id 
_struct_conn.ptnr2_symmetry 
_struct_conn.pdbx_ptnr3_label_atom_id 
_struct_conn.pdbx_ptnr3_label_seq_id 
_struct_conn.pdbx_ptnr3_label_comp_id 
_struct_conn.pdbx_ptnr3_label_asym_id 
_struct_conn.pdbx_ptnr3_label_alt_id 
_struct_conn.pdbx_ptnr3_PDB_ins_code 
_struct_conn.details 
_struct_conn.pdbx_dist_value 
_struct_conn.pdbx_value_order 
_struct_conn.pdbx_role 
covale1 covale none ? A CYS 15 SG  ? ? ? 1_555 D HEC . CAB ? ? A CYS 15 A HEC 200 1_555 ? ? ? ? ? ? ? 1.829 ? ? 
covale2 covale none ? A CYS 18 SG  ? ? ? 1_555 D HEC . CAC ? ? A CYS 18 A HEC 200 1_555 ? ? ? ? ? ? ? 1.880 ? ? 
metalc1 metalc ?    ? A HIS 19 NE2 ? ? ? 1_555 D HEC . FE  ? ? A HIS 19 A HEC 200 1_555 ? ? ? ? ? ? ? 2.029 ? ? 
metalc2 metalc ?    ? A MET 81 SD  ? ? ? 1_555 D HEC . FE  ? ? A MET 81 A HEC 200 1_555 ? ? ? ? ? ? ? 2.155 ? ? 
# 
loop_
_struct_conn_type.id 
_struct_conn_type.criteria 
_struct_conn_type.reference 
covale ? ? 
metalc ? ? 
# 
loop_
_pdbx_struct_conn_angle.id 
_pdbx_struct_conn_angle.ptnr1_label_atom_id 
_pdbx_struct_conn_angle.ptnr1_label_alt_id 
_pdbx_struct_conn_angle.ptnr1_label_asym_id 
_pdbx_struct_conn_angle.ptnr1_label_comp_id 
_pdbx_struct_conn_angle.ptnr1_label_seq_id 
_pdbx_struct_conn_angle.ptnr1_auth_atom_id 
_pdbx_struct_conn_angle.ptnr1_auth_asym_id 
_pdbx_struct_conn_angle.ptnr1_auth_comp_id 
_pdbx_struct_conn_angle.ptnr1_auth_seq_id 
_pdbx_struct_conn_angle.ptnr1_PDB_ins_code 
_pdbx_struct_conn_angle.ptnr1_symmetry 
_pdbx_struct_conn_angle.ptnr2_label_atom_id 
_pdbx_struct_conn_angle.ptnr2_label_alt_id 
_pdbx_struct_conn_angle.ptnr2_label_asym_id 
_pdbx_struct_conn_angle.ptnr2_label_comp_id 
_pdbx_struct_conn_angle.ptnr2_label_seq_id 
_pdbx_struct_conn_angle.ptnr2_auth_atom_id 
_pdbx_struct_conn_angle.ptnr2_auth_asym_id 
_pdbx_struct_conn_angle.ptnr2_auth_comp_id 
_pdbx_struct_conn_angle.ptnr2_auth_seq_id 
_pdbx_struct_conn_angle.ptnr2_PDB_ins_code 
_pdbx_struct_conn_angle.ptnr2_symmetry 
_pdbx_struct_conn_angle.ptnr3_label_atom_id 
_pdbx_struct_conn_angle.ptnr3_label_alt_id 
_pdbx_struct_conn_angle.ptnr3_label_asym_id 
_pdbx_struct_conn_angle.ptnr3_label_comp_id 
_pdbx_struct_conn_angle.ptnr3_label_seq_id 
_pdbx_struct_conn_angle.ptnr3_auth_atom_id 
_pdbx_struct_conn_angle.ptnr3_auth_asym_id 
_pdbx_struct_conn_angle.ptnr3_auth_comp_id 
_pdbx_struct_conn_angle.ptnr3_auth_seq_id 
_pdbx_struct_conn_angle.ptnr3_PDB_ins_code 
_pdbx_struct_conn_angle.ptnr3_symmetry 
_pdbx_struct_conn_angle.value 
_pdbx_struct_conn_angle.value_esd 
1  NE2 ? A HIS 19 ? A HIS 19  ? 1_555 FE ? D HEC . ? A HEC 200 ? 1_555 NA ? D HEC .  ? A HEC 200 ? 1_555 89.9  ? 
2  NE2 ? A HIS 19 ? A HIS 19  ? 1_555 FE ? D HEC . ? A HEC 200 ? 1_555 NB ? D HEC .  ? A HEC 200 ? 1_555 91.2  ? 
3  NA  ? D HEC .  ? A HEC 200 ? 1_555 FE ? D HEC . ? A HEC 200 ? 1_555 NB ? D HEC .  ? A HEC 200 ? 1_555 89.0  ? 
4  NE2 ? A HIS 19 ? A HIS 19  ? 1_555 FE ? D HEC . ? A HEC 200 ? 1_555 NC ? D HEC .  ? A HEC 200 ? 1_555 92.7  ? 
5  NA  ? D HEC .  ? A HEC 200 ? 1_555 FE ? D HEC . ? A HEC 200 ? 1_555 NC ? D HEC .  ? A HEC 200 ? 1_555 177.2 ? 
6  NB  ? D HEC .  ? A HEC 200 ? 1_555 FE ? D HEC . ? A HEC 200 ? 1_555 NC ? D HEC .  ? A HEC 200 ? 1_555 89.9  ? 
7  NE2 ? A HIS 19 ? A HIS 19  ? 1_555 FE ? D HEC . ? A HEC 200 ? 1_555 ND ? D HEC .  ? A HEC 200 ? 1_555 91.2  ? 
8  NA  ? D HEC .  ? A HEC 200 ? 1_555 FE ? D HEC . ? A HEC 200 ? 1_555 ND ? D HEC .  ? A HEC 200 ? 1_555 90.0  ? 
9  NB  ? D HEC .  ? A HEC 200 ? 1_555 FE ? D HEC . ? A HEC 200 ? 1_555 ND ? D HEC .  ? A HEC 200 ? 1_555 177.4 ? 
10 NC  ? D HEC .  ? A HEC 200 ? 1_555 FE ? D HEC . ? A HEC 200 ? 1_555 ND ? D HEC .  ? A HEC 200 ? 1_555 91.0  ? 
11 NE2 ? A HIS 19 ? A HIS 19  ? 1_555 FE ? D HEC . ? A HEC 200 ? 1_555 SD ? A MET 81 ? A MET 81  ? 1_555 173.3 ? 
12 NA  ? D HEC .  ? A HEC 200 ? 1_555 FE ? D HEC . ? A HEC 200 ? 1_555 SD ? A MET 81 ? A MET 81  ? 1_555 86.7  ? 
13 NB  ? D HEC .  ? A HEC 200 ? 1_555 FE ? D HEC . ? A HEC 200 ? 1_555 SD ? A MET 81 ? A MET 81  ? 1_555 94.5  ? 
14 NC  ? D HEC .  ? A HEC 200 ? 1_555 FE ? D HEC . ? A HEC 200 ? 1_555 SD ? A MET 81 ? A MET 81  ? 1_555 90.8  ? 
15 ND  ? D HEC .  ? A HEC 200 ? 1_555 FE ? D HEC . ? A HEC 200 ? 1_555 SD ? A MET 81 ? A MET 81  ? 1_555 83.0  ? 
# 
loop_
_pdbx_modification_feature.ordinal 
_pdbx_modification_feature.label_comp_id 
_pdbx_modification_feature.label_asym_id 
_pdbx_modification_feature.label_seq_id 
_pdbx_modification_feature.label_alt_id 
_pdbx_modification_feature.modified_residue_label_comp_id 
_pdbx_modification_feature.modified_residue_label_asym_id 
_pdbx_modification_feature.modified_residue_label_seq_id 
_pdbx_modification_feature.modified_residue_label_alt_id 
_pdbx_modification_feature.auth_comp_id 
_pdbx_modification_feature.auth_asym_id 
_pdbx_modification_feature.auth_seq_id 
_pdbx_modification_feature.PDB_ins_code 
_pdbx_modification_feature.symmetry 
_pdbx_modification_feature.modified_residue_auth_comp_id 
_pdbx_modification_feature.modified_residue_auth_asym_id 
_pdbx_modification_feature.modified_residue_auth_seq_id 
_pdbx_modification_feature.modified_residue_PDB_ins_code 
_pdbx_modification_feature.modified_residue_symmetry 
_pdbx_modification_feature.comp_id_linking_atom 
_pdbx_modification_feature.modified_residue_id_linking_atom 
_pdbx_modification_feature.modified_residue_id 
_pdbx_modification_feature.ref_pcm_id 
_pdbx_modification_feature.ref_comp_id 
_pdbx_modification_feature.type 
_pdbx_modification_feature.category 
1 HEC D . ? CYS A 15 ? HEC A 200 ? 1_555 CYS A 15 ? 1_555 CAB SG CYS 2 HEC None Heme/heme-like 
2 HEC D . ? CYS A 18 ? HEC A 200 ? 1_555 CYS A 18 ? 1_555 CAC SG CYS 3 HEC None Heme/heme-like 
# 
loop_
_struct_site.id 
_struct_site.pdbx_evidence_code 
_struct_site.pdbx_auth_asym_id 
_struct_site.pdbx_auth_comp_id 
_struct_site.pdbx_auth_seq_id 
_struct_site.pdbx_auth_ins_code 
_struct_site.pdbx_num_residues 
_struct_site.details 
AC1 Software A PO4 201 ? 8  'BINDING SITE FOR RESIDUE PO4 A 201' 
AC2 Software A PO4 202 ? 10 'BINDING SITE FOR RESIDUE PO4 A 202' 
AC3 Software A HEC 200 ? 22 'BINDING SITE FOR RESIDUE HEC A 200' 
# 
loop_
_struct_site_gen.id 
_struct_site_gen.site_id 
_struct_site_gen.pdbx_num_res 
_struct_site_gen.label_comp_id 
_struct_site_gen.label_asym_id 
_struct_site_gen.label_seq_id 
_struct_site_gen.pdbx_auth_ins_code 
_struct_site_gen.auth_comp_id 
_struct_site_gen.auth_asym_id 
_struct_site_gen.auth_seq_id 
_struct_site_gen.label_atom_id 
_struct_site_gen.label_alt_id 
_struct_site_gen.symmetry 
_struct_site_gen.details 
1  AC1 8  LYS A 14 ? LYS A 14  . ? 7_554 ? 
2  AC1 8  SER A 48 ? SER A 48  . ? 7_555 ? 
3  AC1 8  LYS A 74 ? LYS A 74  . ? 1_555 ? 
4  AC1 8  HOH E .  ? HOH A 304 . ? 7_555 ? 
5  AC1 8  HOH E .  ? HOH A 361 . ? 7_555 ? 
6  AC1 8  HOH E .  ? HOH A 369 . ? 1_555 ? 
7  AC1 8  HOH E .  ? HOH A 477 . ? 1_555 ? 
8  AC1 8  HOH E .  ? HOH A 483 . ? 7_555 ? 
9  AC2 10 LYS A 54 ? LYS A 54  . ? 8_555 ? 
10 AC2 10 ASN A 55 ? ASN A 55  . ? 8_555 ? 
11 AC2 10 GLY A 57 ? GLY A 57  . ? 8_555 ? 
12 AC2 10 HOH E .  ? HOH A 339 . ? 1_555 ? 
13 AC2 10 HOH E .  ? HOH A 360 . ? 8_555 ? 
14 AC2 10 HOH E .  ? HOH A 416 . ? 8_554 ? 
15 AC2 10 HOH E .  ? HOH A 446 . ? 1_555 ? 
16 AC2 10 HOH E .  ? HOH A 466 . ? 1_555 ? 
17 AC2 10 HOH E .  ? HOH A 472 . ? 1_555 ? 
18 AC2 10 HOH E .  ? HOH A 506 . ? 8_554 ? 
19 AC3 22 LYS A 14 ? LYS A 14  . ? 1_555 ? 
20 AC3 22 CYS A 15 ? CYS A 15  . ? 1_555 ? 
21 AC3 22 GLN A 17 ? GLN A 17  . ? 1_555 ? 
22 AC3 22 CYS A 18 ? CYS A 18  . ? 1_555 ? 
23 AC3 22 HIS A 19 ? HIS A 19  . ? 1_555 ? 
24 AC3 22 THR A 29 ? THR A 29  . ? 1_555 ? 
25 AC3 22 PRO A 31 ? PRO A 31  . ? 1_555 ? 
26 AC3 22 THR A 41 ? THR A 41  . ? 1_555 ? 
27 AC3 22 GLY A 42 ? GLY A 42  . ? 1_555 ? 
28 AC3 22 TYR A 49 ? TYR A 49  . ? 1_555 ? 
29 AC3 22 THR A 50 ? THR A 50  . ? 1_555 ? 
30 AC3 22 ASN A 53 ? ASN A 53  . ? 1_555 ? 
31 AC3 22 LYS A 56 ? LYS A 56  . ? 8_555 ? 
32 AC3 22 TRP A 60 ? TRP A 60  . ? 1_555 ? 
33 AC3 22 TYR A 68 ? TYR A 68  . ? 1_555 ? 
34 AC3 22 THR A 79 ? THR A 79  . ? 1_555 ? 
35 AC3 22 LYS A 80 ? LYS A 80  . ? 1_555 ? 
36 AC3 22 MET A 81 ? MET A 81  . ? 1_555 ? 
37 AC3 22 ILE A 82 ? ILE A 82  . ? 1_555 ? 
38 AC3 22 PHE A 83 ? PHE A 83  . ? 1_555 ? 
39 AC3 22 LEU A 99 ? LEU A 99  . ? 1_555 ? 
40 AC3 22 HOH E .  ? HOH A 313 . ? 1_555 ? 
# 
_pdbx_entry_details.entry_id                   2AIU 
_pdbx_entry_details.compound_details           ? 
_pdbx_entry_details.source_details             ? 
_pdbx_entry_details.nonpolymer_details         ? 
_pdbx_entry_details.sequence_details           ? 
_pdbx_entry_details.has_ligand_of_interest     ? 
_pdbx_entry_details.has_protein_modification   Y 
# 
loop_
_pdbx_validate_torsion.id 
_pdbx_validate_torsion.PDB_model_num 
_pdbx_validate_torsion.auth_comp_id 
_pdbx_validate_torsion.auth_asym_id 
_pdbx_validate_torsion.auth_seq_id 
_pdbx_validate_torsion.PDB_ins_code 
_pdbx_validate_torsion.label_alt_id 
_pdbx_validate_torsion.phi 
_pdbx_validate_torsion.psi 
1 1 LYS A 28 ? ? -130.41 -135.24 
2 1 ASN A 71 ? ? -160.82 88.96   
# 
_pdbx_unobs_or_zero_occ_residues.id               1 
_pdbx_unobs_or_zero_occ_residues.PDB_model_num    1 
_pdbx_unobs_or_zero_occ_residues.polymer_flag     Y 
_pdbx_unobs_or_zero_occ_residues.occupancy_flag   1 
_pdbx_unobs_or_zero_occ_residues.auth_asym_id     A 
_pdbx_unobs_or_zero_occ_residues.auth_comp_id     MET 
_pdbx_unobs_or_zero_occ_residues.auth_seq_id      1 
_pdbx_unobs_or_zero_occ_residues.PDB_ins_code     ? 
_pdbx_unobs_or_zero_occ_residues.label_asym_id    A 
_pdbx_unobs_or_zero_occ_residues.label_comp_id    MET 
_pdbx_unobs_or_zero_occ_residues.label_seq_id     1 
# 
loop_
_chem_comp_atom.comp_id 
_chem_comp_atom.atom_id 
_chem_comp_atom.type_symbol 
_chem_comp_atom.pdbx_aromatic_flag 
_chem_comp_atom.pdbx_stereo_config 
_chem_comp_atom.pdbx_ordinal 
ALA N    N  N N 1   
ALA CA   C  N S 2   
ALA C    C  N N 3   
ALA O    O  N N 4   
ALA CB   C  N N 5   
ALA OXT  O  N N 6   
ALA H    H  N N 7   
ALA H2   H  N N 8   
ALA HA   H  N N 9   
ALA HB1  H  N N 10  
ALA HB2  H  N N 11  
ALA HB3  H  N N 12  
ALA HXT  H  N N 13  
ARG N    N  N N 14  
ARG CA   C  N S 15  
ARG C    C  N N 16  
ARG O    O  N N 17  
ARG CB   C  N N 18  
ARG CG   C  N N 19  
ARG CD   C  N N 20  
ARG NE   N  N N 21  
ARG CZ   C  N N 22  
ARG NH1  N  N N 23  
ARG NH2  N  N N 24  
ARG OXT  O  N N 25  
ARG H    H  N N 26  
ARG H2   H  N N 27  
ARG HA   H  N N 28  
ARG HB2  H  N N 29  
ARG HB3  H  N N 30  
ARG HG2  H  N N 31  
ARG HG3  H  N N 32  
ARG HD2  H  N N 33  
ARG HD3  H  N N 34  
ARG HE   H  N N 35  
ARG HH11 H  N N 36  
ARG HH12 H  N N 37  
ARG HH21 H  N N 38  
ARG HH22 H  N N 39  
ARG HXT  H  N N 40  
ASN N    N  N N 41  
ASN CA   C  N S 42  
ASN C    C  N N 43  
ASN O    O  N N 44  
ASN CB   C  N N 45  
ASN CG   C  N N 46  
ASN OD1  O  N N 47  
ASN ND2  N  N N 48  
ASN OXT  O  N N 49  
ASN H    H  N N 50  
ASN H2   H  N N 51  
ASN HA   H  N N 52  
ASN HB2  H  N N 53  
ASN HB3  H  N N 54  
ASN HD21 H  N N 55  
ASN HD22 H  N N 56  
ASN HXT  H  N N 57  
ASP N    N  N N 58  
ASP CA   C  N S 59  
ASP C    C  N N 60  
ASP O    O  N N 61  
ASP CB   C  N N 62  
ASP CG   C  N N 63  
ASP OD1  O  N N 64  
ASP OD2  O  N N 65  
ASP OXT  O  N N 66  
ASP H    H  N N 67  
ASP H2   H  N N 68  
ASP HA   H  N N 69  
ASP HB2  H  N N 70  
ASP HB3  H  N N 71  
ASP HD2  H  N N 72  
ASP HXT  H  N N 73  
CYS N    N  N N 74  
CYS CA   C  N R 75  
CYS C    C  N N 76  
CYS O    O  N N 77  
CYS CB   C  N N 78  
CYS SG   S  N N 79  
CYS OXT  O  N N 80  
CYS H    H  N N 81  
CYS H2   H  N N 82  
CYS HA   H  N N 83  
CYS HB2  H  N N 84  
CYS HB3  H  N N 85  
CYS HG   H  N N 86  
CYS HXT  H  N N 87  
GLN N    N  N N 88  
GLN CA   C  N S 89  
GLN C    C  N N 90  
GLN O    O  N N 91  
GLN CB   C  N N 92  
GLN CG   C  N N 93  
GLN CD   C  N N 94  
GLN OE1  O  N N 95  
GLN NE2  N  N N 96  
GLN OXT  O  N N 97  
GLN H    H  N N 98  
GLN H2   H  N N 99  
GLN HA   H  N N 100 
GLN HB2  H  N N 101 
GLN HB3  H  N N 102 
GLN HG2  H  N N 103 
GLN HG3  H  N N 104 
GLN HE21 H  N N 105 
GLN HE22 H  N N 106 
GLN HXT  H  N N 107 
GLU N    N  N N 108 
GLU CA   C  N S 109 
GLU C    C  N N 110 
GLU O    O  N N 111 
GLU CB   C  N N 112 
GLU CG   C  N N 113 
GLU CD   C  N N 114 
GLU OE1  O  N N 115 
GLU OE2  O  N N 116 
GLU OXT  O  N N 117 
GLU H    H  N N 118 
GLU H2   H  N N 119 
GLU HA   H  N N 120 
GLU HB2  H  N N 121 
GLU HB3  H  N N 122 
GLU HG2  H  N N 123 
GLU HG3  H  N N 124 
GLU HE2  H  N N 125 
GLU HXT  H  N N 126 
GLY N    N  N N 127 
GLY CA   C  N N 128 
GLY C    C  N N 129 
GLY O    O  N N 130 
GLY OXT  O  N N 131 
GLY H    H  N N 132 
GLY H2   H  N N 133 
GLY HA2  H  N N 134 
GLY HA3  H  N N 135 
GLY HXT  H  N N 136 
HEC FE   FE N N 137 
HEC CHA  C  N N 138 
HEC CHB  C  N N 139 
HEC CHC  C  N N 140 
HEC CHD  C  N N 141 
HEC NA   N  Y N 142 
HEC C1A  C  Y N 143 
HEC C2A  C  Y N 144 
HEC C3A  C  Y N 145 
HEC C4A  C  Y N 146 
HEC CMA  C  N N 147 
HEC CAA  C  N N 148 
HEC CBA  C  N N 149 
HEC CGA  C  N N 150 
HEC O1A  O  N N 151 
HEC O2A  O  N N 152 
HEC NB   N  Y N 153 
HEC C1B  C  Y N 154 
HEC C2B  C  Y N 155 
HEC C3B  C  Y N 156 
HEC C4B  C  Y N 157 
HEC CMB  C  N N 158 
HEC CAB  C  N N 159 
HEC CBB  C  N N 160 
HEC NC   N  Y N 161 
HEC C1C  C  Y N 162 
HEC C2C  C  Y N 163 
HEC C3C  C  Y N 164 
HEC C4C  C  Y N 165 
HEC CMC  C  N N 166 
HEC CAC  C  N N 167 
HEC CBC  C  N N 168 
HEC ND   N  Y N 169 
HEC C1D  C  Y N 170 
HEC C2D  C  Y N 171 
HEC C3D  C  Y N 172 
HEC C4D  C  Y N 173 
HEC CMD  C  N N 174 
HEC CAD  C  N N 175 
HEC CBD  C  N N 176 
HEC CGD  C  N N 177 
HEC O1D  O  N N 178 
HEC O2D  O  N N 179 
HEC HHA  H  N N 180 
HEC HHB  H  N N 181 
HEC HHC  H  N N 182 
HEC HHD  H  N N 183 
HEC HMA1 H  N N 184 
HEC HMA2 H  N N 185 
HEC HMA3 H  N N 186 
HEC HAA1 H  N N 187 
HEC HAA2 H  N N 188 
HEC HBA1 H  N N 189 
HEC HBA2 H  N N 190 
HEC H2A  H  N N 191 
HEC HMB1 H  N N 192 
HEC HMB2 H  N N 193 
HEC HMB3 H  N N 194 
HEC HAB  H  N N 195 
HEC HBB1 H  N N 196 
HEC HBB2 H  N N 197 
HEC HBB3 H  N N 198 
HEC HMC1 H  N N 199 
HEC HMC2 H  N N 200 
HEC HMC3 H  N N 201 
HEC HAC  H  N N 202 
HEC HBC1 H  N N 203 
HEC HBC2 H  N N 204 
HEC HBC3 H  N N 205 
HEC HMD1 H  N N 206 
HEC HMD2 H  N N 207 
HEC HMD3 H  N N 208 
HEC HAD1 H  N N 209 
HEC HAD2 H  N N 210 
HEC HBD1 H  N N 211 
HEC HBD2 H  N N 212 
HEC H2D  H  N N 213 
HIS N    N  N N 214 
HIS CA   C  N S 215 
HIS C    C  N N 216 
HIS O    O  N N 217 
HIS CB   C  N N 218 
HIS CG   C  Y N 219 
HIS ND1  N  Y N 220 
HIS CD2  C  Y N 221 
HIS CE1  C  Y N 222 
HIS NE2  N  Y N 223 
HIS OXT  O  N N 224 
HIS H    H  N N 225 
HIS H2   H  N N 226 
HIS HA   H  N N 227 
HIS HB2  H  N N 228 
HIS HB3  H  N N 229 
HIS HD1  H  N N 230 
HIS HD2  H  N N 231 
HIS HE1  H  N N 232 
HIS HE2  H  N N 233 
HIS HXT  H  N N 234 
HOH O    O  N N 235 
HOH H1   H  N N 236 
HOH H2   H  N N 237 
ILE N    N  N N 238 
ILE CA   C  N S 239 
ILE C    C  N N 240 
ILE O    O  N N 241 
ILE CB   C  N S 242 
ILE CG1  C  N N 243 
ILE CG2  C  N N 244 
ILE CD1  C  N N 245 
ILE OXT  O  N N 246 
ILE H    H  N N 247 
ILE H2   H  N N 248 
ILE HA   H  N N 249 
ILE HB   H  N N 250 
ILE HG12 H  N N 251 
ILE HG13 H  N N 252 
ILE HG21 H  N N 253 
ILE HG22 H  N N 254 
ILE HG23 H  N N 255 
ILE HD11 H  N N 256 
ILE HD12 H  N N 257 
ILE HD13 H  N N 258 
ILE HXT  H  N N 259 
LEU N    N  N N 260 
LEU CA   C  N S 261 
LEU C    C  N N 262 
LEU O    O  N N 263 
LEU CB   C  N N 264 
LEU CG   C  N N 265 
LEU CD1  C  N N 266 
LEU CD2  C  N N 267 
LEU OXT  O  N N 268 
LEU H    H  N N 269 
LEU H2   H  N N 270 
LEU HA   H  N N 271 
LEU HB2  H  N N 272 
LEU HB3  H  N N 273 
LEU HG   H  N N 274 
LEU HD11 H  N N 275 
LEU HD12 H  N N 276 
LEU HD13 H  N N 277 
LEU HD21 H  N N 278 
LEU HD22 H  N N 279 
LEU HD23 H  N N 280 
LEU HXT  H  N N 281 
LYS N    N  N N 282 
LYS CA   C  N S 283 
LYS C    C  N N 284 
LYS O    O  N N 285 
LYS CB   C  N N 286 
LYS CG   C  N N 287 
LYS CD   C  N N 288 
LYS CE   C  N N 289 
LYS NZ   N  N N 290 
LYS OXT  O  N N 291 
LYS H    H  N N 292 
LYS H2   H  N N 293 
LYS HA   H  N N 294 
LYS HB2  H  N N 295 
LYS HB3  H  N N 296 
LYS HG2  H  N N 297 
LYS HG3  H  N N 298 
LYS HD2  H  N N 299 
LYS HD3  H  N N 300 
LYS HE2  H  N N 301 
LYS HE3  H  N N 302 
LYS HZ1  H  N N 303 
LYS HZ2  H  N N 304 
LYS HZ3  H  N N 305 
LYS HXT  H  N N 306 
MET N    N  N N 307 
MET CA   C  N S 308 
MET C    C  N N 309 
MET O    O  N N 310 
MET CB   C  N N 311 
MET CG   C  N N 312 
MET SD   S  N N 313 
MET CE   C  N N 314 
MET OXT  O  N N 315 
MET H    H  N N 316 
MET H2   H  N N 317 
MET HA   H  N N 318 
MET HB2  H  N N 319 
MET HB3  H  N N 320 
MET HG2  H  N N 321 
MET HG3  H  N N 322 
MET HE1  H  N N 323 
MET HE2  H  N N 324 
MET HE3  H  N N 325 
MET HXT  H  N N 326 
PHE N    N  N N 327 
PHE CA   C  N S 328 
PHE C    C  N N 329 
PHE O    O  N N 330 
PHE CB   C  N N 331 
PHE CG   C  Y N 332 
PHE CD1  C  Y N 333 
PHE CD2  C  Y N 334 
PHE CE1  C  Y N 335 
PHE CE2  C  Y N 336 
PHE CZ   C  Y N 337 
PHE OXT  O  N N 338 
PHE H    H  N N 339 
PHE H2   H  N N 340 
PHE HA   H  N N 341 
PHE HB2  H  N N 342 
PHE HB3  H  N N 343 
PHE HD1  H  N N 344 
PHE HD2  H  N N 345 
PHE HE1  H  N N 346 
PHE HE2  H  N N 347 
PHE HZ   H  N N 348 
PHE HXT  H  N N 349 
PO4 P    P  N N 350 
PO4 O1   O  N N 351 
PO4 O2   O  N N 352 
PO4 O3   O  N N 353 
PO4 O4   O  N N 354 
PRO N    N  N N 355 
PRO CA   C  N S 356 
PRO C    C  N N 357 
PRO O    O  N N 358 
PRO CB   C  N N 359 
PRO CG   C  N N 360 
PRO CD   C  N N 361 
PRO OXT  O  N N 362 
PRO H    H  N N 363 
PRO HA   H  N N 364 
PRO HB2  H  N N 365 
PRO HB3  H  N N 366 
PRO HG2  H  N N 367 
PRO HG3  H  N N 368 
PRO HD2  H  N N 369 
PRO HD3  H  N N 370 
PRO HXT  H  N N 371 
SER N    N  N N 372 
SER CA   C  N S 373 
SER C    C  N N 374 
SER O    O  N N 375 
SER CB   C  N N 376 
SER OG   O  N N 377 
SER OXT  O  N N 378 
SER H    H  N N 379 
SER H2   H  N N 380 
SER HA   H  N N 381 
SER HB2  H  N N 382 
SER HB3  H  N N 383 
SER HG   H  N N 384 
SER HXT  H  N N 385 
THR N    N  N N 386 
THR CA   C  N S 387 
THR C    C  N N 388 
THR O    O  N N 389 
THR CB   C  N R 390 
THR OG1  O  N N 391 
THR CG2  C  N N 392 
THR OXT  O  N N 393 
THR H    H  N N 394 
THR H2   H  N N 395 
THR HA   H  N N 396 
THR HB   H  N N 397 
THR HG1  H  N N 398 
THR HG21 H  N N 399 
THR HG22 H  N N 400 
THR HG23 H  N N 401 
THR HXT  H  N N 402 
TRP N    N  N N 403 
TRP CA   C  N S 404 
TRP C    C  N N 405 
TRP O    O  N N 406 
TRP CB   C  N N 407 
TRP CG   C  Y N 408 
TRP CD1  C  Y N 409 
TRP CD2  C  Y N 410 
TRP NE1  N  Y N 411 
TRP CE2  C  Y N 412 
TRP CE3  C  Y N 413 
TRP CZ2  C  Y N 414 
TRP CZ3  C  Y N 415 
TRP CH2  C  Y N 416 
TRP OXT  O  N N 417 
TRP H    H  N N 418 
TRP H2   H  N N 419 
TRP HA   H  N N 420 
TRP HB2  H  N N 421 
TRP HB3  H  N N 422 
TRP HD1  H  N N 423 
TRP HE1  H  N N 424 
TRP HE3  H  N N 425 
TRP HZ2  H  N N 426 
TRP HZ3  H  N N 427 
TRP HH2  H  N N 428 
TRP HXT  H  N N 429 
TYR N    N  N N 430 
TYR CA   C  N S 431 
TYR C    C  N N 432 
TYR O    O  N N 433 
TYR CB   C  N N 434 
TYR CG   C  Y N 435 
TYR CD1  C  Y N 436 
TYR CD2  C  Y N 437 
TYR CE1  C  Y N 438 
TYR CE2  C  Y N 439 
TYR CZ   C  Y N 440 
TYR OH   O  N N 441 
TYR OXT  O  N N 442 
TYR H    H  N N 443 
TYR H2   H  N N 444 
TYR HA   H  N N 445 
TYR HB2  H  N N 446 
TYR HB3  H  N N 447 
TYR HD1  H  N N 448 
TYR HD2  H  N N 449 
TYR HE1  H  N N 450 
TYR HE2  H  N N 451 
TYR HH   H  N N 452 
TYR HXT  H  N N 453 
VAL N    N  N N 454 
VAL CA   C  N S 455 
VAL C    C  N N 456 
VAL O    O  N N 457 
VAL CB   C  N N 458 
VAL CG1  C  N N 459 
VAL CG2  C  N N 460 
VAL OXT  O  N N 461 
VAL H    H  N N 462 
VAL H2   H  N N 463 
VAL HA   H  N N 464 
VAL HB   H  N N 465 
VAL HG11 H  N N 466 
VAL HG12 H  N N 467 
VAL HG13 H  N N 468 
VAL HG21 H  N N 469 
VAL HG22 H  N N 470 
VAL HG23 H  N N 471 
VAL HXT  H  N N 472 
# 
loop_
_chem_comp_bond.comp_id 
_chem_comp_bond.atom_id_1 
_chem_comp_bond.atom_id_2 
_chem_comp_bond.value_order 
_chem_comp_bond.pdbx_aromatic_flag 
_chem_comp_bond.pdbx_stereo_config 
_chem_comp_bond.pdbx_ordinal 
ALA N   CA   sing N N 1   
ALA N   H    sing N N 2   
ALA N   H2   sing N N 3   
ALA CA  C    sing N N 4   
ALA CA  CB   sing N N 5   
ALA CA  HA   sing N N 6   
ALA C   O    doub N N 7   
ALA C   OXT  sing N N 8   
ALA CB  HB1  sing N N 9   
ALA CB  HB2  sing N N 10  
ALA CB  HB3  sing N N 11  
ALA OXT HXT  sing N N 12  
ARG N   CA   sing N N 13  
ARG N   H    sing N N 14  
ARG N   H2   sing N N 15  
ARG CA  C    sing N N 16  
ARG CA  CB   sing N N 17  
ARG CA  HA   sing N N 18  
ARG C   O    doub N N 19  
ARG C   OXT  sing N N 20  
ARG CB  CG   sing N N 21  
ARG CB  HB2  sing N N 22  
ARG CB  HB3  sing N N 23  
ARG CG  CD   sing N N 24  
ARG CG  HG2  sing N N 25  
ARG CG  HG3  sing N N 26  
ARG CD  NE   sing N N 27  
ARG CD  HD2  sing N N 28  
ARG CD  HD3  sing N N 29  
ARG NE  CZ   sing N N 30  
ARG NE  HE   sing N N 31  
ARG CZ  NH1  sing N N 32  
ARG CZ  NH2  doub N N 33  
ARG NH1 HH11 sing N N 34  
ARG NH1 HH12 sing N N 35  
ARG NH2 HH21 sing N N 36  
ARG NH2 HH22 sing N N 37  
ARG OXT HXT  sing N N 38  
ASN N   CA   sing N N 39  
ASN N   H    sing N N 40  
ASN N   H2   sing N N 41  
ASN CA  C    sing N N 42  
ASN CA  CB   sing N N 43  
ASN CA  HA   sing N N 44  
ASN C   O    doub N N 45  
ASN C   OXT  sing N N 46  
ASN CB  CG   sing N N 47  
ASN CB  HB2  sing N N 48  
ASN CB  HB3  sing N N 49  
ASN CG  OD1  doub N N 50  
ASN CG  ND2  sing N N 51  
ASN ND2 HD21 sing N N 52  
ASN ND2 HD22 sing N N 53  
ASN OXT HXT  sing N N 54  
ASP N   CA   sing N N 55  
ASP N   H    sing N N 56  
ASP N   H2   sing N N 57  
ASP CA  C    sing N N 58  
ASP CA  CB   sing N N 59  
ASP CA  HA   sing N N 60  
ASP C   O    doub N N 61  
ASP C   OXT  sing N N 62  
ASP CB  CG   sing N N 63  
ASP CB  HB2  sing N N 64  
ASP CB  HB3  sing N N 65  
ASP CG  OD1  doub N N 66  
ASP CG  OD2  sing N N 67  
ASP OD2 HD2  sing N N 68  
ASP OXT HXT  sing N N 69  
CYS N   CA   sing N N 70  
CYS N   H    sing N N 71  
CYS N   H2   sing N N 72  
CYS CA  C    sing N N 73  
CYS CA  CB   sing N N 74  
CYS CA  HA   sing N N 75  
CYS C   O    doub N N 76  
CYS C   OXT  sing N N 77  
CYS CB  SG   sing N N 78  
CYS CB  HB2  sing N N 79  
CYS CB  HB3  sing N N 80  
CYS SG  HG   sing N N 81  
CYS OXT HXT  sing N N 82  
GLN N   CA   sing N N 83  
GLN N   H    sing N N 84  
GLN N   H2   sing N N 85  
GLN CA  C    sing N N 86  
GLN CA  CB   sing N N 87  
GLN CA  HA   sing N N 88  
GLN C   O    doub N N 89  
GLN C   OXT  sing N N 90  
GLN CB  CG   sing N N 91  
GLN CB  HB2  sing N N 92  
GLN CB  HB3  sing N N 93  
GLN CG  CD   sing N N 94  
GLN CG  HG2  sing N N 95  
GLN CG  HG3  sing N N 96  
GLN CD  OE1  doub N N 97  
GLN CD  NE2  sing N N 98  
GLN NE2 HE21 sing N N 99  
GLN NE2 HE22 sing N N 100 
GLN OXT HXT  sing N N 101 
GLU N   CA   sing N N 102 
GLU N   H    sing N N 103 
GLU N   H2   sing N N 104 
GLU CA  C    sing N N 105 
GLU CA  CB   sing N N 106 
GLU CA  HA   sing N N 107 
GLU C   O    doub N N 108 
GLU C   OXT  sing N N 109 
GLU CB  CG   sing N N 110 
GLU CB  HB2  sing N N 111 
GLU CB  HB3  sing N N 112 
GLU CG  CD   sing N N 113 
GLU CG  HG2  sing N N 114 
GLU CG  HG3  sing N N 115 
GLU CD  OE1  doub N N 116 
GLU CD  OE2  sing N N 117 
GLU OE2 HE2  sing N N 118 
GLU OXT HXT  sing N N 119 
GLY N   CA   sing N N 120 
GLY N   H    sing N N 121 
GLY N   H2   sing N N 122 
GLY CA  C    sing N N 123 
GLY CA  HA2  sing N N 124 
GLY CA  HA3  sing N N 125 
GLY C   O    doub N N 126 
GLY C   OXT  sing N N 127 
GLY OXT HXT  sing N N 128 
HEC FE  NA   sing N N 129 
HEC FE  NB   sing N N 130 
HEC FE  NC   sing N N 131 
HEC FE  ND   sing N N 132 
HEC CHA C1A  doub N N 133 
HEC CHA C4D  sing N N 134 
HEC CHA HHA  sing N N 135 
HEC CHB C4A  doub N N 136 
HEC CHB C1B  sing N N 137 
HEC CHB HHB  sing N N 138 
HEC CHC C4B  doub N N 139 
HEC CHC C1C  sing N N 140 
HEC CHC HHC  sing N N 141 
HEC CHD C4C  doub N N 142 
HEC CHD C1D  sing N N 143 
HEC CHD HHD  sing N N 144 
HEC NA  C1A  sing Y N 145 
HEC NA  C4A  sing Y N 146 
HEC C1A C2A  sing Y N 147 
HEC C2A C3A  doub Y N 148 
HEC C2A CAA  sing N N 149 
HEC C3A C4A  sing Y N 150 
HEC C3A CMA  sing N N 151 
HEC CMA HMA1 sing N N 152 
HEC CMA HMA2 sing N N 153 
HEC CMA HMA3 sing N N 154 
HEC CAA CBA  sing N N 155 
HEC CAA HAA1 sing N N 156 
HEC CAA HAA2 sing N N 157 
HEC CBA CGA  sing N N 158 
HEC CBA HBA1 sing N N 159 
HEC CBA HBA2 sing N N 160 
HEC CGA O1A  doub N N 161 
HEC CGA O2A  sing N N 162 
HEC O2A H2A  sing N N 163 
HEC NB  C1B  sing Y N 164 
HEC NB  C4B  sing Y N 165 
HEC C1B C2B  doub Y N 166 
HEC C2B C3B  sing Y N 167 
HEC C2B CMB  sing N N 168 
HEC C3B C4B  sing Y N 169 
HEC C3B CAB  doub N E 170 
HEC CMB HMB1 sing N N 171 
HEC CMB HMB2 sing N N 172 
HEC CMB HMB3 sing N N 173 
HEC CAB CBB  sing N N 174 
HEC CAB HAB  sing N N 175 
HEC CBB HBB1 sing N N 176 
HEC CBB HBB2 sing N N 177 
HEC CBB HBB3 sing N N 178 
HEC NC  C1C  sing Y N 179 
HEC NC  C4C  sing Y N 180 
HEC C1C C2C  doub Y N 181 
HEC C2C C3C  sing Y N 182 
HEC C2C CMC  sing N N 183 
HEC C3C C4C  sing Y N 184 
HEC C3C CAC  doub N E 185 
HEC CMC HMC1 sing N N 186 
HEC CMC HMC2 sing N N 187 
HEC CMC HMC3 sing N N 188 
HEC CAC CBC  sing N N 189 
HEC CAC HAC  sing N N 190 
HEC CBC HBC1 sing N N 191 
HEC CBC HBC2 sing N N 192 
HEC CBC HBC3 sing N N 193 
HEC ND  C1D  sing Y N 194 
HEC ND  C4D  sing Y N 195 
HEC C1D C2D  doub Y N 196 
HEC C2D C3D  sing Y N 197 
HEC C2D CMD  sing N N 198 
HEC C3D C4D  doub Y N 199 
HEC C3D CAD  sing N N 200 
HEC CMD HMD1 sing N N 201 
HEC CMD HMD2 sing N N 202 
HEC CMD HMD3 sing N N 203 
HEC CAD CBD  sing N N 204 
HEC CAD HAD1 sing N N 205 
HEC CAD HAD2 sing N N 206 
HEC CBD CGD  sing N N 207 
HEC CBD HBD1 sing N N 208 
HEC CBD HBD2 sing N N 209 
HEC CGD O1D  doub N N 210 
HEC CGD O2D  sing N N 211 
HEC O2D H2D  sing N N 212 
HIS N   CA   sing N N 213 
HIS N   H    sing N N 214 
HIS N   H2   sing N N 215 
HIS CA  C    sing N N 216 
HIS CA  CB   sing N N 217 
HIS CA  HA   sing N N 218 
HIS C   O    doub N N 219 
HIS C   OXT  sing N N 220 
HIS CB  CG   sing N N 221 
HIS CB  HB2  sing N N 222 
HIS CB  HB3  sing N N 223 
HIS CG  ND1  sing Y N 224 
HIS CG  CD2  doub Y N 225 
HIS ND1 CE1  doub Y N 226 
HIS ND1 HD1  sing N N 227 
HIS CD2 NE2  sing Y N 228 
HIS CD2 HD2  sing N N 229 
HIS CE1 NE2  sing Y N 230 
HIS CE1 HE1  sing N N 231 
HIS NE2 HE2  sing N N 232 
HIS OXT HXT  sing N N 233 
HOH O   H1   sing N N 234 
HOH O   H2   sing N N 235 
ILE N   CA   sing N N 236 
ILE N   H    sing N N 237 
ILE N   H2   sing N N 238 
ILE CA  C    sing N N 239 
ILE CA  CB   sing N N 240 
ILE CA  HA   sing N N 241 
ILE C   O    doub N N 242 
ILE C   OXT  sing N N 243 
ILE CB  CG1  sing N N 244 
ILE CB  CG2  sing N N 245 
ILE CB  HB   sing N N 246 
ILE CG1 CD1  sing N N 247 
ILE CG1 HG12 sing N N 248 
ILE CG1 HG13 sing N N 249 
ILE CG2 HG21 sing N N 250 
ILE CG2 HG22 sing N N 251 
ILE CG2 HG23 sing N N 252 
ILE CD1 HD11 sing N N 253 
ILE CD1 HD12 sing N N 254 
ILE CD1 HD13 sing N N 255 
ILE OXT HXT  sing N N 256 
LEU N   CA   sing N N 257 
LEU N   H    sing N N 258 
LEU N   H2   sing N N 259 
LEU CA  C    sing N N 260 
LEU CA  CB   sing N N 261 
LEU CA  HA   sing N N 262 
LEU C   O    doub N N 263 
LEU C   OXT  sing N N 264 
LEU CB  CG   sing N N 265 
LEU CB  HB2  sing N N 266 
LEU CB  HB3  sing N N 267 
LEU CG  CD1  sing N N 268 
LEU CG  CD2  sing N N 269 
LEU CG  HG   sing N N 270 
LEU CD1 HD11 sing N N 271 
LEU CD1 HD12 sing N N 272 
LEU CD1 HD13 sing N N 273 
LEU CD2 HD21 sing N N 274 
LEU CD2 HD22 sing N N 275 
LEU CD2 HD23 sing N N 276 
LEU OXT HXT  sing N N 277 
LYS N   CA   sing N N 278 
LYS N   H    sing N N 279 
LYS N   H2   sing N N 280 
LYS CA  C    sing N N 281 
LYS CA  CB   sing N N 282 
LYS CA  HA   sing N N 283 
LYS C   O    doub N N 284 
LYS C   OXT  sing N N 285 
LYS CB  CG   sing N N 286 
LYS CB  HB2  sing N N 287 
LYS CB  HB3  sing N N 288 
LYS CG  CD   sing N N 289 
LYS CG  HG2  sing N N 290 
LYS CG  HG3  sing N N 291 
LYS CD  CE   sing N N 292 
LYS CD  HD2  sing N N 293 
LYS CD  HD3  sing N N 294 
LYS CE  NZ   sing N N 295 
LYS CE  HE2  sing N N 296 
LYS CE  HE3  sing N N 297 
LYS NZ  HZ1  sing N N 298 
LYS NZ  HZ2  sing N N 299 
LYS NZ  HZ3  sing N N 300 
LYS OXT HXT  sing N N 301 
MET N   CA   sing N N 302 
MET N   H    sing N N 303 
MET N   H2   sing N N 304 
MET CA  C    sing N N 305 
MET CA  CB   sing N N 306 
MET CA  HA   sing N N 307 
MET C   O    doub N N 308 
MET C   OXT  sing N N 309 
MET CB  CG   sing N N 310 
MET CB  HB2  sing N N 311 
MET CB  HB3  sing N N 312 
MET CG  SD   sing N N 313 
MET CG  HG2  sing N N 314 
MET CG  HG3  sing N N 315 
MET SD  CE   sing N N 316 
MET CE  HE1  sing N N 317 
MET CE  HE2  sing N N 318 
MET CE  HE3  sing N N 319 
MET OXT HXT  sing N N 320 
PHE N   CA   sing N N 321 
PHE N   H    sing N N 322 
PHE N   H2   sing N N 323 
PHE CA  C    sing N N 324 
PHE CA  CB   sing N N 325 
PHE CA  HA   sing N N 326 
PHE C   O    doub N N 327 
PHE C   OXT  sing N N 328 
PHE CB  CG   sing N N 329 
PHE CB  HB2  sing N N 330 
PHE CB  HB3  sing N N 331 
PHE CG  CD1  doub Y N 332 
PHE CG  CD2  sing Y N 333 
PHE CD1 CE1  sing Y N 334 
PHE CD1 HD1  sing N N 335 
PHE CD2 CE2  doub Y N 336 
PHE CD2 HD2  sing N N 337 
PHE CE1 CZ   doub Y N 338 
PHE CE1 HE1  sing N N 339 
PHE CE2 CZ   sing Y N 340 
PHE CE2 HE2  sing N N 341 
PHE CZ  HZ   sing N N 342 
PHE OXT HXT  sing N N 343 
PO4 P   O1   doub N N 344 
PO4 P   O2   sing N N 345 
PO4 P   O3   sing N N 346 
PO4 P   O4   sing N N 347 
PRO N   CA   sing N N 348 
PRO N   CD   sing N N 349 
PRO N   H    sing N N 350 
PRO CA  C    sing N N 351 
PRO CA  CB   sing N N 352 
PRO CA  HA   sing N N 353 
PRO C   O    doub N N 354 
PRO C   OXT  sing N N 355 
PRO CB  CG   sing N N 356 
PRO CB  HB2  sing N N 357 
PRO CB  HB3  sing N N 358 
PRO CG  CD   sing N N 359 
PRO CG  HG2  sing N N 360 
PRO CG  HG3  sing N N 361 
PRO CD  HD2  sing N N 362 
PRO CD  HD3  sing N N 363 
PRO OXT HXT  sing N N 364 
SER N   CA   sing N N 365 
SER N   H    sing N N 366 
SER N   H2   sing N N 367 
SER CA  C    sing N N 368 
SER CA  CB   sing N N 369 
SER CA  HA   sing N N 370 
SER C   O    doub N N 371 
SER C   OXT  sing N N 372 
SER CB  OG   sing N N 373 
SER CB  HB2  sing N N 374 
SER CB  HB3  sing N N 375 
SER OG  HG   sing N N 376 
SER OXT HXT  sing N N 377 
THR N   CA   sing N N 378 
THR N   H    sing N N 379 
THR N   H2   sing N N 380 
THR CA  C    sing N N 381 
THR CA  CB   sing N N 382 
THR CA  HA   sing N N 383 
THR C   O    doub N N 384 
THR C   OXT  sing N N 385 
THR CB  OG1  sing N N 386 
THR CB  CG2  sing N N 387 
THR CB  HB   sing N N 388 
THR OG1 HG1  sing N N 389 
THR CG2 HG21 sing N N 390 
THR CG2 HG22 sing N N 391 
THR CG2 HG23 sing N N 392 
THR OXT HXT  sing N N 393 
TRP N   CA   sing N N 394 
TRP N   H    sing N N 395 
TRP N   H2   sing N N 396 
TRP CA  C    sing N N 397 
TRP CA  CB   sing N N 398 
TRP CA  HA   sing N N 399 
TRP C   O    doub N N 400 
TRP C   OXT  sing N N 401 
TRP CB  CG   sing N N 402 
TRP CB  HB2  sing N N 403 
TRP CB  HB3  sing N N 404 
TRP CG  CD1  doub Y N 405 
TRP CG  CD2  sing Y N 406 
TRP CD1 NE1  sing Y N 407 
TRP CD1 HD1  sing N N 408 
TRP CD2 CE2  doub Y N 409 
TRP CD2 CE3  sing Y N 410 
TRP NE1 CE2  sing Y N 411 
TRP NE1 HE1  sing N N 412 
TRP CE2 CZ2  sing Y N 413 
TRP CE3 CZ3  doub Y N 414 
TRP CE3 HE3  sing N N 415 
TRP CZ2 CH2  doub Y N 416 
TRP CZ2 HZ2  sing N N 417 
TRP CZ3 CH2  sing Y N 418 
TRP CZ3 HZ3  sing N N 419 
TRP CH2 HH2  sing N N 420 
TRP OXT HXT  sing N N 421 
TYR N   CA   sing N N 422 
TYR N   H    sing N N 423 
TYR N   H2   sing N N 424 
TYR CA  C    sing N N 425 
TYR CA  CB   sing N N 426 
TYR CA  HA   sing N N 427 
TYR C   O    doub N N 428 
TYR C   OXT  sing N N 429 
TYR CB  CG   sing N N 430 
TYR CB  HB2  sing N N 431 
TYR CB  HB3  sing N N 432 
TYR CG  CD1  doub Y N 433 
TYR CG  CD2  sing Y N 434 
TYR CD1 CE1  sing Y N 435 
TYR CD1 HD1  sing N N 436 
TYR CD2 CE2  doub Y N 437 
TYR CD2 HD2  sing N N 438 
TYR CE1 CZ   doub Y N 439 
TYR CE1 HE1  sing N N 440 
TYR CE2 CZ   sing Y N 441 
TYR CE2 HE2  sing N N 442 
TYR CZ  OH   sing N N 443 
TYR OH  HH   sing N N 444 
TYR OXT HXT  sing N N 445 
VAL N   CA   sing N N 446 
VAL N   H    sing N N 447 
VAL N   H2   sing N N 448 
VAL CA  C    sing N N 449 
VAL CA  CB   sing N N 450 
VAL CA  HA   sing N N 451 
VAL C   O    doub N N 452 
VAL C   OXT  sing N N 453 
VAL CB  CG1  sing N N 454 
VAL CB  CG2  sing N N 455 
VAL CB  HB   sing N N 456 
VAL CG1 HG11 sing N N 457 
VAL CG1 HG12 sing N N 458 
VAL CG1 HG13 sing N N 459 
VAL CG2 HG21 sing N N 460 
VAL CG2 HG22 sing N N 461 
VAL CG2 HG23 sing N N 462 
VAL OXT HXT  sing N N 463 
# 
_atom_sites.entry_id                    2AIU 
_atom_sites.fract_transf_matrix[1][1]   -0.01252683 
_atom_sites.fract_transf_matrix[1][2]   0.00386898 
_atom_sites.fract_transf_matrix[1][3]   0.00328921 
_atom_sites.fract_transf_matrix[2][1]   -0.00357266 
_atom_sites.fract_transf_matrix[2][2]   -0.00049254 
_atom_sites.fract_transf_matrix[2][3]   -0.01302700 
_atom_sites.fract_transf_matrix[3][1]   -0.00802966 
_atom_sites.fract_transf_matrix[3][2]   -0.02879584 
_atom_sites.fract_transf_matrix[3][3]   0.00329089 
_atom_sites.fract_transf_vector[1]      -0.001537 
_atom_sites.fract_transf_vector[2]      0.196788 
_atom_sites.fract_transf_vector[3]      0.172681 
# 
loop_
_atom_type.symbol 
C  
FE 
N  
O  
P  
S  
# 
loop_
_atom_site.group_PDB 
_atom_site.id 
_atom_site.type_symbol 
_atom_site.label_atom_id 
_atom_site.label_alt_id 
_atom_site.label_comp_id 
_atom_site.label_asym_id 
_atom_site.label_entity_id 
_atom_site.label_seq_id 
_atom_site.pdbx_PDB_ins_code 
_atom_site.Cartn_x 
_atom_site.Cartn_y 
_atom_site.Cartn_z 
_atom_site.occupancy 
_atom_site.B_iso_or_equiv 
_atom_site.pdbx_formal_charge 
_atom_site.auth_seq_id 
_atom_site.auth_comp_id 
_atom_site.auth_asym_id 
_atom_site.auth_atom_id 
_atom_site.pdbx_PDB_model_num 
ATOM   1    N  N   . GLY A 1 2   ? 5.953   -12.843 9.237   1.00 20.32 ? 2   GLY A N   1 
ATOM   2    C  CA  . GLY A 1 2   ? 5.570   -12.519 7.833   1.00 18.42 ? 2   GLY A CA  1 
ATOM   3    C  C   . GLY A 1 2   ? 6.427   -13.277 6.829   1.00 18.11 ? 2   GLY A C   1 
ATOM   4    O  O   . GLY A 1 2   ? 7.627   -13.455 7.030   1.00 18.71 ? 2   GLY A O   1 
ATOM   5    N  N   . ASP A 1 3   ? 5.806   -13.706 5.731   1.00 16.17 ? 3   ASP A N   1 
ATOM   6    C  CA  . ASP A 1 3   ? 6.487   -14.457 4.669   1.00 14.86 ? 3   ASP A CA  1 
ATOM   7    C  C   . ASP A 1 3   ? 6.438   -13.631 3.370   1.00 13.84 ? 3   ASP A C   1 
ATOM   8    O  O   . ASP A 1 3   ? 5.406   -13.591 2.679   1.00 12.37 ? 3   ASP A O   1 
ATOM   9    C  CB  . ASP A 1 3   ? 5.791   -15.826 4.525   1.00 16.04 ? 3   ASP A CB  1 
ATOM   10   C  CG  . ASP A 1 3   ? 6.197   -16.613 3.262   1.00 16.36 ? 3   ASP A CG  1 
ATOM   11   O  OD1 . ASP A 1 3   ? 7.119   -16.203 2.533   1.00 15.70 ? 3   ASP A OD1 1 
ATOM   12   O  OD2 . ASP A 1 3   ? 5.560   -17.666 3.011   1.00 17.06 ? 3   ASP A OD2 1 
ATOM   13   N  N   . ALA A 1 4   ? 7.564   -12.996 3.045   1.00 13.19 ? 4   ALA A N   1 
ATOM   14   C  CA  . ALA A 1 4   ? 7.679   -12.147 1.855   1.00 12.49 ? 4   ALA A CA  1 
ATOM   15   C  C   . ALA A 1 4   ? 7.459   -12.887 0.540   1.00 12.51 ? 4   ALA A C   1 
ATOM   16   O  O   . ALA A 1 4   ? 6.939   -12.305 -0.412  1.00 12.50 ? 4   ALA A O   1 
ATOM   17   C  CB  . ALA A 1 4   ? 9.026   -11.442 1.833   1.00 12.75 ? 4   ALA A CB  1 
ATOM   18   N  N   . GLU A 1 5   ? 7.862   -14.157 0.479   1.00 12.98 ? 5   GLU A N   1 
ATOM   19   C  CA  . GLU A 1 5   ? 7.674   -14.930 -0.740  1.00 14.01 ? 5   GLU A CA  1 
ATOM   20   C  C   . GLU A 1 5   ? 6.185   -15.118 -0.986  1.00 13.23 ? 5   GLU A C   1 
ATOM   21   O  O   . GLU A 1 5   ? 5.710   -14.973 -2.124  1.00 13.11 ? 5   GLU A O   1 
ATOM   22   C  CB  . GLU A 1 5   ? 8.386   -16.291 -0.676  1.00 16.08 ? 5   GLU A CB  1 
ATOM   23   C  CG  . GLU A 1 5   ? 9.825   -16.240 -1.170  1.00 21.67 ? 5   GLU A CG  1 
ATOM   24   C  CD  . GLU A 1 5   ? 9.942   -15.648 -2.578  1.00 22.29 ? 5   GLU A CD  1 
ATOM   25   O  OE1 . GLU A 1 5   ? 9.490   -16.273 -3.552  1.00 26.04 ? 5   GLU A OE1 1 
ATOM   26   O  OE2 . GLU A 1 5   ? 10.469  -14.533 -2.701  1.00 26.59 ? 5   GLU A OE2 1 
ATOM   27   N  N   . ALA A 1 6   ? 5.437   -15.450 0.063   1.00 11.74 ? 6   ALA A N   1 
ATOM   28   C  CA  . ALA A 1 6   ? 3.974   -15.579 -0.096  1.00 11.08 ? 6   ALA A CA  1 
ATOM   29   C  C   . ALA A 1 6   ? 3.394   -14.204 -0.429  1.00 10.18 ? 6   ALA A C   1 
ATOM   30   O  O   . ALA A 1 6   ? 2.454   -14.055 -1.243  1.00 9.19  ? 6   ALA A O   1 
ATOM   31   C  CB  . ALA A 1 6   ? 3.353   -16.077 1.196   1.00 12.32 ? 6   ALA A CB  1 
ATOM   32   N  N   . GLY A 1 7   ? 3.965   -13.188 0.208   1.00 9.91  ? 7   GLY A N   1 
ATOM   33   C  CA  . GLY A 1 7   ? 3.519   -11.828 -0.013  1.00 9.72  ? 7   GLY A CA  1 
ATOM   34   C  C   . GLY A 1 7   ? 3.688   -11.364 -1.435  1.00 10.21 ? 7   GLY A C   1 
ATOM   35   O  O   . GLY A 1 7   ? 2.838   -10.651 -1.945  1.00 8.84  ? 7   GLY A O   1 
ATOM   36   N  N   . LYS A 1 8   ? 4.804   -11.734 -2.061  1.00 9.52  ? 8   LYS A N   1 
ATOM   37   C  CA  . LYS A 1 8   ? 5.065   -11.361 -3.438  1.00 10.28 ? 8   LYS A CA  1 
ATOM   38   C  C   . LYS A 1 8   ? 3.945   -11.856 -4.359  1.00 10.55 ? 8   LYS A C   1 
ATOM   39   O  O   . LYS A 1 8   ? 3.479   -11.115 -5.240  1.00 11.10 ? 8   LYS A O   1 
ATOM   40   C  CB  . LYS A 1 8   ? 6.425   -11.937 -3.861  1.00 12.72 ? 8   LYS A CB  1 
ATOM   41   C  CG  . LYS A 1 8   ? 6.796   -11.698 -5.315  1.00 16.20 ? 8   LYS A CG  1 
ATOM   42   C  CD  . LYS A 1 8   ? 8.096   -12.445 -5.691  1.00 18.58 ? 8   LYS A CD  1 
ATOM   43   C  CE  . LYS A 1 8   ? 9.273   -12.031 -4.804  1.00 21.34 ? 8   LYS A CE  1 
ATOM   44   N  NZ  . LYS A 1 8   ? 10.576  -12.712 -5.176  1.00 22.80 ? 8   LYS A NZ  1 
ATOM   45   N  N   . LYS A 1 9   ? 3.474   -13.080 -4.135  1.00 10.46 ? 9   LYS A N   1 
ATOM   46   C  CA  . LYS A 1 9   ? 2.430   -13.630 -4.994  1.00 10.87 ? 9   LYS A CA  1 
ATOM   47   C  C   . LYS A 1 9   ? 1.112   -12.898 -4.763  1.00 10.08 ? 9   LYS A C   1 
ATOM   48   O  O   . LYS A 1 9   ? 0.349   -12.678 -5.704  1.00 10.92 ? 9   LYS A O   1 
ATOM   49   C  CB  . LYS A 1 9   ? 2.242   -15.120 -4.719  1.00 12.15 ? 9   LYS A CB  1 
ATOM   50   C  CG  . LYS A 1 9   ? 3.440   -15.969 -5.143  1.00 14.61 ? 9   LYS A CG  1 
ATOM   51   C  CD  . LYS A 1 9   ? 3.158   -17.453 -4.887  1.00 18.15 ? 9   LYS A CD  1 
ATOM   52   C  CE  . LYS A 1 9   ? 4.336   -18.331 -5.233  1.00 20.76 ? 9   LYS A CE  1 
ATOM   53   N  NZ  . LYS A 1 9   ? 5.648   -17.786 -4.762  1.00 24.59 ? 9   LYS A NZ  1 
ATOM   54   N  N   . ILE A 1 10  ? 0.841   -12.556 -3.508  1.00 9.03  ? 10  ILE A N   1 
ATOM   55   C  CA  . ILE A 1 10  ? -0.384  -11.817 -3.191  1.00 8.68  ? 10  ILE A CA  1 
ATOM   56   C  C   . ILE A 1 10  ? -0.339  -10.433 -3.880  1.00 9.59  ? 10  ILE A C   1 
ATOM   57   O  O   . ILE A 1 10  ? -1.341  -9.962  -4.439  1.00 9.78  ? 10  ILE A O   1 
ATOM   58   C  CB  . ILE A 1 10  ? -0.559  -11.635 -1.647  1.00 8.87  ? 10  ILE A CB  1 
ATOM   59   C  CG1 . ILE A 1 10  ? -0.793  -12.997 -0.988  1.00 10.87 ? 10  ILE A CG1 1 
ATOM   60   C  CG2 . ILE A 1 10  ? -1.787  -10.737 -1.353  1.00 8.83  ? 10  ILE A CG2 1 
ATOM   61   C  CD1 . ILE A 1 10  ? -0.573  -13.003 0.471   1.00 12.42 ? 10  ILE A CD1 1 
ATOM   62   N  N   . PHE A 1 11  ? 0.826   -9.803  -3.877  1.00 8.92  ? 11  PHE A N   1 
ATOM   63   C  CA  . PHE A 1 11  ? 0.977   -8.496  -4.508  1.00 9.69  ? 11  PHE A CA  1 
ATOM   64   C  C   . PHE A 1 11  ? 0.626   -8.556  -5.996  1.00 9.99  ? 11  PHE A C   1 
ATOM   65   O  O   . PHE A 1 11  ? -0.088  -7.699  -6.528  1.00 9.71  ? 11  PHE A O   1 
ATOM   66   C  CB  . PHE A 1 11  ? 2.425   -7.984  -4.355  1.00 9.41  ? 11  PHE A CB  1 
ATOM   67   C  CG  . PHE A 1 11  ? 2.702   -6.746  -5.158  1.00 10.21 ? 11  PHE A CG  1 
ATOM   68   C  CD1 . PHE A 1 11  ? 2.276   -5.506  -4.709  1.00 12.22 ? 11  PHE A CD1 1 
ATOM   69   C  CD2 . PHE A 1 11  ? 3.323   -6.835  -6.412  1.00 11.20 ? 11  PHE A CD2 1 
ATOM   70   C  CE1 . PHE A 1 11  ? 2.452   -4.353  -5.500  1.00 12.84 ? 11  PHE A CE1 1 
ATOM   71   C  CE2 . PHE A 1 11  ? 3.505   -5.694  -7.208  1.00 12.17 ? 11  PHE A CE2 1 
ATOM   72   C  CZ  . PHE A 1 11  ? 3.064   -4.453  -6.748  1.00 12.24 ? 11  PHE A CZ  1 
ATOM   73   N  N   . VAL A 1 12  ? 1.146   -9.567  -6.681  1.00 9.96  ? 12  VAL A N   1 
ATOM   74   C  CA  . VAL A 1 12  ? 0.873   -9.713  -8.111  1.00 10.99 ? 12  VAL A CA  1 
ATOM   75   C  C   . VAL A 1 12  ? -0.612  -9.963  -8.376  1.00 10.94 ? 12  VAL A C   1 
ATOM   76   O  O   . VAL A 1 12  ? -1.206  -9.378  -9.295  1.00 11.80 ? 12  VAL A O   1 
ATOM   77   C  CB  . VAL A 1 12  ? 1.724   -10.866 -8.699  1.00 11.05 ? 12  VAL A CB  1 
ATOM   78   C  CG1 . VAL A 1 12  ? 1.296   -11.165 -10.135 1.00 12.23 ? 12  VAL A CG1 1 
ATOM   79   C  CG2 . VAL A 1 12  ? 3.222   -10.467 -8.690  1.00 11.46 ? 12  VAL A CG2 1 
ATOM   80   N  N   . GLN A 1 13  ? -1.207  -10.829 -7.569  1.00 10.49 ? 13  GLN A N   1 
ATOM   81   C  CA  . GLN A 1 13  ? -2.616  -11.158 -7.734  1.00 11.45 ? 13  GLN A CA  1 
ATOM   82   C  C   . GLN A 1 13  ? -3.586  -10.019 -7.458  1.00 11.37 ? 13  GLN A C   1 
ATOM   83   O  O   . GLN A 1 13  ? -4.571  -9.833  -8.198  1.00 12.67 ? 13  GLN A O   1 
ATOM   84   C  CB  . GLN A 1 13  ? -2.987  -12.337 -6.838  1.00 13.86 ? 13  GLN A CB  1 
ATOM   85   C  CG  . GLN A 1 13  ? -4.420  -12.841 -6.987  1.00 18.40 ? 13  GLN A CG  1 
ATOM   86   C  CD  . GLN A 1 13  ? -4.763  -13.944 -5.980  1.00 20.68 ? 13  GLN A CD  1 
ATOM   87   O  OE1 . GLN A 1 13  ? -3.886  -14.674 -5.519  1.00 24.81 ? 13  GLN A OE1 1 
ATOM   88   N  NE2 . GLN A 1 13  ? -6.042  -14.078 -5.655  1.00 21.44 ? 13  GLN A NE2 1 
ATOM   89   N  N   . LYS A 1 14  ? -3.302  -9.237  -6.426  1.00 10.60 ? 14  LYS A N   1 
ATOM   90   C  CA  . LYS A 1 14  ? -4.237  -8.195  -6.028  1.00 9.53  ? 14  LYS A CA  1 
ATOM   91   C  C   . LYS A 1 14  ? -3.817  -6.742  -6.121  1.00 9.88  ? 14  LYS A C   1 
ATOM   92   O  O   . LYS A 1 14  ? -4.676  -5.873  -6.079  1.00 10.25 ? 14  LYS A O   1 
ATOM   93   C  CB  . LYS A 1 14  ? -4.699  -8.462  -4.596  1.00 11.41 ? 14  LYS A CB  1 
ATOM   94   C  CG  . LYS A 1 14  ? -5.300  -9.854  -4.394  1.00 12.98 ? 14  LYS A CG  1 
ATOM   95   C  CD  . LYS A 1 14  ? -5.741  -10.124 -2.967  1.00 14.63 ? 14  LYS A CD  1 
ATOM   96   C  CE  . LYS A 1 14  ? -6.518  -11.456 -2.899  1.00 15.28 ? 14  LYS A CE  1 
ATOM   97   N  NZ  . LYS A 1 14  ? -6.997  -11.760 -1.536  1.00 16.45 ? 14  LYS A NZ  1 
ATOM   98   N  N   . CYS A 1 15  ? -2.522  -6.457  -6.249  1.00 7.23  ? 15  CYS A N   1 
ATOM   99   C  CA  . CYS A 1 15  ? -2.087  -5.056  -6.231  1.00 8.59  ? 15  CYS A CA  1 
ATOM   100  C  C   . CYS A 1 15  ? -1.385  -4.541  -7.466  1.00 7.58  ? 15  CYS A C   1 
ATOM   101  O  O   . CYS A 1 15  ? -1.509  -3.360  -7.811  1.00 8.41  ? 15  CYS A O   1 
ATOM   102  C  CB  . CYS A 1 15  ? -1.118  -4.830  -5.073  1.00 6.31  ? 15  CYS A CB  1 
ATOM   103  S  SG  . CYS A 1 15  ? -1.608  -5.561  -3.476  1.00 8.69  ? 15  CYS A SG  1 
ATOM   104  N  N   . ALA A 1 16  ? -0.638  -5.423  -8.125  1.00 9.10  ? 16  ALA A N   1 
ATOM   105  C  CA  . ALA A 1 16  ? 0.146   -5.006  -9.287  1.00 9.29  ? 16  ALA A CA  1 
ATOM   106  C  C   . ALA A 1 16  ? -0.627  -4.341  -10.421 1.00 9.93  ? 16  ALA A C   1 
ATOM   107  O  O   . ALA A 1 16  ? -0.050  -3.529  -11.132 1.00 10.99 ? 16  ALA A O   1 
ATOM   108  C  CB  . ALA A 1 16  ? 0.927   -6.183  -9.824  1.00 9.17  ? 16  ALA A CB  1 
ATOM   109  N  N   . GLN A 1 17  ? -1.910  -4.664  -10.583 1.00 9.87  ? 17  GLN A N   1 
ATOM   110  C  CA  . GLN A 1 17  ? -2.684  -4.044  -11.653 1.00 12.00 ? 17  GLN A CA  1 
ATOM   111  C  C   . GLN A 1 17  ? -2.718  -2.527  -11.497 1.00 10.63 ? 17  GLN A C   1 
ATOM   112  O  O   . GLN A 1 17  ? -2.849  -1.805  -12.492 1.00 11.44 ? 17  GLN A O   1 
ATOM   113  C  CB  . GLN A 1 17  ? -4.126  -4.568  -11.698 1.00 15.54 ? 17  GLN A CB  1 
ATOM   114  C  CG  . GLN A 1 17  ? -4.910  -4.453  -10.395 1.00 19.83 ? 17  GLN A CG  1 
ATOM   115  C  CD  . GLN A 1 17  ? -6.424  -4.689  -10.558 1.00 23.96 ? 17  GLN A CD  1 
ATOM   116  O  OE1 . GLN A 1 17  ? -6.854  -5.612  -11.236 1.00 27.49 ? 17  GLN A OE1 1 
ATOM   117  N  NE2 . GLN A 1 17  ? -7.221  -3.850  -9.920  1.00 26.75 ? 17  GLN A NE2 1 
ATOM   118  N  N   . CYS A 1 18  ? -2.588  -2.027  -10.258 1.00 10.12 ? 18  CYS A N   1 
ATOM   119  C  CA  . CYS A 1 18  ? -2.613  -0.579  -10.056 1.00 9.31  ? 18  CYS A CA  1 
ATOM   120  C  C   . CYS A 1 18  ? -1.355  0.039   -9.465  1.00 9.26  ? 18  CYS A C   1 
ATOM   121  O  O   . CYS A 1 18  ? -1.255  1.273   -9.413  1.00 8.54  ? 18  CYS A O   1 
ATOM   122  C  CB  . CYS A 1 18  ? -3.779  -0.176  -9.149  1.00 9.91  ? 18  CYS A CB  1 
ATOM   123  S  SG  . CYS A 1 18  ? -5.506  -0.658  -9.718  1.00 9.90  ? 18  CYS A SG  1 
ATOM   124  N  N   . HIS A 1 19  ? -0.404  -0.796  -9.044  1.00 8.78  ? 19  HIS A N   1 
ATOM   125  C  CA  . HIS A 1 19  ? 0.809   -0.312  -8.375  1.00 8.58  ? 19  HIS A CA  1 
ATOM   126  C  C   . HIS A 1 19  ? 2.110   -0.993  -8.757  1.00 8.95  ? 19  HIS A C   1 
ATOM   127  O  O   . HIS A 1 19  ? 2.145   -2.218  -8.980  1.00 8.85  ? 19  HIS A O   1 
ATOM   128  C  CB  . HIS A 1 19  ? 0.733   -0.567  -6.847  1.00 8.17  ? 19  HIS A CB  1 
ATOM   129  C  CG  . HIS A 1 19  ? -0.302  0.232   -6.118  1.00 7.82  ? 19  HIS A CG  1 
ATOM   130  N  ND1 . HIS A 1 19  ? -0.113  1.550   -5.763  1.00 7.31  ? 19  HIS A ND1 1 
ATOM   131  C  CD2 . HIS A 1 19  ? -1.492  -0.136  -5.589  1.00 6.98  ? 19  HIS A CD2 1 
ATOM   132  C  CE1 . HIS A 1 19  ? -1.141  1.964   -5.039  1.00 6.86  ? 19  HIS A CE1 1 
ATOM   133  N  NE2 . HIS A 1 19  ? -1.988  0.955   -4.917  1.00 6.41  ? 19  HIS A NE2 1 
ATOM   134  N  N   . THR A 1 20  ? 3.177   -0.202  -8.773  1.00 9.17  ? 20  THR A N   1 
ATOM   135  C  CA  . THR A 1 20  ? 4.523   -0.734  -8.910  1.00 10.21 ? 20  THR A CA  1 
ATOM   136  C  C   . THR A 1 20  ? 5.138   -0.435  -7.524  1.00 10.14 ? 20  THR A C   1 
ATOM   137  O  O   . THR A 1 20  ? 4.640   0.425   -6.755  1.00 9.56  ? 20  THR A O   1 
ATOM   138  C  CB  . THR A 1 20  ? 5.375   -0.025  -9.998  1.00 11.16 ? 20  THR A CB  1 
ATOM   139  O  OG1 . THR A 1 20  ? 5.470   1.372   -9.722  1.00 10.91 ? 20  THR A OG1 1 
ATOM   140  C  CG2 . THR A 1 20  ? 4.757   -0.226  -11.385 1.00 11.26 ? 20  THR A CG2 1 
ATOM   141  N  N   . VAL A 1 21  ? 6.204   -1.145  -7.191  1.00 9.65  ? 21  VAL A N   1 
ATOM   142  C  CA  . VAL A 1 21  ? 6.847   -0.947  -5.893  1.00 10.18 ? 21  VAL A CA  1 
ATOM   143  C  C   . VAL A 1 21  ? 8.328   -0.626  -5.969  1.00 10.24 ? 21  VAL A C   1 
ATOM   144  O  O   . VAL A 1 21  ? 8.908   -0.114  -4.997  1.00 9.76  ? 21  VAL A O   1 
ATOM   145  C  CB  . VAL A 1 21  ? 6.638   -2.206  -4.975  1.00 9.96  ? 21  VAL A CB  1 
ATOM   146  C  CG1 . VAL A 1 21  ? 5.167   -2.328  -4.593  1.00 10.58 ? 21  VAL A CG1 1 
ATOM   147  C  CG2 . VAL A 1 21  ? 7.121   -3.479  -5.693  1.00 12.49 ? 21  VAL A CG2 1 
ATOM   148  N  N   . GLU A 1 22  ? 8.943   -0.889  -7.118  1.00 10.15 ? 22  GLU A N   1 
ATOM   149  C  CA  . GLU A 1 22  ? 10.389  -0.690  -7.227  1.00 11.22 ? 22  GLU A CA  1 
ATOM   150  C  C   . GLU A 1 22  ? 10.817  0.754   -7.313  1.00 11.43 ? 22  GLU A C   1 
ATOM   151  O  O   . GLU A 1 22  ? 10.017  1.626   -7.640  1.00 8.85  ? 22  GLU A O   1 
ATOM   152  C  CB  . GLU A 1 22  ? 10.955  -1.450  -8.429  1.00 12.03 ? 22  GLU A CB  1 
ATOM   153  C  CG  . GLU A 1 22  ? 10.720  -0.810  -9.768  1.00 13.23 ? 22  GLU A CG  1 
ATOM   154  C  CD  . GLU A 1 22  ? 9.352   -1.102  -10.337 1.00 15.90 ? 22  GLU A CD  1 
ATOM   155  O  OE1 . GLU A 1 22  ? 9.140   -0.713  -11.495 1.00 17.98 ? 22  GLU A OE1 1 
ATOM   156  O  OE2 . GLU A 1 22  ? 8.516   -1.716  -9.632  1.00 16.00 ? 22  GLU A OE2 1 
ATOM   157  N  N   . LYS A 1 23  ? 12.092  1.008   -7.013  1.00 12.52 ? 23  LYS A N   1 
ATOM   158  C  CA  . LYS A 1 23  ? 12.605  2.380   -7.062  1.00 12.50 ? 23  LYS A CA  1 
ATOM   159  C  C   . LYS A 1 23  ? 12.561  2.908   -8.496  1.00 12.66 ? 23  LYS A C   1 
ATOM   160  O  O   . LYS A 1 23  ? 13.053  2.241   -9.418  1.00 12.41 ? 23  LYS A O   1 
ATOM   161  C  CB  . LYS A 1 23  ? 14.042  2.433   -6.541  1.00 15.24 ? 23  LYS A CB  1 
ATOM   162  C  CG  . LYS A 1 23  ? 14.535  3.869   -6.402  1.00 16.70 ? 23  LYS A CG  1 
ATOM   163  C  CD  . LYS A 1 23  ? 15.879  3.973   -5.677  1.00 20.89 ? 23  LYS A CD  1 
ATOM   164  C  CE  . LYS A 1 23  ? 16.998  3.370   -6.498  1.00 22.59 ? 23  LYS A CE  1 
ATOM   165  N  NZ  . LYS A 1 23  ? 17.345  4.200   -7.692  1.00 25.40 ? 23  LYS A NZ  1 
ATOM   166  N  N   . GLY A 1 24  ? 12.006  4.105   -8.657  1.00 13.16 ? 24  GLY A N   1 
ATOM   167  C  CA  . GLY A 1 24  ? 11.872  4.712   -9.969  1.00 13.80 ? 24  GLY A CA  1 
ATOM   168  C  C   . GLY A 1 24  ? 10.700  4.166   -10.781 1.00 14.00 ? 24  GLY A C   1 
ATOM   169  O  O   . GLY A 1 24  ? 10.461  4.612   -11.914 1.00 15.04 ? 24  GLY A O   1 
ATOM   170  N  N   . GLY A 1 25  ? 9.950   3.223   -10.218 1.00 12.91 ? 25  GLY A N   1 
ATOM   171  C  CA  . GLY A 1 25  ? 8.821   2.631   -10.929 1.00 13.23 ? 25  GLY A CA  1 
ATOM   172  C  C   . GLY A 1 25  ? 7.725   3.636   -11.251 1.00 12.42 ? 25  GLY A C   1 
ATOM   173  O  O   . GLY A 1 25  ? 7.561   4.653   -10.582 1.00 12.85 ? 25  GLY A O   1 
ATOM   174  N  N   . LYS A 1 26  ? 6.958   3.316   -12.283 1.00 11.88 ? 26  LYS A N   1 
ATOM   175  C  CA  . LYS A 1 26  ? 5.891   4.164   -12.768 1.00 11.60 ? 26  LYS A CA  1 
ATOM   176  C  C   . LYS A 1 26  ? 4.647   4.267   -11.911 1.00 9.87  ? 26  LYS A C   1 
ATOM   177  O  O   . LYS A 1 26  ? 4.262   3.307   -11.222 1.00 9.93  ? 26  LYS A O   1 
ATOM   178  C  CB  . LYS A 1 26  ? 5.406   3.654   -14.135 1.00 13.87 ? 26  LYS A CB  1 
ATOM   179  C  CG  . LYS A 1 26  ? 6.470   3.487   -15.181 1.00 16.34 ? 26  LYS A CG  1 
ATOM   180  C  CD  . LYS A 1 26  ? 5.875   2.820   -16.411 1.00 16.92 ? 26  LYS A CD  1 
ATOM   181  C  CE  . LYS A 1 26  ? 6.961   2.543   -17.434 1.00 17.13 ? 26  LYS A CE  1 
ATOM   182  N  NZ  . LYS A 1 26  ? 7.576   3.802   -17.929 1.00 17.20 ? 26  LYS A NZ  1 
ATOM   183  N  N   . HIS A 1 27  ? 4.036   5.450   -11.937 1.00 9.37  ? 27  HIS A N   1 
ATOM   184  C  CA  . HIS A 1 27  ? 2.727   5.606   -11.311 1.00 9.19  ? 27  HIS A CA  1 
ATOM   185  C  C   . HIS A 1 27  ? 1.763   5.000   -12.365 1.00 9.07  ? 27  HIS A C   1 
ATOM   186  O  O   . HIS A 1 27  ? 2.010   5.091   -13.571 1.00 9.86  ? 27  HIS A O   1 
ATOM   187  C  CB  . HIS A 1 27  ? 2.359   7.079   -11.116 1.00 9.85  ? 27  HIS A CB  1 
ATOM   188  C  CG  . HIS A 1 27  ? 3.192   7.796   -10.103 1.00 9.88  ? 27  HIS A CG  1 
ATOM   189  N  ND1 . HIS A 1 27  ? 3.571   7.223   -8.910  1.00 10.64 ? 27  HIS A ND1 1 
ATOM   190  C  CD2 . HIS A 1 27  ? 3.680   9.060   -10.086 1.00 11.48 ? 27  HIS A CD2 1 
ATOM   191  C  CE1 . HIS A 1 27  ? 4.261   8.101   -8.201  1.00 9.37  ? 27  HIS A CE1 1 
ATOM   192  N  NE2 . HIS A 1 27  ? 4.340   9.221   -8.894  1.00 11.97 ? 27  HIS A NE2 1 
ATOM   193  N  N   . LYS A 1 28  ? 0.696   4.351   -11.916 1.00 8.63  ? 28  LYS A N   1 
ATOM   194  C  CA  . LYS A 1 28  ? -0.289  3.749   -12.803 1.00 8.07  ? 28  LYS A CA  1 
ATOM   195  C  C   . LYS A 1 28  ? -1.618  4.273   -12.245 1.00 8.88  ? 28  LYS A C   1 
ATOM   196  O  O   . LYS A 1 28  ? -1.699  5.461   -11.929 1.00 8.73  ? 28  LYS A O   1 
ATOM   197  C  CB  . LYS A 1 28  ? -0.183  2.214   -12.751 1.00 10.44 ? 28  LYS A CB  1 
ATOM   198  C  CG  . LYS A 1 28  ? 1.154   1.696   -13.367 1.00 10.41 ? 28  LYS A CG  1 
ATOM   199  C  CD  . LYS A 1 28  ? 1.285   0.165   -13.369 1.00 14.10 ? 28  LYS A CD  1 
ATOM   200  C  CE  . LYS A 1 28  ? 2.623   -0.260  -14.005 1.00 16.82 ? 28  LYS A CE  1 
ATOM   201  N  NZ  . LYS A 1 28  ? 2.891   -1.770  -14.085 1.00 17.48 ? 28  LYS A NZ  1 
ATOM   202  N  N   . THR A 1 29  ? -2.640  3.436   -12.097 1.00 8.34  ? 29  THR A N   1 
ATOM   203  C  CA  . THR A 1 29  ? -3.877  3.954   -11.488 1.00 7.42  ? 29  THR A CA  1 
ATOM   204  C  C   . THR A 1 29  ? -3.541  4.458   -10.087 1.00 7.85  ? 29  THR A C   1 
ATOM   205  O  O   . THR A 1 29  ? -4.004  5.523   -9.671  1.00 7.91  ? 29  THR A O   1 
ATOM   206  C  CB  . THR A 1 29  ? -4.966  2.867   -11.450 1.00 7.14  ? 29  THR A CB  1 
ATOM   207  O  OG1 . THR A 1 29  ? -5.400  2.634   -12.813 1.00 9.18  ? 29  THR A OG1 1 
ATOM   208  C  CG2 . THR A 1 29  ? -6.168  3.293   -10.583 1.00 6.87  ? 29  THR A CG2 1 
ATOM   209  N  N   . GLY A 1 30  ? -2.693  3.705   -9.390  1.00 7.83  ? 30  GLY A N   1 
ATOM   210  C  CA  . GLY A 1 30  ? -2.253  4.102   -8.063  1.00 7.52  ? 30  GLY A CA  1 
ATOM   211  C  C   . GLY A 1 30  ? -0.787  4.521   -8.072  1.00 7.84  ? 30  GLY A C   1 
ATOM   212  O  O   . GLY A 1 30  ? -0.067  4.303   -9.041  1.00 7.80  ? 30  GLY A O   1 
ATOM   213  N  N   . PRO A 1 31  ? -0.316  5.116   -6.988  1.00 8.01  ? 31  PRO A N   1 
ATOM   214  C  CA  . PRO A 1 31  ? 1.079   5.556   -6.906  1.00 7.96  ? 31  PRO A CA  1 
ATOM   215  C  C   . PRO A 1 31  ? 2.126   4.462   -6.801  1.00 7.18  ? 31  PRO A C   1 
ATOM   216  O  O   . PRO A 1 31  ? 1.893   3.397   -6.223  1.00 8.38  ? 31  PRO A O   1 
ATOM   217  C  CB  . PRO A 1 31  ? 1.076   6.446   -5.657  1.00 6.94  ? 31  PRO A CB  1 
ATOM   218  C  CG  . PRO A 1 31  ? 0.021   5.759   -4.795  1.00 7.65  ? 31  PRO A CG  1 
ATOM   219  C  CD  . PRO A 1 31  ? -1.077  5.465   -5.771  1.00 7.38  ? 31  PRO A CD  1 
ATOM   220  N  N   . ASN A 1 32  ? 3.282   4.709   -7.403  1.00 8.33  ? 32  ASN A N   1 
ATOM   221  C  CA  . ASN A 1 32  ? 4.396   3.789   -7.210  1.00 8.17  ? 32  ASN A CA  1 
ATOM   222  C  C   . ASN A 1 32  ? 4.591   3.872   -5.674  1.00 8.36  ? 32  ASN A C   1 
ATOM   223  O  O   . ASN A 1 32  ? 4.499   4.957   -5.072  1.00 8.16  ? 32  ASN A O   1 
ATOM   224  C  CB  . ASN A 1 32  ? 5.646   4.309   -7.920  1.00 8.73  ? 32  ASN A CB  1 
ATOM   225  C  CG  . ASN A 1 32  ? 6.916   3.724   -7.346  1.00 8.29  ? 32  ASN A CG  1 
ATOM   226  O  OD1 . ASN A 1 32  ? 7.541   4.327   -6.475  1.00 9.59  ? 32  ASN A OD1 1 
ATOM   227  N  ND2 . ASN A 1 32  ? 7.277   2.515   -7.790  1.00 9.67  ? 32  ASN A ND2 1 
ATOM   228  N  N   . LEU A 1 33  ? 4.874   2.741   -5.038  1.00 7.82  ? 33  LEU A N   1 
ATOM   229  C  CA  . LEU A 1 33  ? 4.977   2.727   -3.577  1.00 7.56  ? 33  LEU A CA  1 
ATOM   230  C  C   . LEU A 1 33  ? 6.379   2.743   -2.980  1.00 7.98  ? 33  LEU A C   1 
ATOM   231  O  O   . LEU A 1 33  ? 6.533   2.525   -1.783  1.00 7.51  ? 33  LEU A O   1 
ATOM   232  C  CB  . LEU A 1 33  ? 4.228   1.497   -3.043  1.00 8.60  ? 33  LEU A CB  1 
ATOM   233  C  CG  . LEU A 1 33  ? 2.736   1.446   -3.415  1.00 7.34  ? 33  LEU A CG  1 
ATOM   234  C  CD1 . LEU A 1 33  ? 2.170   0.076   -3.016  1.00 8.87  ? 33  LEU A CD1 1 
ATOM   235  C  CD2 . LEU A 1 33  ? 1.959   2.564   -2.752  1.00 8.11  ? 33  LEU A CD2 1 
ATOM   236  N  N   . TRP A 1 34  ? 7.411   2.989   -3.779  1.00 7.87  ? 34  TRP A N   1 
ATOM   237  C  CA  . TRP A 1 34  ? 8.749   2.983   -3.206  1.00 8.07  ? 34  TRP A CA  1 
ATOM   238  C  C   . TRP A 1 34  ? 8.903   4.066   -2.117  1.00 8.18  ? 34  TRP A C   1 
ATOM   239  O  O   . TRP A 1 34  ? 8.448   5.193   -2.292  1.00 6.95  ? 34  TRP A O   1 
ATOM   240  C  CB  . TRP A 1 34  ? 9.792   3.168   -4.311  1.00 9.03  ? 34  TRP A CB  1 
ATOM   241  C  CG  . TRP A 1 34  ? 11.117  2.657   -3.875  1.00 11.87 ? 34  TRP A CG  1 
ATOM   242  C  CD1 . TRP A 1 34  ? 11.549  1.348   -3.870  1.00 13.08 ? 34  TRP A CD1 1 
ATOM   243  C  CD2 . TRP A 1 34  ? 12.172  3.426   -3.310  1.00 13.02 ? 34  TRP A CD2 1 
ATOM   244  N  NE1 . TRP A 1 34  ? 12.807  1.272   -3.340  1.00 12.75 ? 34  TRP A NE1 1 
ATOM   245  C  CE2 . TRP A 1 34  ? 13.213  2.535   -2.979  1.00 13.38 ? 34  TRP A CE2 1 
ATOM   246  C  CE3 . TRP A 1 34  ? 12.338  4.793   -3.039  1.00 14.98 ? 34  TRP A CE3 1 
ATOM   247  C  CZ2 . TRP A 1 34  ? 14.419  2.959   -2.395  1.00 15.10 ? 34  TRP A CZ2 1 
ATOM   248  C  CZ3 . TRP A 1 34  ? 13.537  5.226   -2.455  1.00 15.75 ? 34  TRP A CZ3 1 
ATOM   249  C  CH2 . TRP A 1 34  ? 14.557  4.307   -2.138  1.00 15.63 ? 34  TRP A CH2 1 
ATOM   250  N  N   . GLY A 1 35  ? 9.508   3.702   -0.982  1.00 8.40  ? 35  GLY A N   1 
ATOM   251  C  CA  . GLY A 1 35  ? 9.706   4.661   0.094   1.00 7.58  ? 35  GLY A CA  1 
ATOM   252  C  C   . GLY A 1 35  ? 8.525   4.811   1.041   1.00 7.33  ? 35  GLY A C   1 
ATOM   253  O  O   . GLY A 1 35  ? 8.537   5.662   1.935   1.00 8.62  ? 35  GLY A O   1 
ATOM   254  N  N   . LEU A 1 36  ? 7.501   3.989   0.835   1.00 7.85  ? 36  LEU A N   1 
ATOM   255  C  CA  . LEU A 1 36  ? 6.306   4.020   1.655   1.00 8.20  ? 36  LEU A CA  1 
ATOM   256  C  C   . LEU A 1 36  ? 6.478   3.899   3.194   1.00 8.69  ? 36  LEU A C   1 
ATOM   257  O  O   . LEU A 1 36  ? 5.834   4.617   3.947   1.00 8.16  ? 36  LEU A O   1 
ATOM   258  C  CB  . LEU A 1 36  ? 5.368   2.896   1.179   1.00 9.65  ? 36  LEU A CB  1 
ATOM   259  C  CG  . LEU A 1 36  ? 3.983   2.799   1.811   1.00 9.12  ? 36  LEU A CG  1 
ATOM   260  C  CD1 . LEU A 1 36  ? 3.077   3.822   1.160   1.00 10.62 ? 36  LEU A CD1 1 
ATOM   261  C  CD2 . LEU A 1 36  ? 3.429   1.428   1.582   1.00 11.44 ? 36  LEU A CD2 1 
ATOM   262  N  N   . PHE A 1 37  ? 7.341   2.998   3.655   1.00 8.99  ? 37  PHE A N   1 
ATOM   263  C  CA  . PHE A 1 37  ? 7.452   2.767   5.093   1.00 9.10  ? 37  PHE A CA  1 
ATOM   264  C  C   . PHE A 1 37  ? 8.108   3.886   5.832   1.00 9.06  ? 37  PHE A C   1 
ATOM   265  O  O   . PHE A 1 37  ? 9.111   4.457   5.386   1.00 10.38 ? 37  PHE A O   1 
ATOM   266  C  CB  . PHE A 1 37  ? 8.182   1.456   5.387   1.00 9.13  ? 37  PHE A CB  1 
ATOM   267  C  CG  . PHE A 1 37  ? 7.331   0.239   5.126   1.00 10.26 ? 37  PHE A CG  1 
ATOM   268  C  CD1 . PHE A 1 37  ? 7.016   -0.132  3.820   1.00 9.87  ? 37  PHE A CD1 1 
ATOM   269  C  CD2 . PHE A 1 37  ? 6.830   -0.512  6.183   1.00 10.92 ? 37  PHE A CD2 1 
ATOM   270  C  CE1 . PHE A 1 37  ? 6.210   -1.241  3.555   1.00 10.13 ? 37  PHE A CE1 1 
ATOM   271  C  CE2 . PHE A 1 37  ? 6.018   -1.624  5.932   1.00 9.69  ? 37  PHE A CE2 1 
ATOM   272  C  CZ  . PHE A 1 37  ? 5.707   -1.988  4.602   1.00 10.37 ? 37  PHE A CZ  1 
ATOM   273  N  N   . GLY A 1 38  ? 7.487   4.204   6.961   1.00 8.57  ? 38  GLY A N   1 
ATOM   274  C  CA  . GLY A 1 38  ? 7.954   5.279   7.813   1.00 9.00  ? 38  GLY A CA  1 
ATOM   275  C  C   . GLY A 1 38  ? 7.599   6.658   7.288   1.00 10.18 ? 38  GLY A C   1 
ATOM   276  O  O   . GLY A 1 38  ? 8.043   7.662   7.854   1.00 10.95 ? 38  GLY A O   1 
ATOM   277  N  N   . ARG A 1 39  ? 6.767   6.721   6.248   1.00 8.87  ? 39  ARG A N   1 
ATOM   278  C  CA  . ARG A 1 39  ? 6.396   8.004   5.631   1.00 9.06  ? 39  ARG A CA  1 
ATOM   279  C  C   . ARG A 1 39  ? 4.914   8.317   5.846   1.00 8.07  ? 39  ARG A C   1 
ATOM   280  O  O   . ARG A 1 39  ? 4.095   7.415   5.857   1.00 8.23  ? 39  ARG A O   1 
ATOM   281  C  CB  . ARG A 1 39  ? 6.693   7.940   4.121   1.00 9.84  ? 39  ARG A CB  1 
ATOM   282  C  CG  . ARG A 1 39  ? 6.512   9.239   3.353   1.00 10.39 ? 39  ARG A CG  1 
ATOM   283  C  CD  . ARG A 1 39  ? 6.849   9.009   1.858   1.00 10.62 ? 39  ARG A CD  1 
ATOM   284  N  NE  . ARG A 1 39  ? 5.829   8.207   1.158   1.00 10.58 ? 39  ARG A NE  1 
ATOM   285  C  CZ  . ARG A 1 39  ? 6.017   7.573   -0.009  1.00 12.10 ? 39  ARG A CZ  1 
ATOM   286  N  NH1 . ARG A 1 39  ? 7.196   7.644   -0.621  1.00 12.43 ? 39  ARG A NH1 1 
ATOM   287  N  NH2 . ARG A 1 39  ? 5.040   6.852   -0.561  1.00 12.25 ? 39  ARG A NH2 1 
ATOM   288  N  N   . LYS A 1 40  ? 4.578   9.598   6.001   1.00 9.63  ? 40  LYS A N   1 
ATOM   289  C  CA  . LYS A 1 40  ? 3.182   9.972   6.203   1.00 10.40 ? 40  LYS A CA  1 
ATOM   290  C  C   . LYS A 1 40  ? 2.372   9.686   4.934   1.00 10.42 ? 40  LYS A C   1 
ATOM   291  O  O   . LYS A 1 40  ? 2.916   9.674   3.827   1.00 9.98  ? 40  LYS A O   1 
ATOM   292  C  CB  . LYS A 1 40  ? 3.080   11.451  6.585   1.00 13.78 ? 40  LYS A CB  1 
ATOM   293  C  CG  . LYS A 1 40  ? 3.452   11.760  8.032   1.00 19.23 ? 40  LYS A CG  1 
ATOM   294  C  CD  . LYS A 1 40  ? 3.177   13.257  8.337   1.00 22.43 ? 40  LYS A CD  1 
ATOM   295  C  CE  . LYS A 1 40  ? 3.448   13.619  9.788   1.00 25.58 ? 40  LYS A CE  1 
ATOM   296  N  NZ  . LYS A 1 40  ? 2.600   12.824  10.721  1.00 28.46 ? 40  LYS A NZ  1 
ATOM   297  N  N   . THR A 1 41  ? 1.072   9.474   5.106   1.00 9.61  ? 41  THR A N   1 
ATOM   298  C  CA  . THR A 1 41  ? 0.197   9.160   3.971   1.00 9.90  ? 41  THR A CA  1 
ATOM   299  C  C   . THR A 1 41  ? 0.173   10.238  2.895   1.00 9.37  ? 41  THR A C   1 
ATOM   300  O  O   . THR A 1 41  ? 0.310   11.427  3.196   1.00 9.66  ? 41  THR A O   1 
ATOM   301  C  CB  . THR A 1 41  ? -1.262  8.936   4.417   1.00 10.83 ? 41  THR A CB  1 
ATOM   302  O  OG1 . THR A 1 41  ? -1.752  10.137  5.006   1.00 14.01 ? 41  THR A OG1 1 
ATOM   303  C  CG2 . THR A 1 41  ? -1.356  7.806   5.450   1.00 10.76 ? 41  THR A CG2 1 
ATOM   304  N  N   . GLY A 1 42  ? -0.033  9.792   1.652   1.00 8.89  ? 42  GLY A N   1 
ATOM   305  C  CA  . GLY A 1 42  ? -0.164  10.673  0.501   1.00 9.34  ? 42  GLY A CA  1 
ATOM   306  C  C   . GLY A 1 42  ? 1.054   11.469  0.106   1.00 9.11  ? 42  GLY A C   1 
ATOM   307  O  O   . GLY A 1 42  ? 0.914   12.648  -0.275  1.00 9.49  ? 42  GLY A O   1 
ATOM   308  N  N   . GLN A 1 43  ? 2.221   10.824  0.127   1.00 9.50  ? 43  GLN A N   1 
ATOM   309  C  CA  . GLN A 1 43  ? 3.451   11.545  -0.166  1.00 10.23 ? 43  GLN A CA  1 
ATOM   310  C  C   . GLN A 1 43  ? 4.347   11.003  -1.253  1.00 9.91  ? 43  GLN A C   1 
ATOM   311  O  O   . GLN A 1 43  ? 5.490   11.463  -1.379  1.00 12.58 ? 43  GLN A O   1 
ATOM   312  C  CB  . GLN A 1 43  ? 4.239   11.758  1.124   1.00 8.86  ? 43  GLN A CB  1 
ATOM   313  C  CG  . GLN A 1 43  ? 3.539   12.794  1.990   1.00 9.33  ? 43  GLN A CG  1 
ATOM   314  C  CD  . GLN A 1 43  ? 4.192   13.150  3.330   1.00 10.44 ? 43  GLN A CD  1 
ATOM   315  O  OE1 . GLN A 1 43  ? 3.518   13.730  4.188   1.00 11.55 ? 43  GLN A OE1 1 
ATOM   316  N  NE2 . GLN A 1 43  ? 5.479   12.856  3.506   1.00 11.55 ? 43  GLN A NE2 1 
ATOM   317  N  N   . ALA A 1 44  ? 3.860   10.044  -2.050  1.00 10.04 ? 44  ALA A N   1 
ATOM   318  C  CA  . ALA A 1 44  ? 4.684   9.570   -3.163  1.00 10.23 ? 44  ALA A CA  1 
ATOM   319  C  C   . ALA A 1 44  ? 4.910   10.776  -4.085  1.00 10.62 ? 44  ALA A C   1 
ATOM   320  O  O   . ALA A 1 44  ? 3.971   11.501  -4.441  1.00 11.10 ? 44  ALA A O   1 
ATOM   321  C  CB  . ALA A 1 44  ? 3.965   8.466   -3.941  1.00 9.41  ? 44  ALA A CB  1 
ATOM   322  N  N   . PRO A 1 45  ? 6.150   11.000  -4.499  1.00 10.40 ? 45  PRO A N   1 
ATOM   323  C  CA  . PRO A 1 45  ? 6.396   12.150  -5.379  1.00 10.36 ? 45  PRO A CA  1 
ATOM   324  C  C   . PRO A 1 45  ? 5.681   12.083  -6.709  1.00 10.72 ? 45  PRO A C   1 
ATOM   325  O  O   . PRO A 1 45  ? 5.694   11.058  -7.383  1.00 12.05 ? 45  PRO A O   1 
ATOM   326  C  CB  . PRO A 1 45  ? 7.911   12.122  -5.587  1.00 11.45 ? 45  PRO A CB  1 
ATOM   327  C  CG  . PRO A 1 45  ? 8.422   11.484  -4.383  1.00 13.90 ? 45  PRO A CG  1 
ATOM   328  C  CD  . PRO A 1 45  ? 7.410   10.347  -4.111  1.00 10.84 ? 45  PRO A CD  1 
ATOM   329  N  N   . GLY A 1 46  ? 5.075   13.199  -7.081  1.00 11.28 ? 46  GLY A N   1 
ATOM   330  C  CA  . GLY A 1 46  ? 4.431   13.300  -8.365  1.00 12.55 ? 46  GLY A CA  1 
ATOM   331  C  C   . GLY A 1 46  ? 3.116   12.604  -8.601  1.00 13.00 ? 46  GLY A C   1 
ATOM   332  O  O   . GLY A 1 46  ? 2.682   12.537  -9.748  1.00 15.64 ? 46  GLY A O   1 
ATOM   333  N  N   . PHE A 1 47  ? 2.501   12.052  -7.560  1.00 11.82 ? 47  PHE A N   1 
ATOM   334  C  CA  . PHE A 1 47  ? 1.213   11.405  -7.764  1.00 9.83  ? 47  PHE A CA  1 
ATOM   335  C  C   . PHE A 1 47  ? 0.139   12.337  -7.211  1.00 9.94  ? 47  PHE A C   1 
ATOM   336  O  O   . PHE A 1 47  ? 0.342   12.960  -6.165  1.00 10.50 ? 47  PHE A O   1 
ATOM   337  C  CB  . PHE A 1 47  ? 1.137   10.060  -7.038  1.00 10.49 ? 47  PHE A CB  1 
ATOM   338  C  CG  . PHE A 1 47  ? -0.156  9.320   -7.285  1.00 9.72  ? 47  PHE A CG  1 
ATOM   339  C  CD1 . PHE A 1 47  ? -0.317  8.538   -8.430  1.00 10.29 ? 47  PHE A CD1 1 
ATOM   340  C  CD2 . PHE A 1 47  ? -1.232  9.460   -6.408  1.00 10.05 ? 47  PHE A CD2 1 
ATOM   341  C  CE1 . PHE A 1 47  ? -1.527  7.907   -8.711  1.00 9.45  ? 47  PHE A CE1 1 
ATOM   342  C  CE2 . PHE A 1 47  ? -2.463  8.841   -6.664  1.00 10.17 ? 47  PHE A CE2 1 
ATOM   343  C  CZ  . PHE A 1 47  ? -2.619  8.057   -7.823  1.00 10.78 ? 47  PHE A CZ  1 
ATOM   344  N  N   . SER A 1 48  ? -0.983  12.434  -7.928  1.00 9.31  ? 48  SER A N   1 
ATOM   345  C  CA  . SER A 1 48  ? -2.106  13.276  -7.528  1.00 10.79 ? 48  SER A CA  1 
ATOM   346  C  C   . SER A 1 48  ? -3.092  12.481  -6.673  1.00 9.90  ? 48  SER A C   1 
ATOM   347  O  O   . SER A 1 48  ? -3.909  11.730  -7.179  1.00 10.58 ? 48  SER A O   1 
ATOM   348  C  CB  . SER A 1 48  ? -2.811  13.821  -8.778  1.00 11.62 ? 48  SER A CB  1 
ATOM   349  O  OG  . SER A 1 48  ? -1.913  14.639  -9.518  1.00 17.01 ? 48  SER A OG  1 
ATOM   350  N  N   . TYR A 1 49  ? -2.990  12.651  -5.359  1.00 8.21  ? 49  TYR A N   1 
ATOM   351  C  CA  . TYR A 1 49  ? -3.863  11.954  -4.408  1.00 7.97  ? 49  TYR A CA  1 
ATOM   352  C  C   . TYR A 1 49  ? -5.160  12.681  -4.118  1.00 7.21  ? 49  TYR A C   1 
ATOM   353  O  O   . TYR A 1 49  ? -5.304  13.871  -4.403  1.00 8.49  ? 49  TYR A O   1 
ATOM   354  C  CB  . TYR A 1 49  ? -3.162  11.832  -3.042  1.00 6.50  ? 49  TYR A CB  1 
ATOM   355  C  CG  . TYR A 1 49  ? -1.980  10.921  -2.978  1.00 7.17  ? 49  TYR A CG  1 
ATOM   356  C  CD1 . TYR A 1 49  ? -2.136  9.562   -2.670  1.00 6.48  ? 49  TYR A CD1 1 
ATOM   357  C  CD2 . TYR A 1 49  ? -0.693  11.417  -3.170  1.00 6.72  ? 49  TYR A CD2 1 
ATOM   358  C  CE1 . TYR A 1 49  ? -0.995  8.716   -2.534  1.00 7.33  ? 49  TYR A CE1 1 
ATOM   359  C  CE2 . TYR A 1 49  ? 0.407   10.607  -3.049  1.00 8.94  ? 49  TYR A CE2 1 
ATOM   360  C  CZ  . TYR A 1 49  ? 0.260   9.272   -2.728  1.00 8.57  ? 49  TYR A CZ  1 
ATOM   361  O  OH  . TYR A 1 49  ? 1.378   8.511   -2.534  1.00 9.78  ? 49  TYR A OH  1 
ATOM   362  N  N   . THR A 1 50  ? -6.120  11.954  -3.542  1.00 7.80  ? 50  THR A N   1 
ATOM   363  C  CA  . THR A 1 50  ? -7.344  12.601  -3.101  1.00 6.75  ? 50  THR A CA  1 
ATOM   364  C  C   . THR A 1 50  ? -6.976  13.382  -1.819  1.00 7.20  ? 50  THR A C   1 
ATOM   365  O  O   . THR A 1 50  ? -5.966  13.096  -1.157  1.00 8.61  ? 50  THR A O   1 
ATOM   366  C  CB  . THR A 1 50  ? -8.423  11.602  -2.649  1.00 6.72  ? 50  THR A CB  1 
ATOM   367  O  OG1 . THR A 1 50  ? -7.855  10.730  -1.653  1.00 7.34  ? 50  THR A OG1 1 
ATOM   368  C  CG2 . THR A 1 50  ? -8.965  10.796  -3.806  1.00 6.11  ? 50  THR A CG2 1 
ATOM   369  N  N   . ASP A 1 51  ? -7.782  14.372  -1.472  1.00 8.64  ? 51  ASP A N   1 
ATOM   370  C  CA  . ASP A 1 51  ? -7.525  15.070  -0.216  1.00 9.67  ? 51  ASP A CA  1 
ATOM   371  C  C   . ASP A 1 51  ? -7.576  14.070  0.939   1.00 8.86  ? 51  ASP A C   1 
ATOM   372  O  O   . ASP A 1 51  ? -6.811  14.179  1.894   1.00 9.33  ? 51  ASP A O   1 
ATOM   373  C  CB  . ASP A 1 51  ? -8.579  16.145  0.036   1.00 12.11 ? 51  ASP A CB  1 
ATOM   374  C  CG  . ASP A 1 51  ? -8.504  17.282  -0.952  1.00 15.40 ? 51  ASP A CG  1 
ATOM   375  O  OD1 . ASP A 1 51  ? -7.423  17.531  -1.507  1.00 16.18 ? 51  ASP A OD1 1 
ATOM   376  O  OD2 . ASP A 1 51  ? -9.543  17.940  -1.137  1.00 18.61 ? 51  ASP A OD2 1 
ATOM   377  N  N   . ALA A 1 52  ? -8.468  13.086  0.846   1.00 7.88  ? 52  ALA A N   1 
ATOM   378  C  CA  . ALA A 1 52  ? -8.577  12.107  1.927   1.00 8.10  ? 52  ALA A CA  1 
ATOM   379  C  C   . ALA A 1 52  ? -7.268  11.355  2.156   1.00 7.77  ? 52  ALA A C   1 
ATOM   380  O  O   . ALA A 1 52  ? -6.839  11.243  3.295   1.00 7.46  ? 52  ALA A O   1 
ATOM   381  C  CB  . ALA A 1 52  ? -9.728  11.116  1.662   1.00 8.47  ? 52  ALA A CB  1 
ATOM   382  N  N   . ASN A 1 53  ? -6.631  10.851  1.094   1.00 7.14  ? 53  ASN A N   1 
ATOM   383  C  CA  . ASN A 1 53  ? -5.364  10.129  1.238   1.00 8.72  ? 53  ASN A CA  1 
ATOM   384  C  C   . ASN A 1 53  ? -4.269  11.102  1.725   1.00 7.94  ? 53  ASN A C   1 
ATOM   385  O  O   . ASN A 1 53  ? -3.412  10.731  2.532   1.00 8.91  ? 53  ASN A O   1 
ATOM   386  C  CB  . ASN A 1 53  ? -4.995  9.478   -0.110  1.00 8.90  ? 53  ASN A CB  1 
ATOM   387  C  CG  . ASN A 1 53  ? -3.993  8.317   0.014   1.00 10.93 ? 53  ASN A CG  1 
ATOM   388  O  OD1 . ASN A 1 53  ? -4.035  7.370   -0.782  1.00 10.42 ? 53  ASN A OD1 1 
ATOM   389  N  ND2 . ASN A 1 53  ? -3.080  8.389   0.983   1.00 9.97  ? 53  ASN A ND2 1 
ATOM   390  N  N   . LYS A 1 54  ? -4.314  12.344  1.279   1.00 8.94  ? 54  LYS A N   1 
ATOM   391  C  CA  . LYS A 1 54  ? -3.312  13.296  1.717   1.00 10.12 ? 54  LYS A CA  1 
ATOM   392  C  C   . LYS A 1 54  ? -3.467  13.669  3.178   1.00 9.68  ? 54  LYS A C   1 
ATOM   393  O  O   . LYS A 1 54  ? -2.471  13.857  3.874   1.00 11.00 ? 54  LYS A O   1 
ATOM   394  C  CB  . LYS A 1 54  ? -3.402  14.565  0.860   1.00 13.18 ? 54  LYS A CB  1 
ATOM   395  C  CG  . LYS A 1 54  ? -2.742  14.405  -0.498  1.00 16.88 ? 54  LYS A CG  1 
ATOM   396  C  CD  . LYS A 1 54  ? -2.981  15.624  -1.368  1.00 21.13 ? 54  LYS A CD  1 
ATOM   397  C  CE  . LYS A 1 54  ? -4.440  15.701  -1.726  1.00 24.21 ? 54  LYS A CE  1 
ATOM   398  N  NZ  . LYS A 1 54  ? -4.942  17.084  -1.891  1.00 26.68 ? 54  LYS A NZ  1 
ATOM   399  N  N   . ASN A 1 55  ? -4.713  13.721  3.643   1.00 9.56  ? 55  ASN A N   1 
ATOM   400  C  CA  . ASN A 1 55  ? -5.027  14.153  4.985   1.00 8.87  ? 55  ASN A CA  1 
ATOM   401  C  C   . ASN A 1 55  ? -5.173  13.097  6.080   1.00 8.55  ? 55  ASN A C   1 
ATOM   402  O  O   . ASN A 1 55  ? -5.303  13.462  7.245   1.00 8.16  ? 55  ASN A O   1 
ATOM   403  C  CB  . ASN A 1 55  ? -6.311  15.017  4.946   1.00 10.66 ? 55  ASN A CB  1 
ATOM   404  C  CG  . ASN A 1 55  ? -6.119  16.328  4.178   1.00 13.54 ? 55  ASN A CG  1 
ATOM   405  O  OD1 . ASN A 1 55  ? -5.016  16.870  4.128   1.00 17.20 ? 55  ASN A OD1 1 
ATOM   406  N  ND2 . ASN A 1 55  ? -7.193  16.833  3.583   1.00 14.09 ? 55  ASN A ND2 1 
ATOM   407  N  N   . LYS A 1 56  ? -5.112  11.802  5.752   1.00 8.55  ? 56  LYS A N   1 
ATOM   408  C  CA  . LYS A 1 56  ? -5.293  10.794  6.799   1.00 9.11  ? 56  LYS A CA  1 
ATOM   409  C  C   . LYS A 1 56  ? -4.361  11.107  7.974   1.00 10.16 ? 56  LYS A C   1 
ATOM   410  O  O   . LYS A 1 56  ? -4.782  11.062  9.127   1.00 10.95 ? 56  LYS A O   1 
ATOM   411  C  CB  . LYS A 1 56  ? -5.055  9.389   6.238   1.00 8.59  ? 56  LYS A CB  1 
ATOM   412  C  CG  . LYS A 1 56  ? -5.187  8.236   7.265   1.00 8.44  ? 56  LYS A CG  1 
ATOM   413  C  CD  . LYS A 1 56  ? -6.612  8.132   7.839   1.00 7.90  ? 56  LYS A CD  1 
ATOM   414  C  CE  . LYS A 1 56  ? -6.644  7.074   8.928   1.00 5.75  ? 56  LYS A CE  1 
ATOM   415  N  NZ  . LYS A 1 56  ? -8.024  6.893   9.472   1.00 6.39  ? 56  LYS A NZ  1 
ATOM   416  N  N   . GLY A 1 57  ? -3.101  11.389  7.680   1.00 10.99 ? 57  GLY A N   1 
ATOM   417  C  CA  . GLY A 1 57  ? -2.199  11.854  8.724   1.00 12.52 ? 57  GLY A CA  1 
ATOM   418  C  C   . GLY A 1 57  ? -1.332  10.885  9.474   1.00 12.48 ? 57  GLY A C   1 
ATOM   419  O  O   . GLY A 1 57  ? -0.443  11.297  10.214  1.00 17.04 ? 57  GLY A O   1 
ATOM   420  N  N   . VAL A 1 58  ? -1.559  9.605   9.270   1.00 10.70 ? 58  VAL A N   1 
ATOM   421  C  CA  . VAL A 1 58  ? -0.769  8.615   9.970   1.00 9.81  ? 58  VAL A CA  1 
ATOM   422  C  C   . VAL A 1 58  ? 0.523   8.321   9.229   1.00 9.25  ? 58  VAL A C   1 
ATOM   423  O  O   . VAL A 1 58  ? 0.718   8.725   8.069   1.00 9.48  ? 58  VAL A O   1 
ATOM   424  C  CB  . VAL A 1 58  ? -1.589  7.305   10.156  1.00 9.48  ? 58  VAL A CB  1 
ATOM   425  C  CG1 . VAL A 1 58  ? -2.847  7.621   10.925  1.00 11.35 ? 58  VAL A CG1 1 
ATOM   426  C  CG2 . VAL A 1 58  ? -1.949  6.663   8.800   1.00 10.29 ? 58  VAL A CG2 1 
ATOM   427  N  N   . ILE A 1 59  ? 1.411   7.609   9.912   1.00 8.49  ? 59  ILE A N   1 
ATOM   428  C  CA  . ILE A 1 59  ? 2.676   7.202   9.327   1.00 8.98  ? 59  ILE A CA  1 
ATOM   429  C  C   . ILE A 1 59  ? 2.475   5.742   8.890   1.00 8.16  ? 59  ILE A C   1 
ATOM   430  O  O   . ILE A 1 59  ? 2.019   4.903   9.655   1.00 8.11  ? 59  ILE A O   1 
ATOM   431  C  CB  . ILE A 1 59  ? 3.810   7.276   10.372  1.00 9.40  ? 59  ILE A CB  1 
ATOM   432  C  CG1 . ILE A 1 59  ? 4.022   8.721   10.802  1.00 20.02 ? 59  ILE A CG1 1 
ATOM   433  C  CG2 . ILE A 1 59  ? 5.118   6.665   9.785   1.00 11.77 ? 59  ILE A CG2 1 
ATOM   434  C  CD1 . ILE A 1 59  ? 5.058   8.855   11.881  1.00 20.02 ? 59  ILE A CD1 1 
ATOM   435  N  N   . TRP A 1 60  ? 2.786   5.454   7.635   1.00 8.10  ? 60  TRP A N   1 
ATOM   436  C  CA  . TRP A 1 60  ? 2.664   4.086   7.176   1.00 8.76  ? 60  TRP A CA  1 
ATOM   437  C  C   . TRP A 1 60  ? 3.746   3.219   7.811   1.00 8.87  ? 60  TRP A C   1 
ATOM   438  O  O   . TRP A 1 60  ? 4.935   3.569   7.827   1.00 9.44  ? 60  TRP A O   1 
ATOM   439  C  CB  . TRP A 1 60  ? 2.785   3.996   5.655   1.00 7.90  ? 60  TRP A CB  1 
ATOM   440  C  CG  . TRP A 1 60  ? 1.586   4.511   4.905   1.00 7.91  ? 60  TRP A CG  1 
ATOM   441  C  CD1 . TRP A 1 60  ? 1.601   5.420   3.869   1.00 5.85  ? 60  TRP A CD1 1 
ATOM   442  C  CD2 . TRP A 1 60  ? 0.222   4.112   5.057   1.00 6.50  ? 60  TRP A CD2 1 
ATOM   443  N  NE1 . TRP A 1 60  ? 0.349   5.599   3.382   1.00 7.78  ? 60  TRP A NE1 1 
ATOM   444  C  CE2 . TRP A 1 60  ? -0.522  4.812   4.083   1.00 6.75  ? 60  TRP A CE2 1 
ATOM   445  C  CE3 . TRP A 1 60  ? -0.447  3.225   5.919   1.00 8.24  ? 60  TRP A CE3 1 
ATOM   446  C  CZ2 . TRP A 1 60  ? -1.928  4.653   3.947   1.00 7.29  ? 60  TRP A CZ2 1 
ATOM   447  C  CZ3 . TRP A 1 60  ? -1.836  3.066   5.789   1.00 8.14  ? 60  TRP A CZ3 1 
ATOM   448  C  CH2 . TRP A 1 60  ? -2.563  3.778   4.809   1.00 7.88  ? 60  TRP A CH2 1 
ATOM   449  N  N   . SER A 1 61  ? 3.313   2.067   8.307   1.00 9.16  ? 61  SER A N   1 
ATOM   450  C  CA  . SER A 1 61  ? 4.174   1.077   8.934   1.00 9.45  ? 61  SER A CA  1 
ATOM   451  C  C   . SER A 1 61  ? 3.340   -0.181  8.993   1.00 9.67  ? 61  SER A C   1 
ATOM   452  O  O   . SER A 1 61  ? 2.163   -0.201  8.551   1.00 9.20  ? 61  SER A O   1 
ATOM   453  C  CB  . SER A 1 61  ? 4.548   1.487   10.355  1.00 9.16  ? 61  SER A CB  1 
ATOM   454  O  OG  . SER A 1 61  ? 3.401   1.526   11.189  1.00 9.54  ? 61  SER A OG  1 
ATOM   455  N  N   . GLU A 1 62  ? 3.918   -1.242  9.548   1.00 10.17 ? 62  GLU A N   1 
ATOM   456  C  CA  . GLU A 1 62  ? 3.172   -2.502  9.631   1.00 10.43 ? 62  GLU A CA  1 
ATOM   457  C  C   . GLU A 1 62  ? 1.772   -2.329  10.236  1.00 9.55  ? 62  GLU A C   1 
ATOM   458  O  O   . GLU A 1 62  ? 0.775   -2.759  9.651   1.00 9.50  ? 62  GLU A O   1 
ATOM   459  C  CB  . GLU A 1 62  ? 3.959   -3.519  10.458  1.00 13.52 ? 62  GLU A CB  1 
ATOM   460  C  CG  . GLU A 1 62  ? 5.229   -3.934  9.795   1.00 16.68 ? 62  GLU A CG  1 
ATOM   461  C  CD  . GLU A 1 62  ? 6.024   -4.880  10.651  1.00 20.75 ? 62  GLU A CD  1 
ATOM   462  O  OE1 . GLU A 1 62  ? 7.120   -5.276  10.208  1.00 24.18 ? 62  GLU A OE1 1 
ATOM   463  O  OE2 . GLU A 1 62  ? 5.551   -5.227  11.757  1.00 22.87 ? 62  GLU A OE2 1 
ATOM   464  N  N   . GLU A 1 63  ? 1.700   -1.701  11.407  1.00 9.28  ? 63  GLU A N   1 
ATOM   465  C  CA  . GLU A 1 63  ? 0.442   -1.536  12.083  1.00 10.11 ? 63  GLU A CA  1 
ATOM   466  C  C   . GLU A 1 63  ? -0.613  -0.805  11.282  1.00 9.28  ? 63  GLU A C   1 
ATOM   467  O  O   . GLU A 1 63  ? -1.759  -1.266  11.209  1.00 8.83  ? 63  GLU A O   1 
ATOM   468  C  CB  . GLU A 1 63  ? 0.656   -0.834  13.433  1.00 11.80 ? 63  GLU A CB  1 
ATOM   469  C  CG  . GLU A 1 63  ? -0.625  -0.244  13.998  1.00 16.06 ? 63  GLU A CG  1 
ATOM   470  C  CD  . GLU A 1 63  ? -0.450  0.493   15.310  1.00 15.61 ? 63  GLU A CD  1 
ATOM   471  O  OE1 . GLU A 1 63  ? 0.675   0.937   15.629  1.00 15.16 ? 63  GLU A OE1 1 
ATOM   472  O  OE2 . GLU A 1 63  ? -1.476  0.639   16.013  1.00 16.59 ? 63  GLU A OE2 1 
ATOM   473  N  N   . THR A 1 64  ? -0.249  0.336   10.698  1.00 7.41  ? 64  THR A N   1 
ATOM   474  C  CA  . THR A 1 64  ? -1.254  1.116   9.952   1.00 7.53  ? 64  THR A CA  1 
ATOM   475  C  C   . THR A 1 64  ? -1.660  0.459   8.630   1.00 7.15  ? 64  THR A C   1 
ATOM   476  O  O   . THR A 1 64  ? -2.840  0.524   8.230   1.00 8.11  ? 64  THR A O   1 
ATOM   477  C  CB  . THR A 1 64  ? -0.765  2.567   9.757   1.00 8.07  ? 64  THR A CB  1 
ATOM   478  O  OG1 . THR A 1 64  ? 0.550   2.550   9.190   1.00 7.77  ? 64  THR A OG1 1 
ATOM   479  C  CG2 . THR A 1 64  ? -0.696  3.290   11.106  1.00 8.49  ? 64  THR A CG2 1 
ATOM   480  N  N   . LEU A 1 65  ? -0.705  -0.200  7.975   1.00 6.10  ? 65  LEU A N   1 
ATOM   481  C  CA  . LEU A 1 65  ? -0.980  -0.913  6.722   1.00 6.84  ? 65  LEU A CA  1 
ATOM   482  C  C   . LEU A 1 65  ? -1.860  -2.127  7.031   1.00 7.44  ? 65  LEU A C   1 
ATOM   483  O  O   . LEU A 1 65  ? -2.675  -2.511  6.215   1.00 7.67  ? 65  LEU A O   1 
ATOM   484  C  CB  . LEU A 1 65  ? 0.331   -1.357  6.042   1.00 7.85  ? 65  LEU A CB  1 
ATOM   485  C  CG  . LEU A 1 65  ? 1.099   -0.237  5.325   1.00 8.61  ? 65  LEU A CG  1 
ATOM   486  C  CD1 . LEU A 1 65  ? 2.490   -0.723  4.892   1.00 8.56  ? 65  LEU A CD1 1 
ATOM   487  C  CD2 . LEU A 1 65  ? 0.309   0.271   4.110   1.00 8.52  ? 65  LEU A CD2 1 
ATOM   488  N  N   . MET A 1 66  ? -1.668  -2.761  8.189   1.00 7.41  ? 66  MET A N   1 
ATOM   489  C  CA  . MET A 1 66  ? -2.531  -3.900  8.522   1.00 8.09  ? 66  MET A CA  1 
ATOM   490  C  C   . MET A 1 66  ? -3.997  -3.460  8.593   1.00 8.70  ? 66  MET A C   1 
ATOM   491  O  O   . MET A 1 66  ? -4.898  -4.156  8.105   1.00 9.10  ? 66  MET A O   1 
ATOM   492  C  CB  . MET A 1 66  ? -2.134  -4.535  9.877   1.00 8.68  ? 66  MET A CB  1 
ATOM   493  C  CG  . MET A 1 66  ? -0.913  -5.428  9.845   1.00 9.41  ? 66  MET A CG  1 
ATOM   494  S  SD  . MET A 1 66  ? -1.120  -6.954  8.860   1.00 9.82  ? 66  MET A SD  1 
ATOM   495  C  CE  . MET A 1 66  ? -2.055  -7.973  9.923   1.00 9.54  ? 66  MET A CE  1 
ATOM   496  N  N   . GLU A 1 67  ? -4.245  -2.296  9.183   1.00 8.92  ? 67  GLU A N   1 
ATOM   497  C  CA  . GLU A 1 67  ? -5.613  -1.808  9.302   1.00 8.04  ? 67  GLU A CA  1 
ATOM   498  C  C   . GLU A 1 67  ? -6.129  -1.324  7.952   1.00 8.49  ? 67  GLU A C   1 
ATOM   499  O  O   . GLU A 1 67  ? -7.204  -1.700  7.520   1.00 7.68  ? 67  GLU A O   1 
ATOM   500  C  CB  . GLU A 1 67  ? -5.687  -0.673  10.328  1.00 10.67 ? 67  GLU A CB  1 
ATOM   501  C  CG  . GLU A 1 67  ? -7.115  -0.286  10.656  1.00 13.69 ? 67  GLU A CG  1 
ATOM   502  C  CD  . GLU A 1 67  ? -7.218  0.669   11.823  1.00 15.50 ? 67  GLU A CD  1 
ATOM   503  O  OE1 . GLU A 1 67  ? -6.235  0.763   12.593  1.00 16.79 ? 67  GLU A OE1 1 
ATOM   504  O  OE2 . GLU A 1 67  ? -8.289  1.325   11.969  1.00 18.80 ? 67  GLU A OE2 1 
ATOM   505  N  N   . TYR A 1 68  ? -5.337  -0.509  7.266   1.00 7.59  ? 68  TYR A N   1 
ATOM   506  C  CA  . TYR A 1 68  ? -5.756  -0.009  5.968   1.00 7.64  ? 68  TYR A CA  1 
ATOM   507  C  C   . TYR A 1 68  ? -6.106  -1.116  4.970   1.00 7.20  ? 68  TYR A C   1 
ATOM   508  O  O   . TYR A 1 68  ? -7.191  -1.118  4.360   1.00 8.54  ? 68  TYR A O   1 
ATOM   509  C  CB  . TYR A 1 68  ? -4.638  0.848   5.379   1.00 7.77  ? 68  TYR A CB  1 
ATOM   510  C  CG  . TYR A 1 68  ? -4.887  1.345   3.976   1.00 8.00  ? 68  TYR A CG  1 
ATOM   511  C  CD1 . TYR A 1 68  ? -5.981  2.159   3.692   1.00 7.88  ? 68  TYR A CD1 1 
ATOM   512  C  CD2 . TYR A 1 68  ? -4.004  1.040   2.943   1.00 9.38  ? 68  TYR A CD2 1 
ATOM   513  C  CE1 . TYR A 1 68  ? -6.182  2.657   2.416   1.00 8.16  ? 68  TYR A CE1 1 
ATOM   514  C  CE2 . TYR A 1 68  ? -4.191  1.543   1.654   1.00 8.62  ? 68  TYR A CE2 1 
ATOM   515  C  CZ  . TYR A 1 68  ? -5.284  2.353   1.403   1.00 8.11  ? 68  TYR A CZ  1 
ATOM   516  O  OH  . TYR A 1 68  ? -5.495  2.920   0.145   1.00 10.63 ? 68  TYR A OH  1 
ATOM   517  N  N   . LEU A 1 69  ? -5.191  -2.054  4.800   1.00 7.14  ? 69  LEU A N   1 
ATOM   518  C  CA  . LEU A 1 69  ? -5.417  -3.110  3.818   1.00 7.20  ? 69  LEU A CA  1 
ATOM   519  C  C   . LEU A 1 69  ? -6.585  -4.034  4.118   1.00 8.16  ? 69  LEU A C   1 
ATOM   520  O  O   . LEU A 1 69  ? -7.064  -4.705  3.214   1.00 8.55  ? 69  LEU A O   1 
ATOM   521  C  CB  . LEU A 1 69  ? -4.102  -3.890  3.579   1.00 7.03  ? 69  LEU A CB  1 
ATOM   522  C  CG  . LEU A 1 69  ? -3.026  -2.973  2.931   1.00 8.25  ? 69  LEU A CG  1 
ATOM   523  C  CD1 . LEU A 1 69  ? -1.716  -3.744  2.793   1.00 8.73  ? 69  LEU A CD1 1 
ATOM   524  C  CD2 . LEU A 1 69  ? -3.463  -2.461  1.530   1.00 9.29  ? 69  LEU A CD2 1 
ATOM   525  N  N   . GLU A 1 70  ? -7.050  -4.072  5.369   1.00 7.97  ? 70  GLU A N   1 
ATOM   526  C  CA  . GLU A 1 70  ? -8.203  -4.920  5.699   1.00 9.54  ? 70  GLU A CA  1 
ATOM   527  C  C   . GLU A 1 70  ? -9.484  -4.314  5.079   1.00 9.19  ? 70  GLU A C   1 
ATOM   528  O  O   . GLU A 1 70  ? -10.391 -5.029  4.636   1.00 9.34  ? 70  GLU A O   1 
ATOM   529  C  CB  . GLU A 1 70  ? -8.360  -5.037  7.221   1.00 11.74 ? 70  GLU A CB  1 
ATOM   530  C  CG  . GLU A 1 70  ? -9.265  -6.190  7.636   1.00 15.45 ? 70  GLU A CG  1 
ATOM   531  C  CD  . GLU A 1 70  ? -10.735 -5.846  7.688   1.00 18.96 ? 70  GLU A CD  1 
ATOM   532  O  OE1 . GLU A 1 70  ? -11.087 -4.642  7.745   1.00 21.28 ? 70  GLU A OE1 1 
ATOM   533  O  OE2 . GLU A 1 70  ? -11.566 -6.787  7.693   1.00 20.54 ? 70  GLU A OE2 1 
ATOM   534  N  N   . ASN A 1 71  ? -9.553  -2.984  5.034   1.00 7.51  ? 71  ASN A N   1 
ATOM   535  C  CA  . ASN A 1 71  ? -10.716 -2.305  4.448   1.00 7.25  ? 71  ASN A CA  1 
ATOM   536  C  C   . ASN A 1 71  ? -10.267 -0.872  4.119   1.00 6.98  ? 71  ASN A C   1 
ATOM   537  O  O   . ASN A 1 71  ? -10.375 0.067   4.922   1.00 6.35  ? 71  ASN A O   1 
ATOM   538  C  CB  . ASN A 1 71  ? -11.886 -2.329  5.453   1.00 8.60  ? 71  ASN A CB  1 
ATOM   539  C  CG  . ASN A 1 71  ? -13.195 -1.881  4.852   1.00 8.33  ? 71  ASN A CG  1 
ATOM   540  O  OD1 . ASN A 1 71  ? -14.276 -2.264  5.359   1.00 12.10 ? 71  ASN A OD1 1 
ATOM   541  N  ND2 . ASN A 1 71  ? -13.142 -1.066  3.831   1.00 7.06  ? 71  ASN A ND2 1 
ATOM   542  N  N   . PRO A 1 72  ? -9.737  -0.690  2.914   1.00 6.44  ? 72  PRO A N   1 
ATOM   543  C  CA  . PRO A 1 72  ? -9.256  0.630   2.488   1.00 6.47  ? 72  PRO A CA  1 
ATOM   544  C  C   . PRO A 1 72  ? -10.202 1.801   2.685   1.00 7.30  ? 72  PRO A C   1 
ATOM   545  O  O   . PRO A 1 72  ? -9.803  2.813   3.293   1.00 7.62  ? 72  PRO A O   1 
ATOM   546  C  CB  . PRO A 1 72  ? -8.874  0.410   1.024   1.00 6.24  ? 72  PRO A CB  1 
ATOM   547  C  CG  . PRO A 1 72  ? -8.449  -1.057  1.028   1.00 6.47  ? 72  PRO A CG  1 
ATOM   548  C  CD  . PRO A 1 72  ? -9.437  -1.742  1.919   1.00 6.36  ? 72  PRO A CD  1 
ATOM   549  N  N   . LYS A 1 73  ? -11.451 1.694   2.223   1.00 7.16  ? 73  LYS A N   1 
ATOM   550  C  CA  . LYS A 1 73  ? -12.327 2.864   2.364   1.00 8.32  ? 73  LYS A CA  1 
ATOM   551  C  C   . LYS A 1 73  ? -12.786 3.144   3.776   1.00 8.17  ? 73  LYS A C   1 
ATOM   552  O  O   . LYS A 1 73  ? -13.173 4.265   4.105   1.00 7.91  ? 73  LYS A O   1 
ATOM   553  C  CB  . LYS A 1 73  ? -13.515 2.758   1.430   1.00 9.52  ? 73  LYS A CB  1 
ATOM   554  C  CG  . LYS A 1 73  ? -14.523 1.719   1.808   1.00 11.44 ? 73  LYS A CG  1 
ATOM   555  C  CD  . LYS A 1 73  ? -15.523 1.509   0.702   1.00 13.98 ? 73  LYS A CD  1 
ATOM   556  C  CE  . LYS A 1 73  ? -16.194 2.777   0.310   1.00 15.36 ? 73  LYS A CE  1 
ATOM   557  N  NZ  . LYS A 1 73  ? -17.369 2.510   -0.539  1.00 21.67 ? 73  LYS A NZ  1 
ATOM   558  N  N   . LYS A 1 74  ? -12.738 2.121   4.625   1.00 7.47  ? 74  LYS A N   1 
ATOM   559  C  CA  . LYS A 1 74  ? -13.091 2.355   6.015   1.00 8.68  ? 74  LYS A CA  1 
ATOM   560  C  C   . LYS A 1 74  ? -11.991 3.191   6.678   1.00 8.16  ? 74  LYS A C   1 
ATOM   561  O  O   . LYS A 1 74  ? -12.278 4.147   7.419   1.00 7.99  ? 74  LYS A O   1 
ATOM   562  C  CB  . LYS A 1 74  ? -13.269 1.039   6.760   1.00 8.50  ? 74  LYS A CB  1 
ATOM   563  C  CG  . LYS A 1 74  ? -13.713 1.239   8.205   1.00 9.81  ? 74  LYS A CG  1 
ATOM   564  C  CD  . LYS A 1 74  ? -13.804 -0.067  8.943   1.00 12.05 ? 74  LYS A CD  1 
ATOM   565  C  CE  . LYS A 1 74  ? -14.318 0.141   10.365  1.00 13.94 ? 74  LYS A CE  1 
ATOM   566  N  NZ  . LYS A 1 74  ? -14.313 -1.165  11.052  1.00 15.49 ? 74  LYS A NZ  1 
ATOM   567  N  N   . TYR A 1 75  ? -10.734 2.843   6.392   1.00 6.64  ? 75  TYR A N   1 
ATOM   568  C  CA  . TYR A 1 75  ? -9.589  3.547   6.966   1.00 7.64  ? 75  TYR A CA  1 
ATOM   569  C  C   . TYR A 1 75  ? -9.431  4.940   6.366   1.00 7.44  ? 75  TYR A C   1 
ATOM   570  O  O   . TYR A 1 75  ? -9.084  5.887   7.072   1.00 8.85  ? 75  TYR A O   1 
ATOM   571  C  CB  . TYR A 1 75  ? -8.303  2.766   6.728   1.00 8.69  ? 75  TYR A CB  1 
ATOM   572  C  CG  . TYR A 1 75  ? -7.159  3.182   7.637   1.00 7.59  ? 75  TYR A CG  1 
ATOM   573  C  CD1 . TYR A 1 75  ? -7.262  3.041   9.021   1.00 8.16  ? 75  TYR A CD1 1 
ATOM   574  C  CD2 . TYR A 1 75  ? -5.954  3.652   7.102   1.00 6.85  ? 75  TYR A CD2 1 
ATOM   575  C  CE1 . TYR A 1 75  ? -6.195  3.342   9.871   1.00 8.93  ? 75  TYR A CE1 1 
ATOM   576  C  CE2 . TYR A 1 75  ? -4.860  3.957   7.946   1.00 6.76  ? 75  TYR A CE2 1 
ATOM   577  C  CZ  . TYR A 1 75  ? -4.985  3.797   9.315   1.00 7.80  ? 75  TYR A CZ  1 
ATOM   578  O  OH  . TYR A 1 75  ? -3.908  4.046   10.137  1.00 9.92  ? 75  TYR A OH  1 
ATOM   579  N  N   . ILE A 1 76  ? -9.676  5.063   5.060   1.00 7.50  ? 76  ILE A N   1 
ATOM   580  C  CA  . ILE A 1 76  ? -9.559  6.352   4.371   1.00 7.21  ? 76  ILE A CA  1 
ATOM   581  C  C   . ILE A 1 76  ? -10.830 6.651   3.569   1.00 7.57  ? 76  ILE A C   1 
ATOM   582  O  O   . ILE A 1 76  ? -10.886 6.457   2.347   1.00 7.20  ? 76  ILE A O   1 
ATOM   583  C  CB  . ILE A 1 76  ? -8.291  6.395   3.450   1.00 7.45  ? 76  ILE A CB  1 
ATOM   584  C  CG1 . ILE A 1 76  ? -7.045  6.105   4.295   1.00 7.26  ? 76  ILE A CG1 1 
ATOM   585  C  CG2 . ILE A 1 76  ? -8.146  7.782   2.773   1.00 6.42  ? 76  ILE A CG2 1 
ATOM   586  C  CD1 . ILE A 1 76  ? -5.721  6.254   3.537   1.00 8.61  ? 76  ILE A CD1 1 
ATOM   587  N  N   . PRO A 1 77  ? -11.897 7.097   4.258   1.00 6.40  ? 77  PRO A N   1 
ATOM   588  C  CA  . PRO A 1 77  ? -13.157 7.421   3.574   1.00 6.69  ? 77  PRO A CA  1 
ATOM   589  C  C   . PRO A 1 77  ? -12.884 8.505   2.522   1.00 6.63  ? 77  PRO A C   1 
ATOM   590  O  O   . PRO A 1 77  ? -12.208 9.495   2.804   1.00 7.96  ? 77  PRO A O   1 
ATOM   591  C  CB  . PRO A 1 77  ? -14.071 7.928   4.692   1.00 7.63  ? 77  PRO A CB  1 
ATOM   592  C  CG  . PRO A 1 77  ? -13.465 7.403   5.935   1.00 8.74  ? 77  PRO A CG  1 
ATOM   593  C  CD  . PRO A 1 77  ? -11.969 7.392   5.699   1.00 8.59  ? 77  PRO A CD  1 
ATOM   594  N  N   . GLY A 1 78  ? -13.397 8.293   1.321   1.00 7.79  ? 78  GLY A N   1 
ATOM   595  C  CA  . GLY A 1 78  ? -13.148 9.232   0.236   1.00 9.40  ? 78  GLY A CA  1 
ATOM   596  C  C   . GLY A 1 78  ? -11.964 8.850   -0.634  1.00 9.40  ? 78  GLY A C   1 
ATOM   597  O  O   . GLY A 1 78  ? -11.636 9.565   -1.601  1.00 10.47 ? 78  GLY A O   1 
ATOM   598  N  N   . THR A 1 79  ? -11.308 7.740   -0.304  1.00 8.31  ? 79  THR A N   1 
ATOM   599  C  CA  . THR A 1 79  ? -10.171 7.295   -1.111  1.00 8.08  ? 79  THR A CA  1 
ATOM   600  C  C   . THR A 1 79  ? -10.591 6.960   -2.525  1.00 6.84  ? 79  THR A C   1 
ATOM   601  O  O   . THR A 1 79  ? -11.754 6.568   -2.756  1.00 8.04  ? 79  THR A O   1 
ATOM   602  C  CB  . THR A 1 79  ? -9.492  6.028   -0.525  1.00 8.99  ? 79  THR A CB  1 
ATOM   603  O  OG1 . THR A 1 79  ? -8.391  5.673   -1.366  1.00 9.16  ? 79  THR A OG1 1 
ATOM   604  C  CG2 . THR A 1 79  ? -10.458 4.864   -0.456  1.00 9.34  ? 79  THR A CG2 1 
ATOM   605  N  N   . LYS A 1 80  ? -9.657  7.107   -3.467  1.00 6.45  ? 80  LYS A N   1 
ATOM   606  C  CA  . LYS A 1 80  ? -9.951  6.710   -4.843  1.00 6.81  ? 80  LYS A CA  1 
ATOM   607  C  C   . LYS A 1 80  ? -9.297  5.365   -5.134  1.00 7.05  ? 80  LYS A C   1 
ATOM   608  O  O   . LYS A 1 80  ? -9.286  4.906   -6.277  1.00 7.40  ? 80  LYS A O   1 
ATOM   609  C  CB  . LYS A 1 80  ? -9.568  7.785   -5.883  1.00 6.92  ? 80  LYS A CB  1 
ATOM   610  C  CG  . LYS A 1 80  ? -8.095  8.076   -6.091  1.00 7.96  ? 80  LYS A CG  1 
ATOM   611  C  CD  . LYS A 1 80  ? -7.917  9.247   -7.099  1.00 9.39  ? 80  LYS A CD  1 
ATOM   612  C  CE  . LYS A 1 80  ? -6.444  9.593   -7.297  1.00 11.27 ? 80  LYS A CE  1 
ATOM   613  N  NZ  . LYS A 1 80  ? -6.300  10.845  -8.137  1.00 12.50 ? 80  LYS A NZ  1 
ATOM   614  N  N   . MET A 1 81  ? -8.740  4.740   -4.092  1.00 6.97  ? 81  MET A N   1 
ATOM   615  C  CA  . MET A 1 81  ? -8.220  3.379   -4.233  1.00 6.31  ? 81  MET A CA  1 
ATOM   616  C  C   . MET A 1 81  ? -9.476  2.519   -4.060  1.00 7.12  ? 81  MET A C   1 
ATOM   617  O  O   . MET A 1 81  ? -9.968  2.321   -2.912  1.00 9.47  ? 81  MET A O   1 
ATOM   618  C  CB  . MET A 1 81  ? -7.243  2.988   -3.129  1.00 5.75  ? 81  MET A CB  1 
ATOM   619  C  CG  . MET A 1 81  ? -6.921  1.501   -3.208  1.00 7.15  ? 81  MET A CG  1 
ATOM   620  S  SD  . MET A 1 81  ? -5.345  1.119   -2.437  1.00 8.15  ? 81  MET A SD  1 
ATOM   621  C  CE  . MET A 1 81  ? -5.848  -0.416  -1.575  1.00 9.04  ? 81  MET A CE  1 
ATOM   622  N  N   . ILE A 1 82  ? -9.963  1.978   -5.177  1.00 6.89  ? 82  ILE A N   1 
ATOM   623  C  CA  . ILE A 1 82  ? -11.190 1.182   -5.160  1.00 7.22  ? 82  ILE A CA  1 
ATOM   624  C  C   . ILE A 1 82  ? -10.799 -0.288  -5.111  1.00 7.61  ? 82  ILE A C   1 
ATOM   625  O  O   . ILE A 1 82  ? -10.502 -0.928  -6.126  1.00 8.26  ? 82  ILE A O   1 
ATOM   626  C  CB  . ILE A 1 82  ? -12.070 1.529   -6.421  1.00 5.30  ? 82  ILE A CB  1 
ATOM   627  C  CG1 . ILE A 1 82  ? -12.260 3.057   -6.539  1.00 6.91  ? 82  ILE A CG1 1 
ATOM   628  C  CG2 . ILE A 1 82  ? -13.444 0.869   -6.310  1.00 7.33  ? 82  ILE A CG2 1 
ATOM   629  C  CD1 . ILE A 1 82  ? -12.719 3.752   -5.240  1.00 6.30  ? 82  ILE A CD1 1 
ATOM   630  N  N   . PHE A 1 83  ? -10.767 -0.803  -3.889  1.00 7.00  ? 83  PHE A N   1 
ATOM   631  C  CA  . PHE A 1 83  ? -10.341 -2.177  -3.663  1.00 8.02  ? 83  PHE A CA  1 
ATOM   632  C  C   . PHE A 1 83  ? -10.902 -2.613  -2.314  1.00 8.39  ? 83  PHE A C   1 
ATOM   633  O  O   . PHE A 1 83  ? -10.761 -1.905  -1.313  1.00 8.50  ? 83  PHE A O   1 
ATOM   634  C  CB  . PHE A 1 83  ? -8.800  -2.233  -3.686  1.00 7.77  ? 83  PHE A CB  1 
ATOM   635  C  CG  . PHE A 1 83  ? -8.227  -3.581  -3.300  1.00 8.66  ? 83  PHE A CG  1 
ATOM   636  C  CD1 . PHE A 1 83  ? -8.293  -4.652  -4.187  1.00 10.15 ? 83  PHE A CD1 1 
ATOM   637  C  CD2 . PHE A 1 83  ? -7.664  -3.777  -2.028  1.00 9.69  ? 83  PHE A CD2 1 
ATOM   638  C  CE1 . PHE A 1 83  ? -7.815  -5.910  -3.818  1.00 11.51 ? 83  PHE A CE1 1 
ATOM   639  C  CE2 . PHE A 1 83  ? -7.183  -5.032  -1.644  1.00 10.83 ? 83  PHE A CE2 1 
ATOM   640  C  CZ  . PHE A 1 83  ? -7.262  -6.105  -2.540  1.00 11.48 ? 83  PHE A CZ  1 
ATOM   641  N  N   . ALA A 1 84  ? -11.502 -3.801  -2.294  1.00 9.83  ? 84  ALA A N   1 
ATOM   642  C  CA  . ALA A 1 84  ? -12.154 -4.316  -1.084  1.00 11.17 ? 84  ALA A CA  1 
ATOM   643  C  C   . ALA A 1 84  ? -11.317 -4.527  0.156   1.00 11.97 ? 84  ALA A C   1 
ATOM   644  O  O   . ALA A 1 84  ? -11.820 -4.366  1.264   1.00 11.27 ? 84  ALA A O   1 
ATOM   645  C  CB  . ALA A 1 84  ? -12.855 -5.603  -1.401  1.00 12.82 ? 84  ALA A CB  1 
ATOM   646  N  N   . GLY A 1 85  ? -10.063 -4.898  -0.038  1.00 11.41 ? 85  GLY A N   1 
ATOM   647  C  CA  . GLY A 1 85  ? -9.215  -5.157  1.101   1.00 13.14 ? 85  GLY A CA  1 
ATOM   648  C  C   . GLY A 1 85  ? -8.945  -6.649  1.156   1.00 13.99 ? 85  GLY A C   1 
ATOM   649  O  O   . GLY A 1 85  ? -9.505  -7.461  0.393   1.00 13.73 ? 85  GLY A O   1 
ATOM   650  N  N   . ILE A 1 86  ? -8.060  -7.006  2.066   1.00 13.73 ? 86  ILE A N   1 
ATOM   651  C  CA  . ILE A 1 86  ? -7.678  -8.392  2.286   1.00 14.67 ? 86  ILE A CA  1 
ATOM   652  C  C   . ILE A 1 86  ? -8.063  -8.733  3.699   1.00 15.11 ? 86  ILE A C   1 
ATOM   653  O  O   . ILE A 1 86  ? -7.495  -8.200  4.648   1.00 14.55 ? 86  ILE A O   1 
ATOM   654  C  CB  . ILE A 1 86  ? -6.188  -8.560  2.066   1.00 15.64 ? 86  ILE A CB  1 
ATOM   655  C  CG1 . ILE A 1 86  ? -5.896  -8.434  0.577   1.00 18.38 ? 86  ILE A CG1 1 
ATOM   656  C  CG2 . ILE A 1 86  ? -5.726  -9.966  2.562   1.00 16.63 ? 86  ILE A CG2 1 
ATOM   657  C  CD1 . ILE A 1 86  ? -4.458  -8.270  0.278   1.00 19.20 ? 86  ILE A CD1 1 
ATOM   658  N  N   . LYS A 1 87  ? -9.080  -9.585  3.820   1.00 15.89 ? 87  LYS A N   1 
ATOM   659  C  CA  . LYS A 1 87  ? -9.634  -10.037 5.090   1.00 17.47 ? 87  LYS A CA  1 
ATOM   660  C  C   . LYS A 1 87  ? -8.659  -10.807 5.987   1.00 16.54 ? 87  LYS A C   1 
ATOM   661  O  O   . LYS A 1 87  ? -8.560  -10.541 7.191   1.00 17.33 ? 87  LYS A O   1 
ATOM   662  C  CB  . LYS A 1 87  ? -10.861 -10.931 4.810   1.00 21.62 ? 87  LYS A CB  1 
ATOM   663  C  CG  . LYS A 1 87  ? -11.471 -11.566 6.064   1.00 24.48 ? 87  LYS A CG  1 
ATOM   664  C  CD  . LYS A 1 87  ? -12.283 -12.863 5.813   1.00 26.90 ? 87  LYS A CD  1 
ATOM   665  C  CE  . LYS A 1 87  ? -13.548 -12.658 4.980   1.00 26.48 ? 87  LYS A CE  1 
ATOM   666  N  NZ  . LYS A 1 87  ? -13.262 -12.410 3.538   1.00 30.14 ? 87  LYS A NZ  1 
ATOM   667  N  N   . LYS A 1 88  ? -7.944  -11.762 5.400   1.00 16.04 ? 88  LYS A N   1 
ATOM   668  C  CA  . LYS A 1 88  ? -7.016  -12.590 6.166   1.00 14.55 ? 88  LYS A CA  1 
ATOM   669  C  C   . LYS A 1 88  ? -5.829  -11.860 6.775   1.00 13.87 ? 88  LYS A C   1 
ATOM   670  O  O   . LYS A 1 88  ? -5.065  -11.198 6.087   1.00 12.51 ? 88  LYS A O   1 
ATOM   671  C  CB  . LYS A 1 88  ? -6.496  -13.757 5.308   1.00 15.57 ? 88  LYS A CB  1 
ATOM   672  C  CG  . LYS A 1 88  ? -7.424  -14.970 5.233   1.00 16.53 ? 88  LYS A CG  1 
ATOM   673  C  CD  . LYS A 1 88  ? -7.474  -15.725 6.559   1.00 15.14 ? 88  LYS A CD  1 
ATOM   674  C  CE  . LYS A 1 88  ? -8.187  -17.083 6.404   1.00 15.54 ? 88  LYS A CE  1 
ATOM   675  N  NZ  . LYS A 1 88  ? -8.157  -17.798 7.683   1.00 16.48 ? 88  LYS A NZ  1 
ATOM   676  N  N   . LYS A 1 89  ? -5.690  -11.997 8.086   1.00 13.09 ? 89  LYS A N   1 
ATOM   677  C  CA  . LYS A 1 89  ? -4.584  -11.384 8.819   1.00 12.75 ? 89  LYS A CA  1 
ATOM   678  C  C   . LYS A 1 89  ? -3.253  -11.928 8.282   1.00 12.10 ? 89  LYS A C   1 
ATOM   679  O  O   . LYS A 1 89  ? -2.325  -11.171 8.012   1.00 12.17 ? 89  LYS A O   1 
ATOM   680  C  CB  . LYS A 1 89  ? -4.735  -11.727 10.303  1.00 14.62 ? 89  LYS A CB  1 
ATOM   681  C  CG  . LYS A 1 89  ? -3.691  -11.157 11.190  1.00 15.36 ? 89  LYS A CG  1 
ATOM   682  C  CD  . LYS A 1 89  ? -3.990  -11.553 12.621  1.00 16.19 ? 89  LYS A CD  1 
ATOM   683  C  CE  . LYS A 1 89  ? -3.023  -10.893 13.574  1.00 18.98 ? 89  LYS A CE  1 
ATOM   684  N  NZ  . LYS A 1 89  ? -3.545  -10.969 14.971  1.00 21.69 ? 89  LYS A NZ  1 
ATOM   685  N  N   . SER A 1 90  ? -3.175  -13.245 8.119   1.00 12.27 ? 90  SER A N   1 
ATOM   686  C  CA  . SER A 1 90  ? -1.957  -13.896 7.639   1.00 11.19 ? 90  SER A CA  1 
ATOM   687  C  C   . SER A 1 90  ? -1.537  -13.353 6.281   1.00 10.22 ? 90  SER A C   1 
ATOM   688  O  O   . SER A 1 90  ? -0.367  -13.062 6.039   1.00 11.20 ? 90  SER A O   1 
ATOM   689  C  CB  . SER A 1 90  ? -2.192  -15.406 7.525   1.00 12.52 ? 90  SER A CB  1 
ATOM   690  O  OG  . SER A 1 90  ? -3.390  -15.654 6.790   1.00 16.23 ? 90  SER A OG  1 
ATOM   691  N  N   . GLU A 1 91  ? -2.511  -13.219 5.390   1.00 10.07 ? 91  GLU A N   1 
ATOM   692  C  CA  . GLU A 1 91  ? -2.253  -12.701 4.058   1.00 10.94 ? 91  GLU A CA  1 
ATOM   693  C  C   . GLU A 1 91  ? -1.782  -11.241 4.109   1.00 9.75  ? 91  GLU A C   1 
ATOM   694  O  O   . GLU A 1 91  ? -0.881  -10.854 3.376   1.00 10.05 ? 91  GLU A O   1 
ATOM   695  C  CB  . GLU A 1 91  ? -3.523  -12.816 3.205   1.00 12.93 ? 91  GLU A CB  1 
ATOM   696  C  CG  . GLU A 1 91  ? -3.351  -12.396 1.776   1.00 16.05 ? 91  GLU A CG  1 
ATOM   697  C  CD  . GLU A 1 91  ? -4.538  -12.804 0.872   1.00 16.82 ? 91  GLU A CD  1 
ATOM   698  O  OE1 . GLU A 1 91  ? -4.696  -12.194 -0.209  1.00 19.75 ? 91  GLU A OE1 1 
ATOM   699  O  OE2 . GLU A 1 91  ? -5.305  -13.728 1.237   1.00 17.80 ? 91  GLU A OE2 1 
ATOM   700  N  N   . ARG A 1 92  ? -2.404  -10.427 4.953   1.00 9.08  ? 92  ARG A N   1 
ATOM   701  C  CA  . ARG A 1 92  ? -1.950  -9.042  5.050   1.00 9.00  ? 92  ARG A CA  1 
ATOM   702  C  C   . ARG A 1 92  ? -0.518  -8.993  5.609   1.00 8.82  ? 92  ARG A C   1 
ATOM   703  O  O   . ARG A 1 92  ? 0.313   -8.216  5.138   1.00 9.31  ? 92  ARG A O   1 
ATOM   704  C  CB  . ARG A 1 92  ? -2.882  -8.207  5.941   1.00 9.94  ? 92  ARG A CB  1 
ATOM   705  C  CG  . ARG A 1 92  ? -4.193  -7.855  5.256   1.00 11.03 ? 92  ARG A CG  1 
ATOM   706  C  CD  . ARG A 1 92  ? -5.146  -7.067  6.180   1.00 12.84 ? 92  ARG A CD  1 
ATOM   707  N  NE  . ARG A 1 92  ? -5.881  -7.976  7.070   1.00 16.57 ? 92  ARG A NE  1 
ATOM   708  C  CZ  . ARG A 1 92  ? -5.977  -7.802  8.381   1.00 17.43 ? 92  ARG A CZ  1 
ATOM   709  N  NH1 . ARG A 1 92  ? -5.388  -6.757  8.945   1.00 19.99 ? 92  ARG A NH1 1 
ATOM   710  N  NH2 . ARG A 1 92  ? -6.643  -8.672  9.125   1.00 17.67 ? 92  ARG A NH2 1 
ATOM   711  N  N   . GLU A 1 93  ? -0.232  -9.812  6.618   1.00 8.92  ? 93  GLU A N   1 
ATOM   712  C  CA  . GLU A 1 93  ? 1.122   -9.826  7.179   1.00 9.73  ? 93  GLU A CA  1 
ATOM   713  C  C   . GLU A 1 93  ? 2.142   -10.218 6.123   1.00 9.51  ? 93  GLU A C   1 
ATOM   714  O  O   . GLU A 1 93  ? 3.193   -9.593  6.037   1.00 9.20  ? 93  GLU A O   1 
ATOM   715  C  CB  . GLU A 1 93  ? 1.223   -10.828 8.329   1.00 10.46 ? 93  GLU A CB  1 
ATOM   716  C  CG  . GLU A 1 93  ? 0.499   -10.425 9.576   1.00 13.38 ? 93  GLU A CG  1 
ATOM   717  C  CD  . GLU A 1 93  ? 0.423   -11.554 10.595  1.00 14.86 ? 93  GLU A CD  1 
ATOM   718  O  OE1 . GLU A 1 93  ? 0.026   -11.275 11.740  1.00 16.92 ? 93  GLU A OE1 1 
ATOM   719  O  OE2 . GLU A 1 93  ? 0.755   -12.713 10.247  1.00 17.08 ? 93  GLU A OE2 1 
ATOM   720  N  N   . ASP A 1 94  ? 1.856   -11.260 5.337   1.00 9.46  ? 94  ASP A N   1 
ATOM   721  C  CA  . ASP A 1 94  ? 2.805   -11.686 4.294   1.00 9.97  ? 94  ASP A CA  1 
ATOM   722  C  C   . ASP A 1 94  ? 2.975   -10.594 3.240   1.00 9.35  ? 94  ASP A C   1 
ATOM   723  O  O   . ASP A 1 94  ? 4.103   -10.257 2.844   1.00 8.48  ? 94  ASP A O   1 
ATOM   724  C  CB  . ASP A 1 94  ? 2.319   -12.995 3.640   1.00 9.71  ? 94  ASP A CB  1 
ATOM   725  C  CG  . ASP A 1 94  ? 2.339   -14.149 4.615   1.00 11.76 ? 94  ASP A CG  1 
ATOM   726  O  OD1 . ASP A 1 94  ? 2.972   -13.976 5.689   1.00 10.78 ? 94  ASP A OD1 1 
ATOM   727  O  OD2 . ASP A 1 94  ? 1.749   -15.217 4.318   1.00 12.97 ? 94  ASP A OD2 1 
ATOM   728  N  N   . LEU A 1 95  ? 1.859   -10.032 2.786   1.00 8.97  ? 95  LEU A N   1 
ATOM   729  C  CA  . LEU A 1 95  ? 1.903   -8.968  1.788   1.00 8.45  ? 95  LEU A CA  1 
ATOM   730  C  C   . LEU A 1 95  ? 2.733   -7.787  2.282   1.00 8.22  ? 95  LEU A C   1 
ATOM   731  O  O   . LEU A 1 95  ? 3.569   -7.284  1.563   1.00 9.00  ? 95  LEU A O   1 
ATOM   732  C  CB  . LEU A 1 95  ? 0.480   -8.497  1.443   1.00 8.47  ? 95  LEU A CB  1 
ATOM   733  C  CG  . LEU A 1 95  ? 0.410   -7.266  0.514   1.00 8.47  ? 95  LEU A CG  1 
ATOM   734  C  CD1 . LEU A 1 95  ? 1.143   -7.538  -0.823  1.00 9.92  ? 95  LEU A CD1 1 
ATOM   735  C  CD2 . LEU A 1 95  ? -1.060  -6.916  0.315   1.00 8.79  ? 95  LEU A CD2 1 
ATOM   736  N  N   . ILE A 1 96  ? 2.494   -7.357  3.517   1.00 8.42  ? 96  ILE A N   1 
ATOM   737  C  CA  . ILE A 1 96  ? 3.232   -6.230  4.084   1.00 7.83  ? 96  ILE A CA  1 
ATOM   738  C  C   . ILE A 1 96  ? 4.724   -6.536  4.197   1.00 8.29  ? 96  ILE A C   1 
ATOM   739  O  O   . ILE A 1 96  ? 5.541   -5.660  3.952   1.00 8.61  ? 96  ILE A O   1 
ATOM   740  C  CB  . ILE A 1 96  ? 2.611   -5.833  5.427   1.00 6.81  ? 96  ILE A CB  1 
ATOM   741  C  CG1 . ILE A 1 96  ? 1.293   -5.107  5.126   1.00 7.73  ? 96  ILE A CG1 1 
ATOM   742  C  CG2 . ILE A 1 96  ? 3.541   -4.901  6.239   1.00 8.53  ? 96  ILE A CG2 1 
ATOM   743  C  CD1 . ILE A 1 96  ? 0.350   -4.968  6.351   1.00 7.62  ? 96  ILE A CD1 1 
ATOM   744  N  N   . LYS A 1 97  ? 5.069   -7.777  4.548   1.00 9.65  ? 97  LYS A N   1 
ATOM   745  C  CA  . LYS A 1 97  ? 6.464   -8.203  4.636   1.00 11.51 ? 97  LYS A CA  1 
ATOM   746  C  C   . LYS A 1 97  ? 7.136   -7.980  3.264   1.00 10.47 ? 97  LYS A C   1 
ATOM   747  O  O   . LYS A 1 97  ? 8.276   -7.453  3.161   1.00 10.26 ? 97  LYS A O   1 
ATOM   748  C  CB  . LYS A 1 97  ? 6.512   -9.691  4.975   1.00 12.45 ? 97  LYS A CB  1 
ATOM   749  C  CG  . LYS A 1 97  ? 7.922   -10.244 5.134   1.00 18.36 ? 97  LYS A CG  1 
ATOM   750  C  CD  . LYS A 1 97  ? 8.368   -10.111 6.541   1.00 20.75 ? 97  LYS A CD  1 
ATOM   751  C  CE  . LYS A 1 97  ? 8.669   -8.695  6.908   1.00 23.28 ? 97  LYS A CE  1 
ATOM   752  N  NZ  . LYS A 1 97  ? 9.112   -8.625  8.336   1.00 27.19 ? 97  LYS A NZ  1 
ATOM   753  N  N   . TYR A 1 98  ? 6.431   -8.396  2.213   1.00 9.98  ? 98  TYR A N   1 
ATOM   754  C  CA  . TYR A 1 98  ? 6.934   -8.244  0.861   1.00 9.63  ? 98  TYR A CA  1 
ATOM   755  C  C   . TYR A 1 98  ? 7.068   -6.750  0.541   1.00 10.27 ? 98  TYR A C   1 
ATOM   756  O  O   . TYR A 1 98  ? 8.088   -6.306  0.015   1.00 10.59 ? 98  TYR A O   1 
ATOM   757  C  CB  . TYR A 1 98  ? 5.980   -8.890  -0.167  1.00 10.05 ? 98  TYR A CB  1 
ATOM   758  C  CG  . TYR A 1 98  ? 6.342   -8.512  -1.582  1.00 8.49  ? 98  TYR A CG  1 
ATOM   759  C  CD1 . TYR A 1 98  ? 7.554   -8.923  -2.152  1.00 10.01 ? 98  TYR A CD1 1 
ATOM   760  C  CD2 . TYR A 1 98  ? 5.533   -7.651  -2.309  1.00 9.05  ? 98  TYR A CD2 1 
ATOM   761  C  CE1 . TYR A 1 98  ? 7.952   -8.454  -3.411  1.00 11.53 ? 98  TYR A CE1 1 
ATOM   762  C  CE2 . TYR A 1 98  ? 5.912   -7.186  -3.554  1.00 11.09 ? 98  TYR A CE2 1 
ATOM   763  C  CZ  . TYR A 1 98  ? 7.116   -7.582  -4.102  1.00 11.38 ? 98  TYR A CZ  1 
ATOM   764  O  OH  . TYR A 1 98  ? 7.480   -7.084  -5.339  1.00 14.68 ? 98  TYR A OH  1 
ATOM   765  N  N   . LEU A 1 99  ? 6.028   -5.979  0.833   1.00 9.44  ? 99  LEU A N   1 
ATOM   766  C  CA  . LEU A 1 99  ? 6.066   -4.558  0.552   1.00 9.65  ? 99  LEU A CA  1 
ATOM   767  C  C   . LEU A 1 99  ? 7.225   -3.856  1.239   1.00 9.33  ? 99  LEU A C   1 
ATOM   768  O  O   . LEU A 1 99  ? 7.840   -2.969  0.656   1.00 10.62 ? 99  LEU A O   1 
ATOM   769  C  CB  . LEU A 1 99  ? 4.754   -3.873  0.966   1.00 10.14 ? 99  LEU A CB  1 
ATOM   770  C  CG  . LEU A 1 99  ? 3.499   -4.237  0.178   1.00 10.20 ? 99  LEU A CG  1 
ATOM   771  C  CD1 . LEU A 1 99  ? 2.318   -3.503  0.798   1.00 11.85 ? 99  LEU A CD1 1 
ATOM   772  C  CD2 . LEU A 1 99  ? 3.646   -3.887  -1.303  1.00 11.94 ? 99  LEU A CD2 1 
ATOM   773  N  N   . LYS A 1 100 ? 7.511   -4.224  2.484   1.00 9.47  ? 100 LYS A N   1 
ATOM   774  C  CA  . LYS A 1 100 ? 8.615   -3.588  3.214   1.00 10.09 ? 100 LYS A CA  1 
ATOM   775  C  C   . LYS A 1 100 ? 9.933   -3.838  2.477   1.00 9.81  ? 100 LYS A C   1 
ATOM   776  O  O   . LYS A 1 100 ? 10.748  -2.925  2.287   1.00 9.72  ? 100 LYS A O   1 
ATOM   777  C  CB  . LYS A 1 100 ? 8.655   -4.156  4.624   1.00 11.82 ? 100 LYS A CB  1 
ATOM   778  C  CG  . LYS A 1 100 ? 9.743   -3.598  5.533   1.00 15.03 ? 100 LYS A CG  1 
ATOM   779  C  CD  . LYS A 1 100 ? 9.500   -4.184  6.903   1.00 17.20 ? 100 LYS A CD  1 
ATOM   780  C  CE  . LYS A 1 100 ? 10.683  -4.056  7.840   1.00 21.08 ? 100 LYS A CE  1 
ATOM   781  N  NZ  . LYS A 1 100 ? 10.312  -4.679  9.143   1.00 23.85 ? 100 LYS A NZ  1 
ATOM   782  N  N   . GLN A 1 101 ? 10.115  -5.074  2.034   1.00 10.58 ? 101 GLN A N   1 
ATOM   783  C  CA  . GLN A 1 101 ? 11.312  -5.437  1.303   1.00 12.26 ? 101 GLN A CA  1 
ATOM   784  C  C   . GLN A 1 101 ? 11.396  -4.730  -0.066  1.00 11.90 ? 101 GLN A C   1 
ATOM   785  O  O   . GLN A 1 101 ? 12.376  -4.037  -0.371  1.00 12.04 ? 101 GLN A O   1 
ATOM   786  C  CB  . GLN A 1 101 ? 11.324  -6.963  1.147   1.00 15.05 ? 101 GLN A CB  1 
ATOM   787  C  CG  . GLN A 1 101 ? 12.264  -7.530  0.109   1.00 19.45 ? 101 GLN A CG  1 
ATOM   788  C  CD  . GLN A 1 101 ? 12.078  -9.040  -0.011  1.00 22.47 ? 101 GLN A CD  1 
ATOM   789  O  OE1 . GLN A 1 101 ? 12.489  -9.789  0.874   1.00 23.76 ? 101 GLN A OE1 1 
ATOM   790  N  NE2 . GLN A 1 101 ? 11.437  -9.489  -1.097  1.00 24.02 ? 101 GLN A NE2 1 
ATOM   791  N  N   . ALA A 1 102 ? 10.355  -4.863  -0.883  1.00 10.95 ? 102 ALA A N   1 
ATOM   792  C  CA  . ALA A 1 102 ? 10.392  -4.275  -2.218  1.00 10.12 ? 102 ALA A CA  1 
ATOM   793  C  C   . ALA A 1 102 ? 10.410  -2.750  -2.309  1.00 9.85  ? 102 ALA A C   1 
ATOM   794  O  O   . ALA A 1 102 ? 10.988  -2.193  -3.254  1.00 10.67 ? 102 ALA A O   1 
ATOM   795  C  CB  . ALA A 1 102 ? 9.231   -4.819  -3.049  1.00 9.65  ? 102 ALA A CB  1 
ATOM   796  N  N   . THR A 1 103 ? 9.784   -2.068  -1.348  1.00 9.49  ? 103 THR A N   1 
ATOM   797  C  CA  . THR A 1 103 ? 9.715   -0.619  -1.394  1.00 9.28  ? 103 THR A CA  1 
ATOM   798  C  C   . THR A 1 103 ? 10.866  0.044   -0.637  1.00 9.13  ? 103 THR A C   1 
ATOM   799  O  O   . THR A 1 103 ? 10.961  1.263   -0.629  1.00 8.11  ? 103 THR A O   1 
ATOM   800  C  CB  . THR A 1 103 ? 8.395   -0.068  -0.777  1.00 9.08  ? 103 THR A CB  1 
ATOM   801  O  OG1 . THR A 1 103 ? 8.353   -0.356  0.632   1.00 9.31  ? 103 THR A OG1 1 
ATOM   802  C  CG2 . THR A 1 103 ? 7.176   -0.690  -1.455  1.00 9.14  ? 103 THR A CG2 1 
ATOM   803  N  N   . SER A 1 104 ? 11.735  -0.742  -0.001  1.00 10.44 ? 104 SER A N   1 
ATOM   804  C  CA  . SER A 1 104 ? 12.839  -0.152  0.761   1.00 12.35 ? 104 SER A CA  1 
ATOM   805  C  C   . SER A 1 104 ? 14.201  -0.455  0.180   1.00 14.31 ? 104 SER A C   1 
ATOM   806  O  O   . SER A 1 104 ? 15.230  -0.081  0.769   1.00 15.72 ? 104 SER A O   1 
ATOM   807  C  CB  . SER A 1 104 ? 12.810  -0.641  2.219   1.00 12.53 ? 104 SER A CB  1 
ATOM   808  O  OG  . SER A 1 104 ? 11.519  -0.493  2.811   1.00 15.19 ? 104 SER A OG  1 
ATOM   809  N  N   . SER A 1 105 ? 14.231  -1.140  -0.960  1.00 15.04 ? 105 SER A N   1 
ATOM   810  C  CA  . SER A 1 105 ? 15.509  -1.477  -1.582  1.00 16.51 ? 105 SER A CA  1 
ATOM   811  C  C   . SER A 1 105 ? 15.419  -1.467  -3.095  1.00 17.40 ? 105 SER A C   1 
ATOM   812  O  O   . SER A 1 105 ? 14.338  -1.097  -3.611  1.00 17.26 ? 105 SER A O   1 
ATOM   813  C  CB  . SER A 1 105 ? 15.990  -2.844  -1.087  1.00 15.76 ? 105 SER A CB  1 
ATOM   814  O  OG  . SER A 1 105 ? 15.006  -3.845  -1.294  1.00 17.02 ? 105 SER A OG  1 
ATOM   815  O  OXT . SER A 1 105 ? 16.426  -1.827  -3.747  1.00 17.46 ? 105 SER A OXT 1 
HETATM 816  P  P   . PO4 B 2 .   ? -15.232 -1.766  14.656  1.00 29.93 ? 201 PO4 A P   1 
HETATM 817  O  O1  . PO4 B 2 .   ? -15.815 -1.226  15.914  1.00 31.31 ? 201 PO4 A O1  1 
HETATM 818  O  O2  . PO4 B 2 .   ? -15.030 -0.663  13.695  1.00 31.13 ? 201 PO4 A O2  1 
HETATM 819  O  O3  . PO4 B 2 .   ? -16.162 -2.764  14.074  1.00 31.23 ? 201 PO4 A O3  1 
HETATM 820  O  O4  . PO4 B 2 .   ? -13.930 -2.417  14.948  1.00 31.21 ? 201 PO4 A O4  1 
HETATM 821  P  P   . PO4 C 2 .   ? -8.879  6.650   -12.363 1.00 50.01 ? 202 PO4 A P   1 
HETATM 822  O  O1  . PO4 C 2 .   ? -9.459  8.003   -12.575 1.00 49.51 ? 202 PO4 A O1  1 
HETATM 823  O  O2  . PO4 C 2 .   ? -7.712  6.465   -13.270 1.00 49.09 ? 202 PO4 A O2  1 
HETATM 824  O  O3  . PO4 C 2 .   ? -9.903  5.618   -12.656 1.00 49.41 ? 202 PO4 A O3  1 
HETATM 825  O  O4  . PO4 C 2 .   ? -8.440  6.521   -10.950 1.00 49.10 ? 202 PO4 A O4  1 
HETATM 826  FE FE  . HEC D 3 .   ? -3.625  0.913   -3.718  1.00 7.82  ? 200 HEC A FE  1 
HETATM 827  C  CHA . HEC D 3 .   ? -3.148  4.151   -2.733  1.00 7.46  ? 200 HEC A CHA 1 
HETATM 828  C  CHB . HEC D 3 .   ? -1.525  -0.148  -1.232  1.00 7.55  ? 200 HEC A CHB 1 
HETATM 829  C  CHC . HEC D 3 .   ? -4.371  -2.353  -4.446  1.00 7.21  ? 200 HEC A CHC 1 
HETATM 830  C  CHD . HEC D 3 .   ? -5.505  1.952   -6.347  1.00 8.32  ? 200 HEC A CHD 1 
HETATM 831  N  NA  . HEC D 3 .   ? -2.558  1.821   -2.236  1.00 7.97  ? 200 HEC A NA  1 
HETATM 832  C  C1A . HEC D 3 .   ? -2.500  3.175   -1.990  1.00 8.34  ? 200 HEC A C1A 1 
HETATM 833  C  C2A . HEC D 3 .   ? -1.657  3.407   -0.828  1.00 7.58  ? 200 HEC A C2A 1 
HETATM 834  C  C3A . HEC D 3 .   ? -1.183  2.190   -0.425  1.00 7.57  ? 200 HEC A C3A 1 
HETATM 835  C  C4A . HEC D 3 .   ? -1.760  1.213   -1.318  1.00 7.79  ? 200 HEC A C4A 1 
HETATM 836  C  CMA . HEC D 3 .   ? -0.258  1.865   0.722   1.00 7.44  ? 200 HEC A CMA 1 
HETATM 837  C  CAA . HEC D 3 .   ? -1.379  4.747   -0.210  1.00 7.82  ? 200 HEC A CAA 1 
HETATM 838  C  CBA . HEC D 3 .   ? -0.014  5.273   -0.538  1.00 7.00  ? 200 HEC A CBA 1 
HETATM 839  C  CGA . HEC D 3 .   ? 0.311   6.607   0.097   1.00 7.97  ? 200 HEC A CGA 1 
HETATM 840  O  O1A . HEC D 3 .   ? 1.342   7.182   -0.299  1.00 9.79  ? 200 HEC A O1A 1 
HETATM 841  O  O2A . HEC D 3 .   ? -0.449  7.065   1.004   1.00 8.08  ? 200 HEC A O2A 1 
HETATM 842  N  NB  . HEC D 3 .   ? -3.070  -0.907  -2.954  1.00 6.32  ? 200 HEC A NB  1 
HETATM 843  C  C1B . HEC D 3 .   ? -2.122  -1.129  -1.985  1.00 6.61  ? 200 HEC A C1B 1 
HETATM 844  C  C2B . HEC D 3 .   ? -1.855  -2.546  -1.858  1.00 7.31  ? 200 HEC A C2B 1 
HETATM 845  C  C3B . HEC D 3 .   ? -2.769  -3.147  -2.675  1.00 8.13  ? 200 HEC A C3B 1 
HETATM 846  C  C4B . HEC D 3 .   ? -3.471  -2.119  -3.397  1.00 7.64  ? 200 HEC A C4B 1 
HETATM 847  C  CMB . HEC D 3 .   ? -0.791  -3.179  -0.973  1.00 8.17  ? 200 HEC A CMB 1 
HETATM 848  C  CAB . HEC D 3 .   ? -3.030  -4.584  -2.870  1.00 9.25  ? 200 HEC A CAB 1 
HETATM 849  C  CBB . HEC D 3 .   ? -3.683  -5.390  -2.012  1.00 12.66 ? 200 HEC A CBB 1 
HETATM 850  N  NC  . HEC D 3 .   ? -4.765  -0.038  -5.147  1.00 7.17  ? 200 HEC A NC  1 
HETATM 851  C  C1C . HEC D 3 .   ? -4.915  -1.386  -5.284  1.00 6.95  ? 200 HEC A C1C 1 
HETATM 852  C  C2C . HEC D 3 .   ? -5.655  -1.655  -6.506  1.00 7.07  ? 200 HEC A C2C 1 
HETATM 853  C  C3C . HEC D 3 .   ? -5.948  -0.432  -7.068  1.00 7.55  ? 200 HEC A C3C 1 
HETATM 854  C  C4C . HEC D 3 .   ? -5.396  0.576   -6.176  1.00 7.26  ? 200 HEC A C4C 1 
HETATM 855  C  CMC . HEC D 3 .   ? -5.973  -3.046  -7.005  1.00 8.60  ? 200 HEC A CMC 1 
HETATM 856  C  CAC . HEC D 3 .   ? -6.672  -0.122  -8.344  1.00 5.76  ? 200 HEC A CAC 1 
HETATM 857  C  CBC . HEC D 3 .   ? -7.895  -0.618  -8.649  1.00 7.22  ? 200 HEC A CBC 1 
HETATM 858  N  ND  . HEC D 3 .   ? -4.225  2.735   -4.402  1.00 7.66  ? 200 HEC A ND  1 
HETATM 859  C  C1D . HEC D 3 .   ? -4.998  2.949   -5.522  1.00 8.29  ? 200 HEC A C1D 1 
HETATM 860  C  C2D . HEC D 3 .   ? -5.207  4.358   -5.710  1.00 7.53  ? 200 HEC A C2D 1 
HETATM 861  C  C3D . HEC D 3 .   ? -4.558  4.989   -4.670  1.00 8.19  ? 200 HEC A C3D 1 
HETATM 862  C  C4D . HEC D 3 .   ? -3.930  3.956   -3.867  1.00 7.94  ? 200 HEC A C4D 1 
HETATM 863  C  CMD . HEC D 3 .   ? -6.005  4.980   -6.824  1.00 8.62  ? 200 HEC A CMD 1 
HETATM 864  C  CAD . HEC D 3 .   ? -4.529  6.464   -4.422  1.00 7.64  ? 200 HEC A CAD 1 
HETATM 865  C  CBD . HEC D 3 .   ? -5.824  6.736   -3.610  1.00 6.99  ? 200 HEC A CBD 1 
HETATM 866  C  CGD . HEC D 3 .   ? -6.056  8.184   -3.228  1.00 6.67  ? 200 HEC A CGD 1 
HETATM 867  O  O1D . HEC D 3 .   ? -5.259  9.086   -3.578  1.00 7.83  ? 200 HEC A O1D 1 
HETATM 868  O  O2D . HEC D 3 .   ? -7.105  8.377   -2.559  1.00 6.76  ? 200 HEC A O2D 1 
HETATM 869  O  O   . HOH E 4 .   ? -8.799  2.522   -7.760  1.00 7.42  ? 301 HOH A O   1 
HETATM 870  O  O   . HOH E 4 .   ? -12.291 1.117   -1.963  1.00 8.44  ? 302 HOH A O   1 
HETATM 871  O  O   . HOH E 4 .   ? 2.139   2.410   -9.602  1.00 8.62  ? 303 HOH A O   1 
HETATM 872  O  O   . HOH E 4 .   ? -1.113  14.704  -4.324  1.00 13.05 ? 304 HOH A O   1 
HETATM 873  O  O   . HOH E 4 .   ? -3.196  0.796   -13.378 1.00 9.91  ? 305 HOH A O   1 
HETATM 874  O  O   . HOH E 4 .   ? 3.113   -0.009  15.368  1.00 13.78 ? 306 HOH A O   1 
HETATM 875  O  O   . HOH E 4 .   ? 9.635   1.720   2.164   1.00 13.32 ? 307 HOH A O   1 
HETATM 876  O  O   . HOH E 4 .   ? 5.854   6.020   -3.116  1.00 11.39 ? 308 HOH A O   1 
HETATM 877  O  O   . HOH E 4 .   ? -14.429 -1.742  1.575   1.00 9.50  ? 309 HOH A O   1 
HETATM 878  O  O   . HOH E 4 .   ? 2.875   3.926   12.243  1.00 10.35 ? 310 HOH A O   1 
HETATM 879  O  O   . HOH E 4 .   ? -12.319 -0.438  0.377   1.00 9.68  ? 311 HOH A O   1 
HETATM 880  O  O   . HOH E 4 .   ? -10.316 1.109   9.963   1.00 12.26 ? 312 HOH A O   1 
HETATM 881  O  O   . HOH E 4 .   ? 2.951   8.278   1.414   1.00 9.22  ? 313 HOH A O   1 
HETATM 882  O  O   . HOH E 4 .   ? -14.073 5.365   -1.882  1.00 11.68 ? 314 HOH A O   1 
HETATM 883  O  O   . HOH E 4 .   ? -6.148  5.712   0.045   1.00 10.31 ? 315 HOH A O   1 
HETATM 884  O  O   . HOH E 4 .   ? -11.463 5.414   9.690   1.00 12.38 ? 316 HOH A O   1 
HETATM 885  O  O   . HOH E 4 .   ? -9.758  -0.504  7.637   1.00 12.56 ? 317 HOH A O   1 
HETATM 886  O  O   . HOH E 4 .   ? 0.567   1.553   18.260  1.00 13.56 ? 318 HOH A O   1 
HETATM 887  O  O   . HOH E 4 .   ? -15.876 4.655   3.880   1.00 19.09 ? 319 HOH A O   1 
HETATM 888  O  O   . HOH E 4 .   ? 7.234   7.025   -5.840  1.00 12.50 ? 320 HOH A O   1 
HETATM 889  O  O   . HOH E 4 .   ? 0.942   -16.397 -1.608  1.00 13.32 ? 321 HOH A O   1 
HETATM 890  O  O   . HOH E 4 .   ? 4.308   -8.137  8.171   1.00 15.61 ? 322 HOH A O   1 
HETATM 891  O  O   . HOH E 4 .   ? -3.311  -2.646  12.945  1.00 15.67 ? 323 HOH A O   1 
HETATM 892  O  O   . HOH E 4 .   ? -1.350  11.306  -10.506 1.00 14.38 ? 324 HOH A O   1 
HETATM 893  O  O   . HOH E 4 .   ? -15.164 6.202   0.629   1.00 8.85  ? 325 HOH A O   1 
HETATM 894  O  O   . HOH E 4 .   ? -0.563  -15.407 3.034   1.00 18.35 ? 326 HOH A O   1 
HETATM 895  O  O   . HOH E 4 .   ? -13.568 7.348   -4.887  1.00 19.40 ? 327 HOH A O   1 
HETATM 896  O  O   . HOH E 4 .   ? 1.040   3.573   14.483  1.00 14.73 ? 328 HOH A O   1 
HETATM 897  O  O   . HOH E 4 .   ? 9.884   -13.241 4.702   1.00 17.50 ? 329 HOH A O   1 
HETATM 898  O  O   . HOH E 4 .   ? -9.063  -4.760  -8.507  1.00 21.61 ? 330 HOH A O   1 
HETATM 899  O  O   . HOH E 4 .   ? 13.721  -1.124  -6.171  1.00 16.36 ? 331 HOH A O   1 
HETATM 900  O  O   . HOH E 4 .   ? -13.037 11.710  4.192   1.00 11.40 ? 332 HOH A O   1 
HETATM 901  O  O   . HOH E 4 .   ? -10.773 13.630  -0.756  1.00 18.34 ? 333 HOH A O   1 
HETATM 902  O  O   . HOH E 4 .   ? 6.597   -3.327  -9.096  1.00 15.79 ? 334 HOH A O   1 
HETATM 903  O  O   . HOH E 4 .   ? 7.971   11.328  -0.449  1.00 20.87 ? 335 HOH A O   1 
HETATM 904  O  O   . HOH E 4 .   ? 6.826   11.217  6.435   1.00 24.48 ? 336 HOH A O   1 
HETATM 905  O  O   . HOH E 4 .   ? 1.007   6.909   12.653  1.00 15.72 ? 337 HOH A O   1 
HETATM 906  O  O   . HOH E 4 .   ? -9.790  15.088  -3.360  1.00 17.55 ? 338 HOH A O   1 
HETATM 907  O  O   . HOH E 4 .   ? -6.251  7.283   -9.635  1.00 18.76 ? 339 HOH A O   1 
HETATM 908  O  O   . HOH E 4 .   ? 5.061   7.446   -13.646 1.00 19.25 ? 340 HOH A O   1 
HETATM 909  O  O   . HOH E 4 .   ? 9.539   9.091   -0.163  1.00 20.46 ? 341 HOH A O   1 
HETATM 910  O  O   . HOH E 4 .   ? 6.612   -19.204 1.134   1.00 20.30 ? 342 HOH A O   1 
HETATM 911  O  O   . HOH E 4 .   ? -5.002  -15.373 9.106   1.00 17.05 ? 343 HOH A O   1 
HETATM 912  O  O   . HOH E 4 .   ? -2.686  -16.785 4.327   1.00 18.13 ? 344 HOH A O   1 
HETATM 913  O  O   . HOH E 4 .   ? 7.557   0.483   -13.336 1.00 21.14 ? 345 HOH A O   1 
HETATM 914  O  O   . HOH E 4 .   ? 10.184  5.329   -6.913  1.00 21.49 ? 346 HOH A O   1 
HETATM 915  O  O   . HOH E 4 .   ? -2.941  -7.207  -9.596  1.00 21.76 ? 347 HOH A O   1 
HETATM 916  O  O   . HOH E 4 .   ? -10.627 -9.385  8.764   1.00 21.57 ? 348 HOH A O   1 
HETATM 917  O  O   . HOH E 4 .   ? 1.040   14.714  -2.019  1.00 18.57 ? 349 HOH A O   1 
HETATM 918  O  O   . HOH E 4 .   ? 2.733   -3.311  -11.559 1.00 23.09 ? 350 HOH A O   1 
HETATM 919  O  O   . HOH E 4 .   ? 12.147  -3.336  -5.250  1.00 16.52 ? 351 HOH A O   1 
HETATM 920  O  O   . HOH E 4 .   ? 7.667   12.609  2.020   1.00 22.11 ? 352 HOH A O   1 
HETATM 921  O  O   . HOH E 4 .   ? 9.895   -7.730  -5.934  1.00 18.08 ? 353 HOH A O   1 
HETATM 922  O  O   . HOH E 4 .   ? 8.934   6.415   -9.234  1.00 19.29 ? 354 HOH A O   1 
HETATM 923  O  O   . HOH E 4 .   ? -0.172  -8.707  12.892  1.00 24.85 ? 355 HOH A O   1 
HETATM 924  O  O   . HOH E 4 .   ? -8.820  -6.515  -12.417 1.00 28.78 ? 356 HOH A O   1 
HETATM 925  O  O   . HOH E 4 .   ? -19.257 5.048   0.190   1.00 27.14 ? 357 HOH A O   1 
HETATM 926  O  O   . HOH E 4 .   ? 2.397   13.597  -4.454  1.00 17.57 ? 358 HOH A O   1 
HETATM 927  O  O   . HOH E 4 .   ? 2.061   4.183   -16.255 1.00 23.56 ? 359 HOH A O   1 
HETATM 928  O  O   . HOH E 4 .   ? -1.395  12.578  5.852   1.00 22.16 ? 360 HOH A O   1 
HETATM 929  O  O   . HOH E 4 .   ? -4.210  15.852  -6.146  1.00 21.47 ? 361 HOH A O   1 
HETATM 930  O  O   . HOH E 4 .   ? 5.520   5.615   -18.641 1.00 23.27 ? 362 HOH A O   1 
HETATM 931  O  O   . HOH E 4 .   ? 10.548  -7.595  4.603   1.00 22.84 ? 363 HOH A O   1 
HETATM 932  O  O   . HOH E 4 .   ? 8.780   -2.903  9.535   1.00 22.15 ? 364 HOH A O   1 
HETATM 933  O  O   . HOH E 4 .   ? 12.623  -9.329  3.297   1.00 24.91 ? 365 HOH A O   1 
HETATM 934  O  O   . HOH E 4 .   ? -7.305  -6.344  -7.109  1.00 21.82 ? 366 HOH A O   1 
HETATM 935  O  O   . HOH E 4 .   ? -12.967 -5.592  4.125   1.00 25.06 ? 367 HOH A O   1 
HETATM 936  O  O   . HOH E 4 .   ? 14.288  -4.686  -3.941  1.00 23.23 ? 368 HOH A O   1 
HETATM 937  O  O   . HOH E 4 .   ? -18.102 -2.267  12.751  1.00 29.74 ? 369 HOH A O   1 
HETATM 938  O  O   . HOH E 4 .   ? 2.658   -18.662 -1.645  1.00 13.97 ? 370 HOH A O   1 
HETATM 939  O  O   . HOH E 4 .   ? 1.119   4.419   18.621  1.00 14.59 ? 371 HOH A O   1 
HETATM 940  O  O   . HOH E 4 .   ? -0.628  -16.859 0.649   1.00 15.94 ? 372 HOH A O   1 
HETATM 941  O  O   . HOH E 4 .   ? 5.418   -18.570 -1.425  1.00 17.11 ? 373 HOH A O   1 
HETATM 942  O  O   . HOH E 4 .   ? 2.147   -6.749  9.332   1.00 16.75 ? 374 HOH A O   1 
HETATM 943  O  O   . HOH E 4 .   ? 1.928   5.602   16.256  1.00 14.81 ? 375 HOH A O   1 
HETATM 944  O  O   . HOH E 4 .   ? 3.308   7.125   14.456  1.00 12.72 ? 376 HOH A O   1 
HETATM 945  O  O   . HOH E 4 .   ? -13.596 -3.754  8.012   1.00 18.31 ? 377 HOH A O   1 
HETATM 946  O  O   . HOH E 4 .   ? 12.914  3.699   0.493   1.00 19.05 ? 378 HOH A O   1 
HETATM 947  O  O   . HOH E 4 .   ? 9.952   13.177  -1.392  1.00 20.09 ? 379 HOH A O   1 
HETATM 948  O  O   . HOH E 4 .   ? -14.670 -4.561  2.123   1.00 21.80 ? 380 HOH A O   1 
HETATM 949  O  O   . HOH E 4 .   ? -0.707  7.689   -13.034 1.00 22.85 ? 381 HOH A O   1 
HETATM 950  O  O   . HOH E 4 .   ? -11.650 15.179  1.375   1.00 21.58 ? 382 HOH A O   1 
HETATM 951  O  O   . HOH E 4 .   ? 7.654   8.802   -7.902  1.00 17.10 ? 383 HOH A O   1 
HETATM 952  O  O   . HOH E 4 .   ? 9.696   1.198   -15.047 1.00 24.55 ? 384 HOH A O   1 
HETATM 953  O  O   . HOH E 4 .   ? 2.078   -7.024  12.155  1.00 24.59 ? 385 HOH A O   1 
HETATM 954  O  O   . HOH E 4 .   ? -2.770  -7.240  13.479  1.00 24.53 ? 386 HOH A O   1 
HETATM 955  O  O   . HOH E 4 .   ? 6.893   -6.000  -7.827  1.00 20.84 ? 387 HOH A O   1 
HETATM 956  O  O   . HOH E 4 .   ? 6.673   10.815  -10.307 1.00 31.53 ? 388 HOH A O   1 
HETATM 957  O  O   . HOH E 4 .   ? 6.662   13.992  6.335   1.00 25.53 ? 389 HOH A O   1 
HETATM 958  O  O   . HOH E 4 .   ? 5.135   -4.821  -10.919 1.00 20.75 ? 390 HOH A O   1 
HETATM 959  O  O   . HOH E 4 .   ? -1.052  -16.665 -3.519  1.00 27.00 ? 391 HOH A O   1 
HETATM 960  O  O   . HOH E 4 .   ? 12.186  -6.709  6.696   1.00 24.27 ? 392 HOH A O   1 
HETATM 961  O  O   . HOH E 4 .   ? 14.296  -8.130  5.128   1.00 22.97 ? 393 HOH A O   1 
HETATM 962  O  O   . HOH E 4 .   ? 12.838  1.922   -11.952 1.00 28.40 ? 394 HOH A O   1 
HETATM 963  O  O   . HOH E 4 .   ? -8.161  -12.376 10.010  1.00 32.63 ? 395 HOH A O   1 
HETATM 964  O  O   . HOH E 4 .   ? -10.841 -2.625  9.040   1.00 19.44 ? 396 HOH A O   1 
HETATM 965  O  O   . HOH E 4 .   ? 7.093   -15.647 -4.352  1.00 21.94 ? 397 HOH A O   1 
HETATM 966  O  O   . HOH E 4 .   ? 10.510  7.425   2.268   1.00 21.95 ? 398 HOH A O   1 
HETATM 967  O  O   . HOH E 4 .   ? 12.412  -12.993 0.726   1.00 31.41 ? 399 HOH A O   1 
HETATM 968  O  O   . HOH E 4 .   ? 0.786   9.931   -11.753 1.00 28.96 ? 400 HOH A O   1 
HETATM 969  O  O   . HOH E 4 .   ? 6.735   -20.334 -3.319  1.00 38.61 ? 401 HOH A O   1 
HETATM 970  O  O   . HOH E 4 .   ? -17.182 -1.975  1.217   1.00 22.25 ? 402 HOH A O   1 
HETATM 971  O  O   . HOH E 4 .   ? -17.904 7.494   0.674   1.00 33.26 ? 403 HOH A O   1 
HETATM 972  O  O   . HOH E 4 .   ? 10.974  9.094   -2.679  1.00 25.72 ? 404 HOH A O   1 
HETATM 973  O  O   . HOH E 4 .   ? -15.724 -3.095  9.864   1.00 28.89 ? 405 HOH A O   1 
HETATM 974  O  O   . HOH E 4 .   ? 11.191  -0.331  -13.065 1.00 23.81 ? 406 HOH A O   1 
HETATM 975  O  O   . HOH E 4 .   ? -5.557  -2.302  -14.345 1.00 32.23 ? 407 HOH A O   1 
HETATM 976  O  O   . HOH E 4 .   ? 1.759   -14.443 8.293   1.00 21.89 ? 408 HOH A O   1 
HETATM 977  O  O   . HOH E 4 .   ? -4.793  -8.684  -11.615 1.00 33.56 ? 409 HOH A O   1 
HETATM 978  O  O   . HOH E 4 .   ? -8.035  -3.400  11.366  1.00 30.74 ? 410 HOH A O   1 
HETATM 979  O  O   . HOH E 4 .   ? 11.152  -5.357  -6.890  1.00 23.60 ? 411 HOH A O   1 
HETATM 980  O  O   . HOH E 4 .   ? -5.526  -11.242 -10.288 1.00 25.58 ? 412 HOH A O   1 
HETATM 981  O  O   . HOH E 4 .   ? 11.107  3.865   3.507   1.00 18.46 ? 413 HOH A O   1 
HETATM 982  O  O   . HOH E 4 .   ? -5.790  -7.093  -9.397  1.00 27.99 ? 414 HOH A O   1 
HETATM 983  O  O   . HOH E 4 .   ? -11.212 3.251   11.560  1.00 28.73 ? 415 HOH A O   1 
HETATM 984  O  O   . HOH E 4 .   ? -10.069 -13.707 8.119   1.00 35.72 ? 416 HOH A O   1 
HETATM 985  O  O   . HOH E 4 .   ? -3.505  -15.684 11.578  1.00 34.89 ? 417 HOH A O   1 
HETATM 986  O  O   . HOH E 4 .   ? -7.036  -8.985  11.843  1.00 41.24 ? 418 HOH A O   1 
HETATM 987  O  O   . HOH E 4 .   ? -5.529  -4.212  12.181  1.00 24.46 ? 419 HOH A O   1 
HETATM 988  O  O   . HOH E 4 .   ? -5.036  -16.029 2.428   1.00 26.93 ? 420 HOH A O   1 
HETATM 989  O  O   . HOH E 4 .   ? 9.201   -4.812  -8.652  1.00 23.30 ? 421 HOH A O   1 
HETATM 990  O  O   . HOH E 4 .   ? -12.835 12.063  -1.782  1.00 24.07 ? 422 HOH A O   1 
HETATM 991  O  O   . HOH E 4 .   ? -7.517  19.587  2.589   1.00 29.48 ? 423 HOH A O   1 
HETATM 992  O  O   . HOH E 4 .   ? -3.601  -1.091  15.679  1.00 32.49 ? 424 HOH A O   1 
HETATM 993  O  O   . HOH E 4 .   ? -16.812 -0.594  4.632   1.00 27.70 ? 425 HOH A O   1 
HETATM 994  O  O   . HOH E 4 .   ? -0.969  -14.432 11.636  1.00 25.03 ? 426 HOH A O   1 
HETATM 995  O  O   . HOH E 4 .   ? 4.178   6.405   -16.277 1.00 44.19 ? 427 HOH A O   1 
HETATM 996  O  O   . HOH E 4 .   ? 8.991   7.241   -3.623  1.00 26.42 ? 428 HOH A O   1 
HETATM 997  O  O   . HOH E 4 .   ? 11.475  -9.132  -4.182  1.00 24.47 ? 429 HOH A O   1 
HETATM 998  O  O   . HOH E 4 .   ? 0.361   14.233  -10.766 1.00 24.37 ? 430 HOH A O   1 
HETATM 999  O  O   . HOH E 4 .   ? -12.201 -8.456  0.507   1.00 31.09 ? 431 HOH A O   1 
HETATM 1000 O  O   . HOH E 4 .   ? -8.977  20.879  -0.988  1.00 32.15 ? 432 HOH A O   1 
HETATM 1001 O  O   . HOH E 4 .   ? -1.906  1.583   -15.898 1.00 24.82 ? 433 HOH A O   1 
HETATM 1002 O  O   . HOH E 4 .   ? 14.890  -8.354  -1.324  1.00 30.24 ? 434 HOH A O   1 
HETATM 1003 O  O   . HOH E 4 .   ? -6.586  -16.041 -2.820  1.00 35.46 ? 435 HOH A O   1 
HETATM 1004 O  O   . HOH E 4 .   ? -16.496 9.363   -0.556  1.00 35.70 ? 436 HOH A O   1 
HETATM 1005 O  O   . HOH E 4 .   ? -7.345  10.253  -10.573 1.00 30.60 ? 437 HOH A O   1 
HETATM 1006 O  O   . HOH E 4 .   ? -9.803  -11.153 1.310   1.00 26.50 ? 438 HOH A O   1 
HETATM 1007 O  O   . HOH E 4 .   ? 8.434   8.566   11.841  1.00 47.32 ? 439 HOH A O   1 
HETATM 1008 O  O   . HOH E 4 .   ? 14.117  -0.289  -10.213 1.00 31.88 ? 440 HOH A O   1 
HETATM 1009 O  O   . HOH E 4 .   ? -2.240  3.702   16.428  1.00 31.03 ? 441 HOH A O   1 
HETATM 1010 O  O   . HOH E 4 .   ? -12.918 -11.321 0.820   1.00 48.65 ? 442 HOH A O   1 
HETATM 1011 O  O   . HOH E 4 .   ? 12.237  -1.761  7.702   1.00 36.27 ? 443 HOH A O   1 
HETATM 1012 O  O   . HOH E 4 .   ? 6.712   -6.530  7.764   1.00 25.78 ? 444 HOH A O   1 
HETATM 1013 O  O   . HOH E 4 .   ? -4.640  12.210  -11.983 1.00 34.72 ? 445 HOH A O   1 
HETATM 1014 O  O   . HOH E 4 .   ? -8.709  6.026   -8.657  1.00 34.38 ? 446 HOH A O   1 
HETATM 1015 O  O   . HOH E 4 .   ? 10.009  12.335  9.101   1.00 41.47 ? 447 HOH A O   1 
HETATM 1016 O  O   . HOH E 4 .   ? 11.569  11.676  -3.007  1.00 23.28 ? 448 HOH A O   1 
HETATM 1017 O  O   . HOH E 4 .   ? -7.118  -14.912 10.887  1.00 46.84 ? 449 HOH A O   1 
HETATM 1018 O  O   . HOH E 4 .   ? 9.608   7.008   -12.352 1.00 22.98 ? 450 HOH A O   1 
HETATM 1019 O  O   . HOH E 4 .   ? -4.974  -6.867  11.539  1.00 29.57 ? 451 HOH A O   1 
HETATM 1020 O  O   . HOH E 4 .   ? 5.955   -18.243 -7.417  1.00 53.94 ? 452 HOH A O   1 
HETATM 1021 O  O   . HOH E 4 .   ? 13.179  6.553   1.134   1.00 24.63 ? 453 HOH A O   1 
HETATM 1022 O  O   . HOH E 4 .   ? -4.053  10.183  -10.029 1.00 22.56 ? 454 HOH A O   1 
HETATM 1023 O  O   . HOH E 4 .   ? 1.224   -2.010  -16.449 1.00 20.52 ? 455 HOH A O   1 
HETATM 1024 O  O   . HOH E 4 .   ? -2.750  -11.249 17.754  1.00 42.18 ? 456 HOH A O   1 
HETATM 1025 O  O   . HOH E 4 .   ? 5.687   14.695  -11.567 1.00 29.55 ? 457 HOH A O   1 
HETATM 1026 O  O   . HOH E 4 .   ? 15.316  -1.971  -8.257  1.00 35.70 ? 458 HOH A O   1 
HETATM 1027 O  O   . HOH E 4 .   ? 12.022  -15.795 1.661   1.00 25.71 ? 459 HOH A O   1 
HETATM 1028 O  O   . HOH E 4 .   ? 2.240   -20.394 -3.847  1.00 24.48 ? 460 HOH A O   1 
HETATM 1029 O  O   . HOH E 4 .   ? 8.834   12.616  -9.190  1.00 29.95 ? 461 HOH A O   1 
HETATM 1030 O  O   . HOH E 4 .   ? -13.965 -6.582  6.821   1.00 37.91 ? 462 HOH A O   1 
HETATM 1031 O  O   . HOH E 4 .   ? 15.266  5.562   -9.441  1.00 27.17 ? 463 HOH A O   1 
HETATM 1032 O  O   . HOH E 4 .   ? -17.861 -2.644  7.863   1.00 41.51 ? 464 HOH A O   1 
HETATM 1033 O  O   . HOH E 4 .   ? 12.387  2.694   5.792   1.00 28.58 ? 465 HOH A O   1 
HETATM 1034 O  O   . HOH E 4 .   ? -9.931  8.986   -10.294 1.00 47.57 ? 466 HOH A O   1 
HETATM 1035 O  O   . HOH E 4 .   ? 1.283   10.614  12.467  1.00 33.47 ? 467 HOH A O   1 
HETATM 1036 O  O   . HOH E 4 .   ? 8.740   -7.170  10.309  1.00 41.20 ? 469 HOH A O   1 
HETATM 1037 O  O   . HOH E 4 .   ? 10.148  7.123   9.878   1.00 32.01 ? 470 HOH A O   1 
HETATM 1038 O  O   . HOH E 4 .   ? -18.016 3.287   2.292   1.00 53.24 ? 471 HOH A O   1 
HETATM 1039 O  O   . HOH E 4 .   ? -6.235  4.763   -14.364 1.00 30.96 ? 472 HOH A O   1 
HETATM 1040 O  O   . HOH E 4 .   ? 0.068   7.795   16.841  1.00 37.21 ? 473 HOH A O   1 
HETATM 1041 O  O   . HOH E 4 .   ? 4.165   -9.337  12.755  1.00 44.27 ? 474 HOH A O   1 
HETATM 1042 O  O   . HOH E 4 .   ? -8.908  -6.688  12.361  1.00 46.58 ? 475 HOH A O   1 
HETATM 1043 O  O   . HOH E 4 .   ? -11.670 -8.118  4.566   1.00 39.24 ? 476 HOH A O   1 
HETATM 1044 O  O   . HOH E 4 .   ? -12.336 0.074   13.713  1.00 36.65 ? 477 HOH A O   1 
HETATM 1045 O  O   . HOH E 4 .   ? -1.836  13.539  -12.616 1.00 48.72 ? 478 HOH A O   1 
HETATM 1046 O  O   . HOH E 4 .   ? -3.753  7.868   -11.875 1.00 25.80 ? 479 HOH A O   1 
HETATM 1047 O  O   . HOH E 4 .   ? 11.504  -7.213  9.382   1.00 43.35 ? 480 HOH A O   1 
HETATM 1048 O  O   . HOH E 4 .   ? -10.870 13.555  -5.781  1.00 45.29 ? 481 HOH A O   1 
HETATM 1049 O  O   . HOH E 4 .   ? 1.206   -15.823 13.708  1.00 37.91 ? 482 HOH A O   1 
HETATM 1050 O  O   . HOH E 4 .   ? 0.671   16.098  -8.732  1.00 49.29 ? 483 HOH A O   1 
HETATM 1051 O  O   . HOH E 4 .   ? 8.647   -11.096 10.008  1.00 35.88 ? 484 HOH A O   1 
HETATM 1052 O  O   . HOH E 4 .   ? -17.264 3.088   5.767   1.00 33.97 ? 485 HOH A O   1 
HETATM 1053 O  O   . HOH E 4 .   ? -11.449 -4.787  12.309  1.00 39.56 ? 486 HOH A O   1 
HETATM 1054 O  O   . HOH E 4 .   ? 7.246   8.759   -12.253 1.00 32.74 ? 487 HOH A O   1 
HETATM 1055 O  O   . HOH E 4 .   ? -8.068  12.968  -7.098  1.00 32.09 ? 488 HOH A O   1 
HETATM 1056 O  O   . HOH E 4 .   ? -15.450 10.022  -3.023  1.00 34.22 ? 489 HOH A O   1 
HETATM 1057 O  O   . HOH E 4 .   ? 3.229   10.239  -13.494 1.00 48.53 ? 490 HOH A O   1 
HETATM 1058 O  O   . HOH E 4 .   ? 9.388   11.700  4.236   1.00 32.56 ? 491 HOH A O   1 
HETATM 1059 O  O   . HOH E 4 .   ? 13.370  -7.202  -3.524  1.00 51.13 ? 492 HOH A O   1 
HETATM 1060 O  O   . HOH E 4 .   ? -1.583  5.484   18.900  1.00 27.40 ? 493 HOH A O   1 
HETATM 1061 O  O   . HOH E 4 .   ? 7.772   10.126  9.072   1.00 47.07 ? 494 HOH A O   1 
HETATM 1062 O  O   . HOH E 4 .   ? -3.213  -17.861 0.809   1.00 30.43 ? 495 HOH A O   1 
HETATM 1063 O  O   . HOH E 4 .   ? 0.447   -4.758  13.184  1.00 42.01 ? 496 HOH A O   1 
HETATM 1064 O  O   . HOH E 4 .   ? -19.978 2.459   4.531   1.00 46.26 ? 497 HOH A O   1 
HETATM 1065 O  O   . HOH E 4 .   ? 15.180  -10.378 6.429   1.00 41.80 ? 498 HOH A O   1 
HETATM 1066 O  O   . HOH E 4 .   ? 1.034   7.230   -15.474 1.00 43.57 ? 500 HOH A O   1 
HETATM 1067 O  O   . HOH E 4 .   ? 18.171  -1.910  -8.214  1.00 49.52 ? 501 HOH A O   1 
HETATM 1068 O  O   . HOH E 4 .   ? -17.876 -4.989  10.450  1.00 29.64 ? 502 HOH A O   1 
HETATM 1069 O  O   . HOH E 4 .   ? -7.667  -12.754 2.462   1.00 31.31 ? 503 HOH A O   1 
HETATM 1070 O  O   . HOH E 4 .   ? 16.255  -3.867  -5.914  1.00 38.80 ? 504 HOH A O   1 
HETATM 1071 O  O   . HOH E 4 .   ? 3.790   -12.181 10.801  1.00 46.18 ? 505 HOH A O   1 
HETATM 1072 O  O   . HOH E 4 .   ? -9.037  -16.422 9.443   1.00 33.92 ? 506 HOH A O   1 
HETATM 1073 O  O   . HOH E 4 .   ? 2.842   15.316  -11.949 1.00 43.07 ? 507 HOH A O   1 
HETATM 1074 O  O   . HOH E 4 .   ? 12.232  -12.157 3.429   1.00 27.32 ? 508 HOH A O   1 
HETATM 1075 O  O   . HOH E 4 .   ? 6.806   3.979   -20.522 1.00 49.28 ? 509 HOH A O   1 
HETATM 1076 O  O   . HOH E 4 .   ? 5.722   12.829  -13.777 1.00 39.15 ? 510 HOH A O   1 
HETATM 1077 O  O   . HOH E 4 .   ? -13.318 -11.039 8.427   1.00 47.44 ? 511 HOH A O   1 
HETATM 1078 O  O   . HOH E 4 .   ? 4.387   6.701   3.166   1.00 42.35 ? 512 HOH A O   1 
HETATM 1079 O  O   . HOH E 4 .   ? -14.971 -8.861  0.104   1.00 40.74 ? 513 HOH A O   1 
HETATM 1080 O  O   . HOH E 4 .   ? 10.344  9.092   4.794   1.00 41.38 ? 514 HOH A O   1 
HETATM 1081 O  O   . HOH E 4 .   ? 18.528  0.963   -7.479  1.00 40.48 ? 515 HOH A O   1 
HETATM 1082 O  O   . HOH E 4 .   ? 5.634   -10.047 9.913   1.00 34.02 ? 516 HOH A O   1 
HETATM 1083 O  O   . HOH E 4 .   ? 11.667  -0.024  5.521   1.00 34.22 ? 517 HOH A O   1 
HETATM 1084 O  O   . HOH E 4 .   ? -10.760 -7.798  -2.240  1.00 33.80 ? 518 HOH A O   1 
HETATM 1085 O  O   . HOH E 4 .   ? -9.635  -5.196  10.036  1.00 48.77 ? 519 HOH A O   1 
HETATM 1086 O  O   . HOH E 4 .   ? 1.645   -23.084 -4.104  1.00 21.91 ? 520 HOH A O   1 
HETATM 1087 O  O   . HOH E 4 .   ? -0.629  10.242  18.191  1.00 47.77 ? 521 HOH A O   1 
HETATM 1088 O  O   . HOH E 4 .   ? 1.022   -3.725  15.790  1.00 39.69 ? 522 HOH A O   1 
HETATM 1089 O  O   . HOH E 4 .   ? 8.783   -18.568 -4.262  1.00 40.34 ? 523 HOH A O   1 
HETATM 1090 O  O   . HOH E 4 .   ? -7.656  -9.276  -8.366  1.00 41.01 ? 524 HOH A O   1 
HETATM 1091 O  O   . HOH E 4 .   ? -12.577 10.028  -4.005  1.00 50.95 ? 542 HOH A O   1 
HETATM 1092 O  O   . HOH E 4 .   ? -3.674  -15.830 -1.950  1.00 30.93 ? 599 HOH A O   1 
# 
